data_2CZY
#
_entry.id   2CZY
#
loop_
_entity.id
_entity.type
_entity.pdbx_description
1 polymer 'Paired amphipathic helix protein Sin3b'
2 polymer 'transcription factor REST (version 3)'
#
loop_
_entity_poly.entity_id
_entity_poly.type
_entity_poly.pdbx_seq_one_letter_code
_entity_poly.pdbx_strand_id
1 'polypeptide(L)' PVHVEDALTYLDQVKIRFGSDPATYNGFLEIMKEFKSQSIDTPGVIRRVSQLFHEHPDLIVGFNAFLPLGYRIDIPK A
2 'polypeptide(L)' APQLIMLANVALTGE B
#
# COMPACT_ATOMS: atom_id res chain seq x y z
N PRO A 1 -13.97 6.89 2.36
CA PRO A 1 -14.49 5.51 2.49
C PRO A 1 -13.54 4.48 1.90
N VAL A 2 -12.73 3.86 2.75
CA VAL A 2 -11.77 2.87 2.31
C VAL A 2 -12.47 1.61 1.81
N HIS A 3 -12.88 1.64 0.54
CA HIS A 3 -13.56 0.50 -0.07
C HIS A 3 -12.85 0.05 -1.34
N VAL A 4 -13.42 -0.94 -2.02
CA VAL A 4 -12.84 -1.45 -3.26
C VAL A 4 -12.57 -0.33 -4.25
N GLU A 5 -13.37 0.72 -4.16
CA GLU A 5 -13.20 1.87 -5.06
C GLU A 5 -11.96 2.68 -4.69
N ASP A 6 -11.75 2.86 -3.39
CA ASP A 6 -10.60 3.62 -2.90
C ASP A 6 -9.31 2.88 -3.19
N ALA A 7 -9.34 1.56 -3.05
CA ALA A 7 -8.16 0.73 -3.29
C ALA A 7 -7.88 0.63 -4.78
N LEU A 8 -8.93 0.62 -5.59
CA LEU A 8 -8.79 0.53 -7.04
C LEU A 8 -8.05 1.75 -7.59
N THR A 9 -8.55 2.94 -7.25
CA THR A 9 -7.94 4.18 -7.72
C THR A 9 -6.50 4.29 -7.25
N TYR A 10 -6.26 3.91 -5.99
CA TYR A 10 -4.92 3.97 -5.42
C TYR A 10 -3.91 3.24 -6.31
N LEU A 11 -4.27 2.04 -6.73
CA LEU A 11 -3.41 1.23 -7.58
C LEU A 11 -3.18 1.91 -8.92
N ASP A 12 -4.24 2.46 -9.50
CA ASP A 12 -4.15 3.14 -10.78
C ASP A 12 -3.33 4.43 -10.66
N GLN A 13 -3.36 5.02 -9.47
CA GLN A 13 -2.62 6.25 -9.23
C GLN A 13 -1.14 5.96 -9.02
N VAL A 14 -0.85 4.79 -8.48
CA VAL A 14 0.52 4.38 -8.24
C VAL A 14 1.18 3.87 -9.52
N LYS A 15 0.36 3.40 -10.45
CA LYS A 15 0.86 2.88 -11.72
C LYS A 15 1.23 4.03 -12.66
N ILE A 16 0.37 5.03 -12.74
CA ILE A 16 0.61 6.18 -13.60
C ILE A 16 1.77 7.02 -13.11
N ARG A 17 1.73 7.38 -11.82
CA ARG A 17 2.79 8.19 -11.22
C ARG A 17 4.15 7.51 -11.36
N PHE A 18 4.15 6.18 -11.41
CA PHE A 18 5.39 5.43 -11.54
C PHE A 18 5.41 4.66 -12.86
N GLY A 19 4.91 5.29 -13.92
CA GLY A 19 4.88 4.66 -15.22
C GLY A 19 6.27 4.36 -15.76
N SER A 20 7.25 5.16 -15.34
CA SER A 20 8.62 4.97 -15.78
C SER A 20 9.44 4.18 -14.75
N ASP A 21 8.77 3.68 -13.71
CA ASP A 21 9.43 2.90 -12.68
C ASP A 21 8.57 1.71 -12.25
N PRO A 22 8.70 0.58 -12.95
CA PRO A 22 7.92 -0.63 -12.64
C PRO A 22 8.37 -1.28 -11.33
N ALA A 23 9.62 -1.04 -10.95
CA ALA A 23 10.16 -1.60 -9.72
C ALA A 23 9.33 -1.18 -8.51
N THR A 24 8.97 0.09 -8.45
CA THR A 24 8.17 0.61 -7.35
C THR A 24 6.82 -0.09 -7.27
N TYR A 25 6.18 -0.25 -8.42
CA TYR A 25 4.88 -0.90 -8.48
C TYR A 25 4.96 -2.34 -7.98
N ASN A 26 5.92 -3.10 -8.52
CA ASN A 26 6.11 -4.48 -8.12
C ASN A 26 6.39 -4.59 -6.62
N GLY A 27 7.04 -3.56 -6.08
CA GLY A 27 7.35 -3.56 -4.66
C GLY A 27 6.12 -3.46 -3.79
N PHE A 28 5.20 -2.59 -4.17
CA PHE A 28 3.96 -2.39 -3.41
C PHE A 28 3.15 -3.69 -3.37
N LEU A 29 3.04 -4.35 -4.52
CA LEU A 29 2.30 -5.60 -4.60
C LEU A 29 2.92 -6.67 -3.71
N GLU A 30 4.24 -6.68 -3.64
CA GLU A 30 4.97 -7.65 -2.83
C GLU A 30 4.59 -7.51 -1.35
N ILE A 31 4.53 -6.28 -0.87
CA ILE A 31 4.17 -6.02 0.51
C ILE A 31 2.79 -6.56 0.84
N MET A 32 1.80 -6.16 0.03
CA MET A 32 0.43 -6.61 0.24
C MET A 32 0.32 -8.13 0.06
N LYS A 33 0.85 -8.63 -1.05
CA LYS A 33 0.82 -10.06 -1.33
C LYS A 33 1.52 -10.85 -0.23
N GLU A 34 2.63 -10.32 0.25
CA GLU A 34 3.39 -10.99 1.31
C GLU A 34 2.60 -11.02 2.61
N PHE A 35 1.76 -10.02 2.82
CA PHE A 35 0.95 -9.94 4.02
C PHE A 35 -0.14 -11.01 4.01
N LYS A 36 -0.74 -11.22 2.85
CA LYS A 36 -1.79 -12.22 2.70
C LYS A 36 -1.28 -13.60 3.09
N SER A 37 -0.02 -13.86 2.77
CA SER A 37 0.59 -15.16 3.09
C SER A 37 0.66 -15.38 4.60
N GLN A 38 0.49 -14.31 5.37
CA GLN A 38 0.55 -14.40 6.83
C GLN A 38 1.97 -14.65 7.31
N SER A 39 2.93 -13.99 6.66
CA SER A 39 4.33 -14.15 7.02
C SER A 39 4.91 -12.82 7.52
N ILE A 40 4.72 -11.77 6.74
CA ILE A 40 5.22 -10.45 7.09
C ILE A 40 4.31 -9.77 8.11
N ASP A 41 4.91 -9.25 9.18
CA ASP A 41 4.14 -8.58 10.23
C ASP A 41 3.65 -7.21 9.74
N THR A 42 2.82 -6.57 10.56
CA THR A 42 2.28 -5.26 10.22
C THR A 42 3.39 -4.23 10.03
N PRO A 43 4.23 -4.02 11.06
CA PRO A 43 5.34 -3.07 11.00
C PRO A 43 6.14 -3.19 9.71
N GLY A 44 6.20 -4.40 9.17
CA GLY A 44 6.92 -4.63 7.94
C GLY A 44 6.22 -4.04 6.73
N VAL A 45 4.90 -4.02 6.77
CA VAL A 45 4.11 -3.47 5.67
C VAL A 45 4.23 -1.96 5.62
N ILE A 46 4.06 -1.31 6.76
CA ILE A 46 4.15 0.15 6.84
C ILE A 46 5.57 0.62 6.59
N ARG A 47 6.54 -0.19 6.99
CA ARG A 47 7.95 0.15 6.81
C ARG A 47 8.30 0.25 5.33
N ARG A 48 7.97 -0.80 4.58
CA ARG A 48 8.25 -0.83 3.15
C ARG A 48 7.60 0.36 2.44
N VAL A 49 6.33 0.59 2.73
CA VAL A 49 5.61 1.69 2.12
C VAL A 49 6.23 3.03 2.48
N SER A 50 6.63 3.17 3.74
CA SER A 50 7.25 4.41 4.21
C SER A 50 8.57 4.67 3.49
N GLN A 51 9.18 3.61 3.00
CA GLN A 51 10.45 3.72 2.28
C GLN A 51 10.22 3.77 0.78
N LEU A 52 9.22 3.03 0.31
CA LEU A 52 8.89 2.99 -1.11
C LEU A 52 8.47 4.36 -1.61
N PHE A 53 7.62 5.03 -0.83
CA PHE A 53 7.13 6.35 -1.19
C PHE A 53 7.78 7.43 -0.33
N HIS A 54 9.10 7.40 -0.25
CA HIS A 54 9.84 8.37 0.56
C HIS A 54 9.71 9.77 -0.04
N GLU A 55 9.58 9.85 -1.35
CA GLU A 55 9.44 11.14 -2.04
C GLU A 55 8.03 11.32 -2.59
N HIS A 56 7.07 10.67 -1.96
CA HIS A 56 5.67 10.77 -2.39
C HIS A 56 4.74 10.85 -1.19
N PRO A 57 4.35 12.08 -0.78
CA PRO A 57 3.45 12.28 0.37
C PRO A 57 2.04 11.78 0.09
N ASP A 58 1.49 12.18 -1.06
CA ASP A 58 0.14 11.77 -1.45
C ASP A 58 -0.01 10.25 -1.45
N LEU A 59 1.12 9.55 -1.54
CA LEU A 59 1.10 8.09 -1.54
C LEU A 59 1.09 7.56 -0.12
N ILE A 60 2.09 7.95 0.66
CA ILE A 60 2.18 7.53 2.05
C ILE A 60 0.96 7.99 2.84
N VAL A 61 0.38 9.12 2.40
CA VAL A 61 -0.80 9.66 3.06
C VAL A 61 -2.04 8.85 2.68
N GLY A 62 -2.20 8.59 1.39
CA GLY A 62 -3.35 7.83 0.93
C GLY A 62 -3.46 6.48 1.63
N PHE A 63 -2.31 5.85 1.84
CA PHE A 63 -2.27 4.55 2.50
C PHE A 63 -2.51 4.70 4.00
N ASN A 64 -2.05 5.82 4.55
CA ASN A 64 -2.21 6.11 5.97
C ASN A 64 -3.69 6.17 6.34
N ALA A 65 -4.51 6.59 5.38
CA ALA A 65 -5.95 6.70 5.61
C ALA A 65 -6.61 5.33 5.76
N PHE A 66 -5.86 4.26 5.51
CA PHE A 66 -6.39 2.92 5.61
C PHE A 66 -5.97 2.27 6.94
N LEU A 67 -4.73 2.53 7.35
CA LEU A 67 -4.21 1.97 8.60
C LEU A 67 -4.88 2.62 9.81
N PRO A 68 -5.23 1.82 10.82
CA PRO A 68 -5.88 2.33 12.03
C PRO A 68 -4.90 3.04 12.96
N LEU A 69 -5.42 3.59 14.05
CA LEU A 69 -4.59 4.30 15.02
C LEU A 69 -3.52 3.37 15.60
N GLY A 70 -3.83 2.09 15.68
CA GLY A 70 -2.88 1.12 16.21
C GLY A 70 -1.57 1.12 15.45
N TYR A 71 -1.63 0.74 14.18
CA TYR A 71 -0.43 0.69 13.35
C TYR A 71 -0.38 1.88 12.40
N ARG A 72 0.21 2.99 12.86
CA ARG A 72 0.32 4.19 12.05
C ARG A 72 1.57 4.16 11.19
N ILE A 73 1.78 5.19 10.38
CA ILE A 73 2.95 5.28 9.52
C ILE A 73 3.92 6.35 10.00
N ASP A 74 5.21 6.06 9.92
CA ASP A 74 6.24 6.99 10.35
C ASP A 74 7.00 7.54 9.17
N ILE A 75 7.57 8.73 9.32
CA ILE A 75 8.34 9.37 8.26
C ILE A 75 9.78 9.64 8.69
N PRO A 76 10.63 8.60 8.68
CA PRO A 76 12.04 8.73 9.08
C PRO A 76 12.76 9.81 8.29
N LYS A 77 13.19 10.86 9.00
CA LYS A 77 13.91 11.96 8.37
C LYS A 77 15.19 11.48 7.70
N ALA B 1 -6.04 -6.46 10.54
CA ALA B 1 -6.17 -5.34 9.57
C ALA B 1 -6.98 -5.77 8.34
N PRO B 2 -8.31 -5.58 8.36
CA PRO B 2 -9.19 -5.96 7.25
C PRO B 2 -8.93 -5.12 6.00
N GLN B 3 -8.35 -3.93 6.19
CA GLN B 3 -8.05 -3.05 5.08
C GLN B 3 -6.80 -3.52 4.34
N LEU B 4 -5.95 -4.24 5.05
CA LEU B 4 -4.72 -4.77 4.47
C LEU B 4 -5.03 -5.99 3.61
N ILE B 5 -6.03 -6.76 4.04
CA ILE B 5 -6.43 -7.96 3.32
C ILE B 5 -7.18 -7.59 2.04
N MET B 6 -7.97 -6.53 2.12
CA MET B 6 -8.73 -6.07 0.97
C MET B 6 -7.82 -5.38 -0.04
N LEU B 7 -6.75 -4.77 0.45
CA LEU B 7 -5.80 -4.08 -0.40
C LEU B 7 -5.03 -5.07 -1.27
N ALA B 8 -4.53 -6.13 -0.66
CA ALA B 8 -3.79 -7.16 -1.37
C ALA B 8 -4.71 -7.92 -2.33
N ASN B 9 -5.97 -8.08 -1.94
CA ASN B 9 -6.93 -8.80 -2.76
C ASN B 9 -7.18 -8.06 -4.07
N VAL B 10 -7.38 -6.74 -3.97
CA VAL B 10 -7.62 -5.92 -5.15
C VAL B 10 -6.37 -5.84 -6.02
N ALA B 11 -5.21 -5.96 -5.39
CA ALA B 11 -3.94 -5.92 -6.12
C ALA B 11 -3.68 -7.25 -6.79
N LEU B 12 -4.09 -8.33 -6.13
CA LEU B 12 -3.90 -9.66 -6.66
C LEU B 12 -5.07 -10.05 -7.57
N THR B 13 -6.19 -9.36 -7.41
CA THR B 13 -7.37 -9.63 -8.22
C THR B 13 -8.41 -8.54 -8.03
N GLY B 14 -8.22 -7.40 -8.69
CA GLY B 14 -9.15 -6.30 -8.57
C GLY B 14 -9.92 -6.06 -9.85
N GLU B 15 -10.50 -7.12 -10.41
CA GLU B 15 -11.26 -7.00 -11.64
C GLU B 15 -11.89 -8.34 -12.02
N PRO A 1 -17.34 3.33 2.66
CA PRO A 1 -16.12 2.92 3.41
C PRO A 1 -14.93 2.71 2.47
N VAL A 2 -13.78 2.41 3.06
CA VAL A 2 -12.57 2.18 2.28
C VAL A 2 -12.53 0.75 1.74
N HIS A 3 -13.28 0.50 0.68
CA HIS A 3 -13.34 -0.82 0.06
C HIS A 3 -12.57 -0.84 -1.25
N VAL A 4 -12.84 -1.84 -2.08
CA VAL A 4 -12.18 -1.98 -3.37
C VAL A 4 -12.17 -0.66 -4.14
N GLU A 5 -13.17 0.18 -3.89
CA GLU A 5 -13.27 1.47 -4.55
C GLU A 5 -12.04 2.33 -4.27
N ASP A 6 -11.72 2.48 -2.99
CA ASP A 6 -10.55 3.28 -2.59
C ASP A 6 -9.26 2.57 -2.94
N ALA A 7 -9.29 1.24 -2.93
CA ALA A 7 -8.11 0.44 -3.25
C ALA A 7 -7.83 0.46 -4.75
N LEU A 8 -8.89 0.40 -5.54
CA LEU A 8 -8.75 0.41 -7.00
C LEU A 8 -8.13 1.72 -7.48
N THR A 9 -8.70 2.84 -7.03
CA THR A 9 -8.19 4.15 -7.43
C THR A 9 -6.74 4.32 -7.00
N TYR A 10 -6.44 3.93 -5.78
CA TYR A 10 -5.09 4.05 -5.25
C TYR A 10 -4.08 3.38 -6.16
N LEU A 11 -4.43 2.20 -6.66
CA LEU A 11 -3.55 1.44 -7.55
C LEU A 11 -3.48 2.10 -8.93
N ASP A 12 -4.55 2.76 -9.32
CA ASP A 12 -4.61 3.43 -10.62
C ASP A 12 -3.71 4.66 -10.64
N GLN A 13 -3.57 5.29 -9.49
CA GLN A 13 -2.73 6.48 -9.37
C GLN A 13 -1.26 6.10 -9.21
N VAL A 14 -1.03 4.96 -8.57
CA VAL A 14 0.33 4.47 -8.35
C VAL A 14 0.91 3.87 -9.62
N LYS A 15 0.04 3.45 -10.53
CA LYS A 15 0.47 2.85 -11.79
C LYS A 15 0.77 3.94 -12.83
N ILE A 16 -0.15 4.89 -12.96
CA ILE A 16 0.02 5.97 -13.93
C ILE A 16 1.23 6.82 -13.59
N ARG A 17 1.30 7.32 -12.36
CA ARG A 17 2.41 8.14 -11.92
C ARG A 17 3.73 7.40 -12.05
N PHE A 18 3.68 6.08 -11.92
CA PHE A 18 4.88 5.24 -12.03
C PHE A 18 4.77 4.27 -13.20
N GLY A 19 4.21 4.75 -14.31
CA GLY A 19 4.05 3.90 -15.48
C GLY A 19 5.37 3.35 -15.98
N SER A 20 6.45 4.09 -15.74
CA SER A 20 7.78 3.67 -16.17
C SER A 20 8.68 3.40 -14.96
N ASP A 21 8.10 2.81 -13.93
CA ASP A 21 8.84 2.49 -12.72
C ASP A 21 8.43 1.12 -12.18
N PRO A 22 9.08 0.05 -12.64
CA PRO A 22 8.78 -1.32 -12.19
C PRO A 22 9.21 -1.57 -10.75
N ALA A 23 10.26 -0.86 -10.32
CA ALA A 23 10.77 -1.00 -8.97
C ALA A 23 9.71 -0.64 -7.95
N THR A 24 9.07 0.51 -8.12
CA THR A 24 8.04 0.97 -7.21
C THR A 24 6.82 0.04 -7.25
N TYR A 25 6.31 -0.22 -8.46
CA TYR A 25 5.16 -1.08 -8.63
C TYR A 25 5.45 -2.48 -8.10
N ASN A 26 6.59 -3.04 -8.50
CA ASN A 26 6.99 -4.38 -8.07
C ASN A 26 7.13 -4.44 -6.55
N GLY A 27 7.51 -3.31 -5.96
CA GLY A 27 7.67 -3.24 -4.51
C GLY A 27 6.35 -3.32 -3.77
N PHE A 28 5.45 -2.39 -4.07
CA PHE A 28 4.14 -2.37 -3.43
C PHE A 28 3.40 -3.69 -3.63
N LEU A 29 3.49 -4.25 -4.82
CA LEU A 29 2.83 -5.51 -5.14
C LEU A 29 3.34 -6.62 -4.24
N GLU A 30 4.66 -6.69 -4.08
CA GLU A 30 5.27 -7.71 -3.23
C GLU A 30 4.75 -7.64 -1.81
N ILE A 31 4.66 -6.42 -1.28
CA ILE A 31 4.17 -6.21 0.08
C ILE A 31 2.72 -6.65 0.22
N MET A 32 1.97 -6.53 -0.87
CA MET A 32 0.56 -6.92 -0.88
C MET A 32 0.41 -8.44 -0.91
N LYS A 33 1.16 -9.08 -1.81
CA LYS A 33 1.10 -10.53 -1.94
C LYS A 33 1.67 -11.21 -0.70
N GLU A 34 2.76 -10.67 -0.18
CA GLU A 34 3.41 -11.21 1.02
C GLU A 34 2.47 -11.15 2.22
N PHE A 35 1.76 -10.03 2.35
CA PHE A 35 0.82 -9.84 3.45
C PHE A 35 -0.26 -10.92 3.44
N LYS A 36 -0.85 -11.15 2.27
CA LYS A 36 -1.89 -12.15 2.13
C LYS A 36 -1.37 -13.53 2.51
N SER A 37 -0.12 -13.80 2.18
CA SER A 37 0.51 -15.08 2.49
C SER A 37 0.61 -15.30 4.00
N GLN A 38 0.45 -14.21 4.76
CA GLN A 38 0.53 -14.29 6.22
C GLN A 38 1.95 -14.55 6.68
N SER A 39 2.90 -13.91 6.02
CA SER A 39 4.31 -14.06 6.37
C SER A 39 4.88 -12.77 6.97
N ILE A 40 4.45 -11.65 6.43
CA ILE A 40 4.90 -10.35 6.90
C ILE A 40 3.89 -9.73 7.87
N ASP A 41 4.38 -9.22 8.99
CA ASP A 41 3.52 -8.61 9.99
C ASP A 41 3.09 -7.21 9.55
N THR A 42 2.28 -6.56 10.38
CA THR A 42 1.79 -5.22 10.08
C THR A 42 2.94 -4.22 10.03
N PRO A 43 3.75 -4.17 11.10
CA PRO A 43 4.89 -3.24 11.19
C PRO A 43 5.75 -3.28 9.94
N GLY A 44 5.95 -4.46 9.37
CA GLY A 44 6.75 -4.60 8.18
C GLY A 44 6.11 -3.95 6.97
N VAL A 45 4.78 -3.90 6.97
CA VAL A 45 4.04 -3.29 5.87
C VAL A 45 4.15 -1.78 5.91
N ILE A 46 3.92 -1.20 7.08
CA ILE A 46 3.99 0.25 7.26
C ILE A 46 5.37 0.78 6.90
N ARG A 47 6.39 0.00 7.24
CA ARG A 47 7.77 0.39 6.96
C ARG A 47 8.09 0.22 5.48
N ARG A 48 7.61 -0.88 4.89
CA ARG A 48 7.84 -1.16 3.48
C ARG A 48 7.29 -0.04 2.60
N VAL A 49 6.04 0.35 2.87
CA VAL A 49 5.40 1.42 2.10
C VAL A 49 6.08 2.75 2.35
N SER A 50 6.49 2.99 3.59
CA SER A 50 7.16 4.23 3.95
C SER A 50 8.47 4.39 3.19
N GLN A 51 9.04 3.27 2.80
CA GLN A 51 10.30 3.27 2.05
C GLN A 51 10.06 3.48 0.56
N LEU A 52 9.07 2.77 0.03
CA LEU A 52 8.72 2.88 -1.38
C LEU A 52 8.30 4.31 -1.73
N PHE A 53 7.56 4.93 -0.81
CA PHE A 53 7.10 6.30 -1.01
C PHE A 53 7.87 7.27 -0.13
N HIS A 54 9.19 7.33 -0.35
CA HIS A 54 10.06 8.22 0.42
C HIS A 54 9.75 9.69 0.15
N GLU A 55 9.86 10.08 -1.12
CA GLU A 55 9.60 11.46 -1.50
C GLU A 55 8.20 11.63 -2.10
N HIS A 56 7.27 10.77 -1.67
CA HIS A 56 5.91 10.83 -2.16
C HIS A 56 4.92 10.94 -1.00
N PRO A 57 4.57 12.18 -0.59
CA PRO A 57 3.64 12.42 0.52
C PRO A 57 2.24 11.93 0.21
N ASP A 58 1.70 12.34 -0.93
CA ASP A 58 0.35 11.94 -1.35
C ASP A 58 0.22 10.43 -1.39
N LEU A 59 1.35 9.73 -1.48
CA LEU A 59 1.35 8.27 -1.53
C LEU A 59 1.35 7.70 -0.12
N ILE A 60 2.35 8.08 0.66
CA ILE A 60 2.45 7.62 2.04
C ILE A 60 1.22 8.04 2.83
N VAL A 61 0.65 9.18 2.46
CA VAL A 61 -0.55 9.69 3.13
C VAL A 61 -1.77 8.90 2.68
N GLY A 62 -1.87 8.66 1.37
CA GLY A 62 -2.99 7.91 0.84
C GLY A 62 -3.08 6.53 1.44
N PHE A 63 -1.93 5.95 1.77
CA PHE A 63 -1.88 4.62 2.36
C PHE A 63 -2.33 4.67 3.81
N ASN A 64 -1.88 5.68 4.52
CA ASN A 64 -2.24 5.86 5.93
C ASN A 64 -3.74 6.04 6.08
N ALA A 65 -4.39 6.52 5.02
CA ALA A 65 -5.83 6.74 5.04
C ALA A 65 -6.61 5.43 5.13
N PHE A 66 -5.91 4.30 4.96
CA PHE A 66 -6.55 2.99 5.02
C PHE A 66 -6.34 2.35 6.39
N LEU A 67 -5.23 2.66 7.02
CA LEU A 67 -4.91 2.11 8.33
C LEU A 67 -5.59 2.92 9.43
N PRO A 68 -6.00 2.25 10.53
CA PRO A 68 -6.66 2.91 11.66
C PRO A 68 -5.72 3.84 12.42
N LEU A 69 -6.29 4.62 13.34
CA LEU A 69 -5.50 5.55 14.13
C LEU A 69 -4.43 4.82 14.94
N GLY A 70 -4.69 3.55 15.25
CA GLY A 70 -3.73 2.77 16.01
C GLY A 70 -2.37 2.69 15.33
N TYR A 71 -2.39 2.43 14.03
CA TYR A 71 -1.15 2.33 13.26
C TYR A 71 -0.97 3.53 12.34
N ARG A 72 0.17 4.19 12.45
CA ARG A 72 0.45 5.36 11.62
C ARG A 72 1.79 5.21 10.90
N ILE A 73 1.82 5.57 9.62
CA ILE A 73 3.03 5.47 8.83
C ILE A 73 3.84 6.77 8.89
N ASP A 74 5.06 6.67 9.40
CA ASP A 74 5.93 7.84 9.52
C ASP A 74 7.02 7.83 8.45
N ILE A 75 7.84 8.87 8.43
CA ILE A 75 8.92 8.98 7.46
C ILE A 75 10.25 9.26 8.15
N PRO A 76 11.04 8.21 8.43
CA PRO A 76 12.34 8.35 9.09
C PRO A 76 13.37 9.05 8.20
N LYS A 77 14.45 9.51 8.81
CA LYS A 77 15.51 10.20 8.08
C LYS A 77 16.68 10.54 8.99
N ALA B 1 -5.29 -5.47 10.05
CA ALA B 1 -6.34 -4.51 9.65
C ALA B 1 -7.21 -5.09 8.53
N PRO B 2 -8.50 -4.74 8.50
CA PRO B 2 -9.44 -5.23 7.48
C PRO B 2 -9.20 -4.59 6.12
N GLN B 3 -8.74 -3.35 6.13
CA GLN B 3 -8.47 -2.62 4.90
C GLN B 3 -7.15 -3.08 4.28
N LEU B 4 -6.30 -3.70 5.10
CA LEU B 4 -5.01 -4.19 4.62
C LEU B 4 -5.19 -5.49 3.87
N ILE B 5 -6.08 -6.34 4.38
CA ILE B 5 -6.36 -7.63 3.74
C ILE B 5 -7.11 -7.42 2.44
N MET B 6 -8.05 -6.46 2.45
CA MET B 6 -8.84 -6.16 1.26
C MET B 6 -8.00 -5.42 0.23
N LEU B 7 -6.97 -4.72 0.69
CA LEU B 7 -6.09 -3.99 -0.21
C LEU B 7 -5.27 -4.95 -1.06
N ALA B 8 -4.64 -5.92 -0.41
CA ALA B 8 -3.83 -6.91 -1.09
C ALA B 8 -4.68 -7.76 -2.02
N ASN B 9 -5.91 -8.04 -1.60
CA ASN B 9 -6.83 -8.84 -2.40
C ASN B 9 -7.16 -8.15 -3.72
N VAL B 10 -7.32 -6.83 -3.66
CA VAL B 10 -7.63 -6.04 -4.84
C VAL B 10 -6.43 -5.95 -5.77
N ALA B 11 -5.23 -6.00 -5.18
CA ALA B 11 -4.01 -5.94 -5.96
C ALA B 11 -3.70 -7.28 -6.58
N LEU B 12 -4.03 -8.34 -5.85
CA LEU B 12 -3.80 -9.70 -6.32
C LEU B 12 -4.98 -10.20 -7.14
N THR B 13 -6.14 -9.56 -6.96
CA THR B 13 -7.34 -9.94 -7.70
C THR B 13 -8.45 -8.93 -7.46
N GLY B 14 -8.56 -7.95 -8.36
CA GLY B 14 -9.58 -6.93 -8.23
C GLY B 14 -10.82 -7.25 -9.06
N GLU B 15 -11.09 -8.53 -9.24
CA GLU B 15 -12.25 -8.96 -10.01
C GLU B 15 -12.18 -8.43 -11.44
N PRO A 1 -15.39 6.24 2.45
CA PRO A 1 -14.63 5.23 3.25
C PRO A 1 -13.70 4.40 2.37
N VAL A 2 -12.60 3.95 2.96
CA VAL A 2 -11.63 3.15 2.24
C VAL A 2 -12.22 1.82 1.78
N HIS A 3 -12.92 1.87 0.64
CA HIS A 3 -13.54 0.67 0.09
C HIS A 3 -12.79 0.18 -1.14
N VAL A 4 -13.33 -0.84 -1.80
CA VAL A 4 -12.72 -1.41 -2.99
C VAL A 4 -12.46 -0.33 -4.04
N GLU A 5 -13.34 0.67 -4.09
CA GLU A 5 -13.21 1.76 -5.04
C GLU A 5 -11.99 2.61 -4.72
N ASP A 6 -11.81 2.92 -3.43
CA ASP A 6 -10.69 3.72 -2.99
C ASP A 6 -9.36 2.99 -3.21
N ALA A 7 -9.37 1.68 -2.97
CA ALA A 7 -8.18 0.86 -3.16
C ALA A 7 -7.86 0.69 -4.63
N LEU A 8 -8.91 0.63 -5.46
CA LEU A 8 -8.73 0.46 -6.90
C LEU A 8 -8.02 1.66 -7.51
N THR A 9 -8.55 2.85 -7.27
CA THR A 9 -7.95 4.08 -7.79
C THR A 9 -6.52 4.23 -7.32
N TYR A 10 -6.28 3.94 -6.05
CA TYR A 10 -4.94 4.05 -5.48
C TYR A 10 -3.92 3.28 -6.30
N LEU A 11 -4.25 2.03 -6.62
CA LEU A 11 -3.37 1.19 -7.41
C LEU A 11 -3.15 1.78 -8.80
N ASP A 12 -4.20 2.37 -9.36
CA ASP A 12 -4.12 2.98 -10.69
C ASP A 12 -3.32 4.27 -10.65
N GLN A 13 -3.36 4.94 -9.50
CA GLN A 13 -2.65 6.20 -9.33
C GLN A 13 -1.16 5.94 -9.10
N VAL A 14 -0.87 4.78 -8.50
CA VAL A 14 0.52 4.41 -8.23
C VAL A 14 1.20 3.88 -9.50
N LYS A 15 0.41 3.27 -10.37
CA LYS A 15 0.92 2.72 -11.62
C LYS A 15 1.30 3.84 -12.58
N ILE A 16 0.40 4.80 -12.75
CA ILE A 16 0.63 5.93 -13.64
C ILE A 16 1.81 6.76 -13.15
N ARG A 17 1.83 7.09 -11.87
CA ARG A 17 2.90 7.88 -11.28
C ARG A 17 4.24 7.15 -11.44
N PHE A 18 4.20 5.83 -11.44
CA PHE A 18 5.40 5.02 -11.58
C PHE A 18 5.30 4.10 -12.78
N GLY A 19 4.80 4.65 -13.89
CA GLY A 19 4.65 3.85 -15.11
C GLY A 19 5.97 3.28 -15.58
N SER A 20 7.01 4.09 -15.57
CA SER A 20 8.33 3.65 -16.01
C SER A 20 9.21 3.29 -14.81
N ASP A 21 8.57 2.87 -13.73
CA ASP A 21 9.29 2.48 -12.52
C ASP A 21 8.66 1.26 -11.88
N PRO A 22 8.73 0.10 -12.57
CA PRO A 22 8.16 -1.16 -12.06
C PRO A 22 8.65 -1.49 -10.66
N ALA A 23 9.81 -0.95 -10.28
CA ALA A 23 10.39 -1.20 -8.97
C ALA A 23 9.40 -0.85 -7.86
N THR A 24 8.66 0.23 -8.04
CA THR A 24 7.68 0.67 -7.06
C THR A 24 6.42 -0.19 -7.13
N TYR A 25 5.92 -0.41 -8.34
CA TYR A 25 4.73 -1.20 -8.54
C TYR A 25 4.94 -2.64 -8.07
N ASN A 26 6.02 -3.27 -8.54
CA ASN A 26 6.33 -4.64 -8.16
C ASN A 26 6.52 -4.76 -6.65
N GLY A 27 7.22 -3.80 -6.07
CA GLY A 27 7.46 -3.81 -4.63
C GLY A 27 6.17 -3.75 -3.83
N PHE A 28 5.30 -2.81 -4.19
CA PHE A 28 4.03 -2.64 -3.49
C PHE A 28 3.19 -3.92 -3.59
N LEU A 29 3.35 -4.65 -4.69
CA LEU A 29 2.61 -5.89 -4.90
C LEU A 29 3.09 -6.97 -3.95
N GLU A 30 4.42 -7.13 -3.85
CA GLU A 30 5.00 -8.14 -2.99
C GLU A 30 4.61 -7.91 -1.53
N ILE A 31 4.56 -6.64 -1.14
CA ILE A 31 4.19 -6.28 0.23
C ILE A 31 2.74 -6.67 0.53
N MET A 32 1.84 -6.24 -0.33
CA MET A 32 0.42 -6.54 -0.16
C MET A 32 0.15 -8.04 -0.32
N LYS A 33 0.80 -8.65 -1.30
CA LYS A 33 0.64 -10.08 -1.56
C LYS A 33 1.25 -10.90 -0.43
N GLU A 34 2.30 -10.38 0.18
CA GLU A 34 2.98 -11.07 1.28
C GLU A 34 2.16 -10.99 2.56
N PHE A 35 1.47 -9.87 2.76
CA PHE A 35 0.65 -9.68 3.94
C PHE A 35 -0.52 -10.66 3.97
N LYS A 36 -1.32 -10.66 2.92
CA LYS A 36 -2.47 -11.55 2.83
C LYS A 36 -2.02 -13.02 2.93
N SER A 37 -0.87 -13.32 2.35
CA SER A 37 -0.33 -14.66 2.39
C SER A 37 0.07 -15.08 3.80
N GLN A 38 0.13 -14.09 4.71
CA GLN A 38 0.49 -14.35 6.10
C GLN A 38 2.00 -14.60 6.22
N SER A 39 2.79 -13.75 5.56
CA SER A 39 4.24 -13.88 5.59
C SER A 39 4.87 -12.68 6.29
N ILE A 40 4.64 -11.49 5.74
CA ILE A 40 5.18 -10.26 6.30
C ILE A 40 4.31 -9.76 7.46
N ASP A 41 4.95 -9.09 8.41
CA ASP A 41 4.25 -8.56 9.57
C ASP A 41 3.70 -7.16 9.29
N THR A 42 3.13 -6.54 10.31
CA THR A 42 2.56 -5.19 10.16
C THR A 42 3.67 -4.15 10.06
N PRO A 43 4.59 -4.12 11.05
CA PRO A 43 5.70 -3.16 11.06
C PRO A 43 6.43 -3.09 9.72
N GLY A 44 6.48 -4.23 9.02
CA GLY A 44 7.13 -4.28 7.73
C GLY A 44 6.36 -3.55 6.65
N VAL A 45 5.04 -3.66 6.70
CA VAL A 45 4.18 -3.01 5.71
C VAL A 45 4.26 -1.49 5.84
N ILE A 46 4.45 -1.02 7.07
CA ILE A 46 4.54 0.42 7.32
C ILE A 46 5.89 0.96 6.89
N ARG A 47 6.93 0.15 7.05
CA ARG A 47 8.28 0.55 6.68
C ARG A 47 8.46 0.51 5.17
N ARG A 48 7.96 -0.55 4.55
CA ARG A 48 8.07 -0.71 3.11
C ARG A 48 7.35 0.42 2.37
N VAL A 49 6.06 0.58 2.65
CA VAL A 49 5.27 1.62 2.02
C VAL A 49 5.87 3.00 2.28
N SER A 50 6.19 3.27 3.54
CA SER A 50 6.76 4.55 3.92
C SER A 50 8.09 4.80 3.20
N GLN A 51 8.72 3.71 2.77
CA GLN A 51 9.99 3.80 2.07
C GLN A 51 9.78 3.90 0.56
N LEU A 52 8.86 3.09 0.05
CA LEU A 52 8.55 3.08 -1.37
C LEU A 52 8.06 4.45 -1.83
N PHE A 53 7.39 5.16 -0.93
CA PHE A 53 6.87 6.49 -1.23
C PHE A 53 7.65 7.58 -0.48
N HIS A 54 8.97 7.47 -0.53
CA HIS A 54 9.83 8.43 0.15
C HIS A 54 9.67 9.83 -0.44
N GLU A 55 9.44 9.89 -1.75
CA GLU A 55 9.27 11.17 -2.43
C GLU A 55 7.81 11.38 -2.85
N HIS A 56 6.90 10.75 -2.11
CA HIS A 56 5.48 10.87 -2.40
C HIS A 56 4.66 10.98 -1.10
N PRO A 57 4.37 12.21 -0.66
CA PRO A 57 3.59 12.44 0.57
C PRO A 57 2.14 12.00 0.43
N ASP A 58 1.53 12.36 -0.70
CA ASP A 58 0.13 12.00 -0.95
C ASP A 58 -0.05 10.49 -1.06
N LEU A 59 1.07 9.77 -1.20
CA LEU A 59 1.02 8.32 -1.31
C LEU A 59 1.03 7.69 0.07
N ILE A 60 2.03 8.04 0.86
CA ILE A 60 2.15 7.53 2.22
C ILE A 60 0.90 7.89 3.03
N VAL A 61 0.28 9.02 2.68
CA VAL A 61 -0.92 9.47 3.35
C VAL A 61 -2.12 8.66 2.91
N GLY A 62 -2.29 8.52 1.60
CA GLY A 62 -3.40 7.74 1.07
C GLY A 62 -3.39 6.32 1.58
N PHE A 63 -2.20 5.74 1.69
CA PHE A 63 -2.05 4.37 2.18
C PHE A 63 -2.34 4.30 3.67
N ASN A 64 -1.98 5.36 4.38
CA ASN A 64 -2.21 5.43 5.82
C ASN A 64 -3.70 5.35 6.13
N ALA A 65 -4.51 5.90 5.24
CA ALA A 65 -5.96 5.90 5.41
C ALA A 65 -6.52 4.48 5.44
N PHE A 66 -5.73 3.52 4.96
CA PHE A 66 -6.15 2.13 4.94
C PHE A 66 -5.53 1.36 6.11
N LEU A 67 -5.29 2.05 7.21
CA LEU A 67 -4.71 1.43 8.39
C LEU A 67 -5.46 1.87 9.65
N PRO A 68 -5.61 0.96 10.63
CA PRO A 68 -6.31 1.25 11.89
C PRO A 68 -5.49 2.16 12.80
N LEU A 69 -6.08 2.55 13.92
CA LEU A 69 -5.42 3.42 14.89
C LEU A 69 -4.32 2.68 15.64
N GLY A 70 -4.39 1.34 15.62
CA GLY A 70 -3.39 0.54 16.31
C GLY A 70 -1.97 0.88 15.89
N TYR A 71 -1.81 1.25 14.62
CA TYR A 71 -0.49 1.60 14.10
C TYR A 71 -0.53 2.95 13.40
N ARG A 72 0.58 3.69 13.49
CA ARG A 72 0.68 5.01 12.87
C ARG A 72 1.96 5.14 12.07
N ILE A 73 1.87 5.71 10.88
CA ILE A 73 3.02 5.89 10.01
C ILE A 73 3.69 7.24 10.27
N ASP A 74 5.00 7.30 10.06
CA ASP A 74 5.76 8.53 10.26
C ASP A 74 6.29 9.07 8.93
N ILE A 75 6.56 10.36 8.88
CA ILE A 75 7.07 11.00 7.67
C ILE A 75 8.37 11.75 7.94
N PRO A 76 9.50 11.02 8.03
CA PRO A 76 10.80 11.64 8.30
C PRO A 76 11.13 12.76 7.31
N LYS A 77 11.67 13.86 7.83
CA LYS A 77 12.03 15.00 7.00
C LYS A 77 13.07 14.61 5.96
N ALA B 1 -5.99 -6.24 10.80
CA ALA B 1 -6.02 -5.23 9.71
C ALA B 1 -6.77 -5.78 8.49
N PRO B 2 -8.10 -5.60 8.45
CA PRO B 2 -8.93 -6.08 7.35
C PRO B 2 -8.75 -5.23 6.08
N GLN B 3 -8.23 -4.02 6.25
CA GLN B 3 -8.01 -3.13 5.12
C GLN B 3 -6.76 -3.53 4.34
N LEU B 4 -5.84 -4.21 5.03
CA LEU B 4 -4.61 -4.66 4.40
C LEU B 4 -4.89 -5.90 3.55
N ILE B 5 -5.82 -6.73 4.00
CA ILE B 5 -6.18 -7.94 3.28
C ILE B 5 -6.97 -7.59 2.02
N MET B 6 -7.86 -6.60 2.15
CA MET B 6 -8.68 -6.16 1.03
C MET B 6 -7.82 -5.43 0.00
N LEU B 7 -6.77 -4.78 0.48
CA LEU B 7 -5.87 -4.04 -0.39
C LEU B 7 -5.11 -5.01 -1.32
N ALA B 8 -4.53 -6.04 -0.72
CA ALA B 8 -3.78 -7.03 -1.48
C ALA B 8 -4.69 -7.75 -2.47
N ASN B 9 -5.95 -7.93 -2.08
CA ASN B 9 -6.93 -8.59 -2.94
C ASN B 9 -7.12 -7.82 -4.24
N VAL B 10 -7.25 -6.50 -4.11
CA VAL B 10 -7.44 -5.65 -5.28
C VAL B 10 -6.18 -5.61 -6.14
N ALA B 11 -5.02 -5.80 -5.51
CA ALA B 11 -3.76 -5.80 -6.22
C ALA B 11 -3.56 -7.13 -6.92
N LEU B 12 -4.04 -8.20 -6.29
CA LEU B 12 -3.92 -9.53 -6.85
C LEU B 12 -5.06 -9.81 -7.82
N THR B 13 -6.15 -9.06 -7.68
CA THR B 13 -7.31 -9.22 -8.54
C THR B 13 -8.33 -8.11 -8.30
N GLY B 14 -8.23 -7.05 -9.08
CA GLY B 14 -9.14 -5.93 -8.94
C GLY B 14 -10.41 -6.10 -9.76
N GLU B 15 -11.07 -7.24 -9.60
CA GLU B 15 -12.29 -7.53 -10.33
C GLU B 15 -13.38 -6.50 -10.00
N PRO A 1 -14.30 7.11 1.99
CA PRO A 1 -14.66 5.67 2.12
C PRO A 1 -13.57 4.77 1.53
N VAL A 2 -12.68 4.30 2.40
CA VAL A 2 -11.59 3.43 1.99
C VAL A 2 -12.09 2.01 1.72
N HIS A 3 -12.54 1.76 0.50
CA HIS A 3 -13.04 0.44 0.13
C HIS A 3 -12.49 0.01 -1.23
N VAL A 4 -13.10 -1.00 -1.82
CA VAL A 4 -12.66 -1.52 -3.12
C VAL A 4 -12.38 -0.39 -4.12
N GLU A 5 -13.34 0.52 -4.27
CA GLU A 5 -13.20 1.64 -5.19
C GLU A 5 -11.98 2.49 -4.82
N ASP A 6 -11.87 2.83 -3.54
CA ASP A 6 -10.75 3.64 -3.07
C ASP A 6 -9.43 2.95 -3.34
N ALA A 7 -9.41 1.63 -3.22
CA ALA A 7 -8.20 0.84 -3.46
C ALA A 7 -7.89 0.78 -4.95
N LEU A 8 -8.93 0.81 -5.77
CA LEU A 8 -8.77 0.74 -7.22
C LEU A 8 -8.07 2.00 -7.74
N THR A 9 -8.61 3.17 -7.38
CA THR A 9 -8.05 4.43 -7.82
C THR A 9 -6.60 4.58 -7.35
N TYR A 10 -6.36 4.21 -6.08
CA TYR A 10 -5.03 4.31 -5.51
C TYR A 10 -4.00 3.60 -6.39
N LEU A 11 -4.27 2.34 -6.71
CA LEU A 11 -3.38 1.56 -7.54
C LEU A 11 -3.23 2.17 -8.93
N ASP A 12 -4.33 2.71 -9.45
CA ASP A 12 -4.32 3.32 -10.76
C ASP A 12 -3.46 4.58 -10.78
N GLN A 13 -3.43 5.26 -9.65
CA GLN A 13 -2.64 6.48 -9.51
C GLN A 13 -1.17 6.16 -9.25
N VAL A 14 -0.95 5.04 -8.58
CA VAL A 14 0.40 4.60 -8.25
C VAL A 14 1.06 3.93 -9.46
N LYS A 15 0.24 3.42 -10.37
CA LYS A 15 0.75 2.76 -11.57
C LYS A 15 1.13 3.78 -12.63
N ILE A 16 0.23 4.74 -12.87
CA ILE A 16 0.46 5.77 -13.87
C ILE A 16 1.65 6.66 -13.48
N ARG A 17 1.66 7.12 -12.23
CA ARG A 17 2.73 7.97 -11.74
C ARG A 17 4.08 7.25 -11.79
N PHE A 18 4.05 5.93 -11.67
CA PHE A 18 5.26 5.13 -11.70
C PHE A 18 5.27 4.19 -12.90
N GLY A 19 4.78 4.68 -14.02
CA GLY A 19 4.72 3.87 -15.23
C GLY A 19 6.11 3.50 -15.73
N SER A 20 7.09 4.35 -15.46
CA SER A 20 8.46 4.09 -15.89
C SER A 20 9.31 3.56 -14.74
N ASP A 21 8.65 3.06 -13.70
CA ASP A 21 9.34 2.52 -12.54
C ASP A 21 8.65 1.26 -12.02
N PRO A 22 9.00 0.08 -12.57
CA PRO A 22 8.41 -1.19 -12.16
C PRO A 22 8.82 -1.60 -10.76
N ALA A 23 9.99 -1.12 -10.33
CA ALA A 23 10.51 -1.44 -9.00
C ALA A 23 9.54 -0.98 -7.91
N THR A 24 8.92 0.17 -8.13
CA THR A 24 7.97 0.72 -7.17
C THR A 24 6.64 -0.01 -7.24
N TYR A 25 6.23 -0.37 -8.45
CA TYR A 25 4.97 -1.07 -8.66
C TYR A 25 5.06 -2.50 -8.17
N ASN A 26 6.08 -3.23 -8.64
CA ASN A 26 6.28 -4.62 -8.25
C ASN A 26 6.48 -4.73 -6.74
N GLY A 27 7.18 -3.76 -6.17
CA GLY A 27 7.43 -3.77 -4.74
C GLY A 27 6.16 -3.61 -3.93
N PHE A 28 5.30 -2.70 -4.36
CA PHE A 28 4.03 -2.45 -3.67
C PHE A 28 3.19 -3.71 -3.61
N LEU A 29 2.97 -4.32 -4.76
CA LEU A 29 2.16 -5.54 -4.84
C LEU A 29 2.79 -6.65 -4.00
N GLU A 30 4.12 -6.69 -3.97
CA GLU A 30 4.83 -7.69 -3.20
C GLU A 30 4.51 -7.59 -1.71
N ILE A 31 4.40 -6.36 -1.22
CA ILE A 31 4.09 -6.13 0.18
C ILE A 31 2.69 -6.64 0.52
N MET A 32 1.70 -6.19 -0.22
CA MET A 32 0.32 -6.60 0.00
C MET A 32 0.16 -8.11 -0.20
N LYS A 33 0.83 -8.63 -1.22
CA LYS A 33 0.77 -10.06 -1.53
C LYS A 33 1.45 -10.88 -0.44
N GLU A 34 2.48 -10.29 0.17
CA GLU A 34 3.22 -10.98 1.23
C GLU A 34 2.42 -10.98 2.54
N PHE A 35 1.71 -9.88 2.80
CA PHE A 35 0.91 -9.77 4.02
C PHE A 35 -0.28 -10.73 3.98
N LYS A 36 -0.88 -10.88 2.81
CA LYS A 36 -2.02 -11.77 2.64
C LYS A 36 -1.66 -13.20 3.03
N SER A 37 -0.40 -13.56 2.82
CA SER A 37 0.08 -14.90 3.15
C SER A 37 0.12 -15.10 4.67
N GLN A 38 -0.03 -14.01 5.42
CA GLN A 38 -0.01 -14.08 6.87
C GLN A 38 1.36 -14.49 7.38
N SER A 39 2.40 -13.98 6.73
CA SER A 39 3.77 -14.30 7.11
C SER A 39 4.45 -13.10 7.78
N ILE A 40 4.32 -11.93 7.14
CA ILE A 40 4.90 -10.71 7.67
C ILE A 40 3.97 -10.02 8.66
N ASP A 41 4.53 -9.19 9.53
CA ASP A 41 3.74 -8.47 10.52
C ASP A 41 3.25 -7.13 9.97
N THR A 42 2.56 -6.37 10.80
CA THR A 42 2.05 -5.06 10.40
C THR A 42 3.18 -4.04 10.28
N PRO A 43 4.01 -3.91 11.33
CA PRO A 43 5.13 -2.96 11.33
C PRO A 43 5.98 -3.07 10.07
N GLY A 44 6.11 -4.28 9.54
CA GLY A 44 6.89 -4.49 8.34
C GLY A 44 6.23 -3.91 7.11
N VAL A 45 4.90 -3.88 7.11
CA VAL A 45 4.15 -3.35 5.98
C VAL A 45 4.25 -1.82 5.93
N ILE A 46 4.27 -1.20 7.10
CA ILE A 46 4.37 0.25 7.19
C ILE A 46 5.72 0.75 6.71
N ARG A 47 6.78 0.09 7.16
CA ARG A 47 8.14 0.46 6.76
C ARG A 47 8.35 0.26 5.27
N ARG A 48 7.75 -0.79 4.73
CA ARG A 48 7.86 -1.10 3.30
C ARG A 48 7.25 0.02 2.46
N VAL A 49 5.99 0.35 2.74
CA VAL A 49 5.30 1.40 2.01
C VAL A 49 5.93 2.77 2.27
N SER A 50 6.16 3.07 3.54
CA SER A 50 6.76 4.36 3.92
C SER A 50 8.12 4.54 3.26
N GLN A 51 8.74 3.43 2.88
CA GLN A 51 10.05 3.48 2.24
C GLN A 51 9.91 3.64 0.73
N LEU A 52 8.95 2.92 0.16
CA LEU A 52 8.70 2.98 -1.28
C LEU A 52 8.27 4.39 -1.70
N PHE A 53 7.60 5.08 -0.79
CA PHE A 53 7.13 6.44 -1.07
C PHE A 53 7.80 7.45 -0.13
N HIS A 54 9.13 7.49 -0.18
CA HIS A 54 9.89 8.40 0.66
C HIS A 54 9.73 9.85 0.20
N GLU A 55 9.56 10.04 -1.10
CA GLU A 55 9.40 11.37 -1.66
C GLU A 55 8.02 11.55 -2.28
N HIS A 56 7.02 10.90 -1.69
CA HIS A 56 5.65 10.99 -2.19
C HIS A 56 4.65 11.08 -1.04
N PRO A 57 4.39 12.30 -0.54
CA PRO A 57 3.45 12.53 0.56
C PRO A 57 2.06 11.99 0.25
N ASP A 58 1.53 12.36 -0.91
CA ASP A 58 0.20 11.92 -1.33
C ASP A 58 0.09 10.39 -1.32
N LEU A 59 1.23 9.72 -1.35
CA LEU A 59 1.26 8.26 -1.34
C LEU A 59 1.24 7.73 0.09
N ILE A 60 2.22 8.15 0.87
CA ILE A 60 2.31 7.73 2.27
C ILE A 60 1.07 8.16 3.03
N VAL A 61 0.50 9.30 2.61
CA VAL A 61 -0.70 9.81 3.25
C VAL A 61 -1.94 9.05 2.78
N GLY A 62 -2.01 8.81 1.47
CA GLY A 62 -3.14 8.08 0.93
C GLY A 62 -3.22 6.67 1.47
N PHE A 63 -2.06 6.03 1.65
CA PHE A 63 -2.00 4.68 2.17
C PHE A 63 -2.32 4.66 3.66
N ASN A 64 -1.91 5.72 4.35
CA ASN A 64 -2.16 5.83 5.78
C ASN A 64 -3.64 6.04 6.07
N ALA A 65 -4.36 6.55 5.08
CA ALA A 65 -5.80 6.80 5.22
C ALA A 65 -6.59 5.50 5.34
N PHE A 66 -5.92 4.37 5.07
CA PHE A 66 -6.57 3.07 5.16
C PHE A 66 -6.24 2.37 6.47
N LEU A 67 -5.06 2.65 6.99
CA LEU A 67 -4.61 2.05 8.25
C LEU A 67 -5.26 2.76 9.45
N PRO A 68 -5.60 2.00 10.51
CA PRO A 68 -6.23 2.57 11.71
C PRO A 68 -5.26 3.41 12.53
N LEU A 69 -5.80 4.23 13.42
CA LEU A 69 -4.98 5.10 14.27
C LEU A 69 -4.04 4.27 15.13
N GLY A 70 -4.44 3.05 15.44
CA GLY A 70 -3.62 2.18 16.27
C GLY A 70 -2.26 1.92 15.65
N TYR A 71 -2.19 1.99 14.32
CA TYR A 71 -0.94 1.77 13.60
C TYR A 71 -0.44 3.06 12.98
N ARG A 72 0.55 3.68 13.61
CA ARG A 72 1.13 4.93 13.11
C ARG A 72 2.07 4.65 11.95
N ILE A 73 2.05 5.53 10.95
CA ILE A 73 2.91 5.40 9.78
C ILE A 73 4.26 6.06 10.01
N ASP A 74 5.30 5.25 10.11
CA ASP A 74 6.65 5.76 10.33
C ASP A 74 7.51 5.56 9.08
N ILE A 75 8.68 6.21 9.06
CA ILE A 75 9.58 6.11 7.93
C ILE A 75 10.99 5.73 8.39
N PRO A 76 11.60 4.69 7.78
CA PRO A 76 12.95 4.24 8.15
C PRO A 76 14.02 5.19 7.65
N LYS A 77 14.98 5.48 8.52
CA LYS A 77 16.08 6.39 8.17
C LYS A 77 16.88 5.84 6.99
N ALA B 1 -4.07 -6.48 9.69
CA ALA B 1 -5.34 -5.71 9.64
C ALA B 1 -6.24 -6.19 8.52
N PRO B 2 -7.56 -5.96 8.63
CA PRO B 2 -8.53 -6.38 7.61
C PRO B 2 -8.40 -5.58 6.33
N GLN B 3 -7.91 -4.34 6.45
CA GLN B 3 -7.74 -3.47 5.29
C GLN B 3 -6.51 -3.88 4.49
N LEU B 4 -5.58 -4.56 5.15
CA LEU B 4 -4.37 -5.01 4.49
C LEU B 4 -4.65 -6.23 3.63
N ILE B 5 -5.55 -7.08 4.10
CA ILE B 5 -5.92 -8.29 3.38
C ILE B 5 -6.78 -7.93 2.17
N MET B 6 -7.67 -6.95 2.34
CA MET B 6 -8.53 -6.52 1.26
C MET B 6 -7.76 -5.72 0.23
N LEU B 7 -6.67 -5.08 0.67
CA LEU B 7 -5.83 -4.30 -0.22
C LEU B 7 -5.06 -5.20 -1.17
N ALA B 8 -4.50 -6.28 -0.63
CA ALA B 8 -3.74 -7.23 -1.44
C ALA B 8 -4.64 -7.97 -2.41
N ASN B 9 -5.88 -8.22 -1.99
CA ASN B 9 -6.85 -8.93 -2.81
C ASN B 9 -7.19 -8.10 -4.05
N VAL B 10 -7.48 -6.82 -3.85
CA VAL B 10 -7.83 -5.93 -4.94
C VAL B 10 -6.62 -5.72 -5.86
N ALA B 11 -5.42 -5.84 -5.32
CA ALA B 11 -4.21 -5.66 -6.09
C ALA B 11 -3.92 -6.93 -6.89
N LEU B 12 -4.22 -8.07 -6.28
CA LEU B 12 -3.99 -9.35 -6.93
C LEU B 12 -5.16 -9.71 -7.85
N THR B 13 -6.32 -9.10 -7.59
CA THR B 13 -7.51 -9.36 -8.38
C THR B 13 -8.63 -8.40 -8.00
N GLY B 14 -8.73 -7.29 -8.73
CA GLY B 14 -9.76 -6.30 -8.45
C GLY B 14 -11.00 -6.51 -9.29
N GLU B 15 -11.44 -7.76 -9.39
CA GLU B 15 -12.64 -8.09 -10.16
C GLU B 15 -13.87 -7.39 -9.60
N PRO A 1 -16.01 5.86 0.94
CA PRO A 1 -16.22 4.42 1.27
C PRO A 1 -15.01 3.57 0.88
N VAL A 2 -14.22 3.18 1.88
CA VAL A 2 -13.04 2.37 1.64
C VAL A 2 -13.41 0.99 1.12
N HIS A 3 -13.73 0.92 -0.17
CA HIS A 3 -14.11 -0.33 -0.80
C HIS A 3 -13.21 -0.63 -2.00
N VAL A 4 -13.59 -1.63 -2.78
CA VAL A 4 -12.82 -2.02 -3.96
C VAL A 4 -12.47 -0.81 -4.82
N GLU A 5 -13.33 0.21 -4.77
CA GLU A 5 -13.12 1.43 -5.54
C GLU A 5 -11.96 2.24 -4.97
N ASP A 6 -11.86 2.28 -3.64
CA ASP A 6 -10.80 3.01 -2.97
C ASP A 6 -9.45 2.32 -3.18
N ALA A 7 -9.46 1.00 -3.18
CA ALA A 7 -8.24 0.22 -3.38
C ALA A 7 -7.81 0.26 -4.84
N LEU A 8 -8.79 0.30 -5.74
CA LEU A 8 -8.51 0.34 -7.18
C LEU A 8 -7.88 1.67 -7.57
N THR A 9 -8.50 2.76 -7.14
CA THR A 9 -8.01 4.10 -7.46
C THR A 9 -6.59 4.29 -6.93
N TYR A 10 -6.37 3.86 -5.69
CA TYR A 10 -5.06 4.00 -5.06
C TYR A 10 -3.97 3.36 -5.92
N LEU A 11 -4.20 2.11 -6.31
CA LEU A 11 -3.24 1.39 -7.15
C LEU A 11 -3.12 2.04 -8.52
N ASP A 12 -4.21 2.63 -8.99
CA ASP A 12 -4.22 3.30 -10.30
C ASP A 12 -3.40 4.58 -10.25
N GLN A 13 -3.40 5.23 -9.10
CA GLN A 13 -2.66 6.47 -8.92
C GLN A 13 -1.18 6.18 -8.67
N VAL A 14 -0.92 5.05 -8.05
CA VAL A 14 0.44 4.63 -7.75
C VAL A 14 1.12 4.05 -9.00
N LYS A 15 0.31 3.46 -9.87
CA LYS A 15 0.82 2.86 -11.10
C LYS A 15 1.22 3.95 -12.09
N ILE A 16 0.32 4.91 -12.30
CA ILE A 16 0.58 6.01 -13.22
C ILE A 16 1.77 6.85 -12.75
N ARG A 17 1.81 7.10 -11.44
CA ARG A 17 2.89 7.90 -10.87
C ARG A 17 4.25 7.27 -11.15
N PHE A 18 4.26 5.93 -11.31
CA PHE A 18 5.49 5.21 -11.58
C PHE A 18 5.42 4.51 -12.94
N GLY A 19 4.84 5.21 -13.92
CA GLY A 19 4.72 4.64 -15.25
C GLY A 19 6.05 4.21 -15.82
N SER A 20 7.12 4.86 -15.40
CA SER A 20 8.46 4.54 -15.87
C SER A 20 9.31 3.93 -14.75
N ASP A 21 8.66 3.49 -13.69
CA ASP A 21 9.36 2.89 -12.56
C ASP A 21 8.60 1.68 -12.03
N PRO A 22 8.44 0.63 -12.84
CA PRO A 22 7.72 -0.58 -12.45
C PRO A 22 8.27 -1.18 -11.15
N ALA A 23 9.53 -0.87 -10.85
CA ALA A 23 10.17 -1.37 -9.63
C ALA A 23 9.36 -1.03 -8.38
N THR A 24 8.97 0.25 -8.27
CA THR A 24 8.19 0.71 -7.13
C THR A 24 6.87 -0.03 -7.05
N TYR A 25 6.17 -0.12 -8.18
CA TYR A 25 4.88 -0.79 -8.23
C TYR A 25 5.02 -2.28 -7.90
N ASN A 26 6.06 -2.90 -8.45
CA ASN A 26 6.31 -4.32 -8.21
C ASN A 26 6.53 -4.59 -6.72
N GLY A 27 7.33 -3.74 -6.08
CA GLY A 27 7.61 -3.90 -4.67
C GLY A 27 6.35 -3.81 -3.82
N PHE A 28 5.51 -2.84 -4.12
CA PHE A 28 4.26 -2.64 -3.38
C PHE A 28 3.40 -3.90 -3.44
N LEU A 29 3.30 -4.48 -4.64
CA LEU A 29 2.50 -5.69 -4.82
C LEU A 29 3.04 -6.84 -3.98
N GLU A 30 4.36 -6.91 -3.85
CA GLU A 30 4.99 -7.96 -3.06
C GLU A 30 4.55 -7.89 -1.60
N ILE A 31 4.51 -6.68 -1.06
CA ILE A 31 4.10 -6.47 0.32
C ILE A 31 2.68 -6.97 0.56
N MET A 32 1.73 -6.41 -0.18
CA MET A 32 0.32 -6.80 -0.05
C MET A 32 0.16 -8.30 -0.34
N LYS A 33 0.79 -8.75 -1.42
CA LYS A 33 0.69 -10.16 -1.82
C LYS A 33 1.33 -11.06 -0.77
N GLU A 34 2.44 -10.60 -0.19
CA GLU A 34 3.14 -11.37 0.82
C GLU A 34 2.41 -11.30 2.16
N PHE A 35 1.76 -10.17 2.42
CA PHE A 35 1.02 -9.97 3.66
C PHE A 35 -0.18 -10.92 3.72
N LYS A 36 -0.80 -11.15 2.58
CA LYS A 36 -1.96 -12.03 2.51
C LYS A 36 -1.61 -13.43 3.00
N SER A 37 -0.35 -13.84 2.77
CA SER A 37 0.11 -15.16 3.19
C SER A 37 0.09 -15.30 4.71
N GLN A 38 0.00 -14.16 5.40
CA GLN A 38 -0.03 -14.16 6.87
C GLN A 38 1.33 -14.58 7.44
N SER A 39 2.40 -14.09 6.82
CA SER A 39 3.75 -14.41 7.28
C SER A 39 4.43 -13.16 7.83
N ILE A 40 4.38 -12.07 7.08
CA ILE A 40 5.00 -10.82 7.50
C ILE A 40 4.14 -10.10 8.54
N ASP A 41 4.77 -9.26 9.34
CA ASP A 41 4.06 -8.51 10.37
C ASP A 41 3.50 -7.20 9.81
N THR A 42 2.72 -6.50 10.63
CA THR A 42 2.12 -5.24 10.22
C THR A 42 3.17 -4.14 10.13
N PRO A 43 3.96 -3.95 11.20
CA PRO A 43 5.01 -2.92 11.24
C PRO A 43 5.91 -2.96 10.01
N GLY A 44 6.16 -4.17 9.51
CA GLY A 44 7.00 -4.32 8.34
C GLY A 44 6.33 -3.81 7.07
N VAL A 45 5.01 -3.88 7.03
CA VAL A 45 4.25 -3.42 5.88
C VAL A 45 4.27 -1.90 5.78
N ILE A 46 4.02 -1.23 6.90
CA ILE A 46 4.01 0.22 6.95
C ILE A 46 5.41 0.79 6.69
N ARG A 47 6.42 0.05 7.12
CA ARG A 47 7.81 0.48 6.93
C ARG A 47 8.19 0.44 5.45
N ARG A 48 7.92 -0.69 4.82
CA ARG A 48 8.24 -0.86 3.40
C ARG A 48 7.53 0.19 2.56
N VAL A 49 6.23 0.39 2.82
CA VAL A 49 5.44 1.37 2.09
C VAL A 49 6.04 2.77 2.23
N SER A 50 6.38 3.13 3.47
CA SER A 50 6.95 4.44 3.74
C SER A 50 8.28 4.61 3.02
N GLN A 51 8.94 3.50 2.73
CA GLN A 51 10.22 3.53 2.03
C GLN A 51 10.02 3.77 0.54
N LEU A 52 9.08 3.02 -0.06
CA LEU A 52 8.79 3.16 -1.47
C LEU A 52 8.33 4.58 -1.80
N PHE A 53 7.71 5.23 -0.83
CA PHE A 53 7.22 6.59 -1.01
C PHE A 53 8.02 7.57 -0.17
N HIS A 54 9.34 7.56 -0.33
CA HIS A 54 10.22 8.44 0.42
C HIS A 54 10.01 9.89 0.00
N GLU A 55 9.91 10.12 -1.31
CA GLU A 55 9.72 11.47 -1.83
C GLU A 55 8.31 11.64 -2.42
N HIS A 56 7.37 10.85 -1.91
CA HIS A 56 5.99 10.92 -2.39
C HIS A 56 5.02 11.08 -1.22
N PRO A 57 4.65 12.32 -0.88
CA PRO A 57 3.73 12.60 0.23
C PRO A 57 2.32 12.10 -0.05
N ASP A 58 1.77 12.47 -1.19
CA ASP A 58 0.42 12.06 -1.58
C ASP A 58 0.29 10.53 -1.59
N LEU A 59 1.43 9.84 -1.65
CA LEU A 59 1.43 8.38 -1.66
C LEU A 59 1.35 7.84 -0.24
N ILE A 60 2.29 8.27 0.59
CA ILE A 60 2.31 7.84 1.99
C ILE A 60 1.01 8.26 2.68
N VAL A 61 0.41 9.35 2.19
CA VAL A 61 -0.84 9.84 2.76
C VAL A 61 -2.00 8.94 2.34
N GLY A 62 -2.04 8.60 1.05
CA GLY A 62 -3.09 7.74 0.56
C GLY A 62 -3.11 6.39 1.25
N PHE A 63 -1.92 5.89 1.58
CA PHE A 63 -1.79 4.61 2.24
C PHE A 63 -2.23 4.71 3.69
N ASN A 64 -1.97 5.86 4.29
CA ASN A 64 -2.34 6.10 5.69
C ASN A 64 -3.87 6.15 5.83
N ALA A 65 -4.54 6.54 4.76
CA ALA A 65 -6.00 6.63 4.77
C ALA A 65 -6.65 5.29 5.02
N PHE A 66 -5.88 4.21 4.85
CA PHE A 66 -6.39 2.86 5.07
C PHE A 66 -5.98 2.33 6.43
N LEU A 67 -4.83 2.78 6.91
CA LEU A 67 -4.32 2.35 8.21
C LEU A 67 -5.19 2.90 9.34
N PRO A 68 -5.33 2.15 10.45
CA PRO A 68 -6.13 2.57 11.60
C PRO A 68 -5.50 3.73 12.36
N LEU A 69 -6.22 4.26 13.34
CA LEU A 69 -5.73 5.37 14.13
C LEU A 69 -4.58 4.92 15.03
N GLY A 70 -4.61 3.67 15.46
CA GLY A 70 -3.56 3.14 16.31
C GLY A 70 -2.23 3.02 15.60
N TYR A 71 -2.18 2.15 14.59
CA TYR A 71 -0.96 1.95 13.82
C TYR A 71 -0.76 3.08 12.81
N ARG A 72 -0.16 4.17 13.26
CA ARG A 72 0.09 5.32 12.40
C ARG A 72 1.38 5.13 11.60
N ILE A 73 1.39 5.66 10.38
CA ILE A 73 2.57 5.56 9.52
C ILE A 73 3.54 6.71 9.76
N ASP A 74 4.81 6.39 9.97
CA ASP A 74 5.83 7.40 10.21
C ASP A 74 7.07 7.12 9.38
N ILE A 75 8.13 7.90 9.61
CA ILE A 75 9.38 7.74 8.89
C ILE A 75 10.55 8.31 9.69
N PRO A 76 11.28 7.45 10.42
CA PRO A 76 12.42 7.89 11.23
C PRO A 76 13.40 8.75 10.44
N LYS A 77 13.65 9.96 10.93
CA LYS A 77 14.56 10.87 10.28
C LYS A 77 14.73 12.15 11.10
N ALA B 1 -4.64 -5.67 10.13
CA ALA B 1 -5.85 -4.85 9.81
C ALA B 1 -6.62 -5.45 8.64
N PRO B 2 -7.95 -5.28 8.63
CA PRO B 2 -8.81 -5.83 7.56
C PRO B 2 -8.67 -5.04 6.26
N GLN B 3 -8.16 -3.81 6.36
CA GLN B 3 -7.98 -2.97 5.18
C GLN B 3 -6.73 -3.39 4.41
N LEU B 4 -5.79 -4.02 5.11
CA LEU B 4 -4.57 -4.47 4.49
C LEU B 4 -4.80 -5.73 3.67
N ILE B 5 -5.65 -6.61 4.20
CA ILE B 5 -5.99 -7.85 3.51
C ILE B 5 -6.84 -7.57 2.28
N MET B 6 -7.77 -6.63 2.43
CA MET B 6 -8.65 -6.25 1.32
C MET B 6 -7.88 -5.49 0.25
N LEU B 7 -6.81 -4.81 0.68
CA LEU B 7 -5.99 -4.04 -0.25
C LEU B 7 -5.23 -4.97 -1.19
N ALA B 8 -4.62 -6.01 -0.62
CA ALA B 8 -3.87 -6.98 -1.41
C ALA B 8 -4.78 -7.74 -2.36
N ASN B 9 -6.00 -8.03 -1.90
CA ASN B 9 -6.97 -8.75 -2.72
C ASN B 9 -7.31 -7.96 -3.98
N VAL B 10 -7.57 -6.67 -3.81
CA VAL B 10 -7.91 -5.81 -4.93
C VAL B 10 -6.71 -5.64 -5.86
N ALA B 11 -5.51 -5.76 -5.31
CA ALA B 11 -4.29 -5.63 -6.09
C ALA B 11 -4.03 -6.91 -6.88
N LEU B 12 -4.38 -8.03 -6.27
CA LEU B 12 -4.20 -9.33 -6.90
C LEU B 12 -5.40 -9.68 -7.78
N THR B 13 -6.54 -9.06 -7.48
CA THR B 13 -7.76 -9.29 -8.24
C THR B 13 -8.82 -8.24 -7.89
N GLY B 14 -8.59 -7.01 -8.34
CA GLY B 14 -9.54 -5.94 -8.07
C GLY B 14 -10.33 -5.54 -9.29
N GLU B 15 -9.68 -5.58 -10.45
CA GLU B 15 -10.33 -5.22 -11.71
C GLU B 15 -11.51 -6.14 -12.00
N PRO A 1 -15.28 5.40 1.89
CA PRO A 1 -15.64 3.96 1.69
C PRO A 1 -14.44 3.12 1.29
N VAL A 2 -13.72 2.61 2.29
CA VAL A 2 -12.54 1.79 2.04
C VAL A 2 -12.92 0.44 1.47
N HIS A 3 -13.07 0.38 0.14
CA HIS A 3 -13.44 -0.85 -0.54
C HIS A 3 -12.67 -1.01 -1.85
N VAL A 4 -13.08 -1.98 -2.66
CA VAL A 4 -12.43 -2.22 -3.94
C VAL A 4 -12.25 -0.93 -4.74
N GLU A 5 -13.15 0.02 -4.52
CA GLU A 5 -13.09 1.31 -5.21
C GLU A 5 -11.89 2.12 -4.72
N ASP A 6 -11.64 2.09 -3.41
CA ASP A 6 -10.53 2.82 -2.83
C ASP A 6 -9.20 2.22 -3.25
N ALA A 7 -9.16 0.89 -3.32
CA ALA A 7 -7.94 0.19 -3.71
C ALA A 7 -7.68 0.33 -5.21
N LEU A 8 -8.76 0.40 -5.98
CA LEU A 8 -8.65 0.54 -7.43
C LEU A 8 -7.95 1.85 -7.79
N THR A 9 -8.47 2.96 -7.28
CA THR A 9 -7.90 4.27 -7.55
C THR A 9 -6.46 4.35 -7.07
N TYR A 10 -6.22 3.85 -5.86
CA TYR A 10 -4.89 3.86 -5.27
C TYR A 10 -3.88 3.19 -6.19
N LEU A 11 -4.22 1.99 -6.65
CA LEU A 11 -3.34 1.22 -7.53
C LEU A 11 -3.18 1.93 -8.87
N ASP A 12 -4.24 2.58 -9.33
CA ASP A 12 -4.21 3.30 -10.59
C ASP A 12 -3.36 4.55 -10.49
N GLN A 13 -3.27 5.10 -9.29
CA GLN A 13 -2.47 6.30 -9.06
C GLN A 13 -1.00 5.96 -8.90
N VAL A 14 -0.74 4.78 -8.37
CA VAL A 14 0.62 4.31 -8.16
C VAL A 14 1.20 3.74 -9.45
N LYS A 15 0.34 3.16 -10.28
CA LYS A 15 0.76 2.58 -11.54
C LYS A 15 1.09 3.66 -12.55
N ILE A 16 0.19 4.63 -12.71
CA ILE A 16 0.40 5.72 -13.64
C ILE A 16 1.56 6.61 -13.21
N ARG A 17 1.60 6.93 -11.92
CA ARG A 17 2.67 7.77 -11.38
C ARG A 17 4.03 7.10 -11.54
N PHE A 18 4.03 5.77 -11.45
CA PHE A 18 5.26 5.00 -11.59
C PHE A 18 5.19 4.05 -12.78
N GLY A 19 4.60 4.52 -13.88
CA GLY A 19 4.48 3.70 -15.06
C GLY A 19 5.80 3.48 -15.76
N SER A 20 6.58 4.56 -15.89
CA SER A 20 7.88 4.49 -16.55
C SER A 20 8.86 3.63 -15.73
N ASP A 21 8.53 3.38 -14.47
CA ASP A 21 9.37 2.59 -13.60
C ASP A 21 8.55 1.54 -12.85
N PRO A 22 8.45 0.32 -13.41
CA PRO A 22 7.68 -0.77 -12.78
C PRO A 22 8.33 -1.26 -11.49
N ALA A 23 9.57 -0.85 -11.25
CA ALA A 23 10.29 -1.26 -10.04
C ALA A 23 9.50 -0.90 -8.79
N THR A 24 8.99 0.33 -8.74
CA THR A 24 8.22 0.79 -7.58
C THR A 24 6.88 0.07 -7.51
N TYR A 25 6.29 -0.19 -8.68
CA TYR A 25 5.00 -0.88 -8.75
C TYR A 25 5.12 -2.32 -8.24
N ASN A 26 6.11 -3.04 -8.76
CA ASN A 26 6.33 -4.42 -8.36
C ASN A 26 6.63 -4.51 -6.87
N GLY A 27 7.28 -3.49 -6.33
CA GLY A 27 7.61 -3.47 -4.92
C GLY A 27 6.38 -3.46 -4.04
N PHE A 28 5.48 -2.52 -4.30
CA PHE A 28 4.25 -2.40 -3.52
C PHE A 28 3.43 -3.69 -3.59
N LEU A 29 3.34 -4.26 -4.79
CA LEU A 29 2.59 -5.50 -4.99
C LEU A 29 3.16 -6.62 -4.14
N GLU A 30 4.49 -6.69 -4.06
CA GLU A 30 5.15 -7.72 -3.28
C GLU A 30 4.77 -7.61 -1.80
N ILE A 31 4.74 -6.39 -1.29
CA ILE A 31 4.39 -6.15 0.10
C ILE A 31 2.95 -6.54 0.38
N MET A 32 2.07 -6.27 -0.58
CA MET A 32 0.66 -6.59 -0.44
C MET A 32 0.43 -8.10 -0.47
N LYS A 33 0.91 -8.75 -1.52
CA LYS A 33 0.78 -10.19 -1.66
C LYS A 33 1.46 -10.92 -0.51
N GLU A 34 2.53 -10.32 0.00
CA GLU A 34 3.28 -10.91 1.10
C GLU A 34 2.44 -10.92 2.38
N PHE A 35 1.72 -9.83 2.62
CA PHE A 35 0.89 -9.72 3.81
C PHE A 35 -0.27 -10.72 3.75
N LYS A 36 -0.91 -10.81 2.59
CA LYS A 36 -2.02 -11.73 2.42
C LYS A 36 -1.61 -13.17 2.71
N SER A 37 -0.42 -13.54 2.22
CA SER A 37 0.11 -14.88 2.44
C SER A 37 0.34 -15.14 3.93
N GLN A 38 0.37 -14.08 4.73
CA GLN A 38 0.57 -14.19 6.16
C GLN A 38 2.04 -14.48 6.47
N SER A 39 2.94 -13.78 5.79
CA SER A 39 4.38 -13.97 6.00
C SER A 39 5.04 -12.66 6.44
N ILE A 40 4.24 -11.69 6.86
CA ILE A 40 4.76 -10.41 7.32
C ILE A 40 3.80 -9.73 8.28
N ASP A 41 4.35 -9.02 9.26
CA ASP A 41 3.54 -8.31 10.24
C ASP A 41 3.09 -6.95 9.72
N THR A 42 2.31 -6.23 10.53
CA THR A 42 1.82 -4.92 10.14
C THR A 42 2.96 -3.91 10.09
N PRO A 43 3.74 -3.79 11.18
CA PRO A 43 4.88 -2.86 11.25
C PRO A 43 5.78 -2.95 10.02
N GLY A 44 5.99 -4.18 9.54
CA GLY A 44 6.83 -4.38 8.38
C GLY A 44 6.21 -3.84 7.11
N VAL A 45 4.88 -3.85 7.05
CA VAL A 45 4.15 -3.36 5.88
C VAL A 45 4.18 -1.84 5.82
N ILE A 46 4.15 -1.20 7.00
CA ILE A 46 4.17 0.25 7.08
C ILE A 46 5.54 0.80 6.70
N ARG A 47 6.59 0.18 7.21
CA ARG A 47 7.95 0.61 6.93
C ARG A 47 8.27 0.46 5.44
N ARG A 48 7.86 -0.68 4.88
CA ARG A 48 8.11 -0.95 3.46
C ARG A 48 7.49 0.13 2.58
N VAL A 49 6.23 0.46 2.86
CA VAL A 49 5.52 1.47 2.09
C VAL A 49 6.04 2.87 2.42
N SER A 50 6.42 3.07 3.68
CA SER A 50 6.93 4.36 4.13
C SER A 50 8.22 4.72 3.40
N GLN A 51 8.92 3.71 2.93
CA GLN A 51 10.17 3.92 2.20
C GLN A 51 9.94 3.88 0.69
N LEU A 52 8.98 3.06 0.28
CA LEU A 52 8.66 2.92 -1.14
C LEU A 52 8.18 4.25 -1.73
N PHE A 53 7.52 5.04 -0.91
CA PHE A 53 7.00 6.34 -1.35
C PHE A 53 7.52 7.46 -0.44
N HIS A 54 8.82 7.45 -0.18
CA HIS A 54 9.44 8.46 0.67
C HIS A 54 9.49 9.82 -0.04
N GLU A 55 9.18 9.85 -1.32
CA GLU A 55 9.19 11.09 -2.09
C GLU A 55 7.79 11.61 -2.32
N HIS A 56 6.82 10.70 -2.38
CA HIS A 56 5.42 11.07 -2.60
C HIS A 56 4.65 11.07 -1.28
N PRO A 57 4.30 12.27 -0.77
CA PRO A 57 3.55 12.38 0.50
C PRO A 57 2.11 11.88 0.36
N ASP A 58 1.47 12.23 -0.74
CA ASP A 58 0.08 11.82 -0.99
C ASP A 58 -0.04 10.30 -1.03
N LEU A 59 1.09 9.61 -1.19
CA LEU A 59 1.10 8.16 -1.24
C LEU A 59 1.24 7.59 0.17
N ILE A 60 2.32 7.99 0.85
CA ILE A 60 2.56 7.53 2.21
C ILE A 60 1.42 7.97 3.12
N VAL A 61 0.85 9.12 2.83
CA VAL A 61 -0.28 9.64 3.61
C VAL A 61 -1.57 8.91 3.25
N GLY A 62 -1.78 8.71 1.95
CA GLY A 62 -2.96 8.03 1.50
C GLY A 62 -3.05 6.61 2.06
N PHE A 63 -1.90 5.97 2.20
CA PHE A 63 -1.84 4.62 2.73
C PHE A 63 -2.09 4.61 4.23
N ASN A 64 -1.54 5.61 4.90
CA ASN A 64 -1.70 5.75 6.34
C ASN A 64 -3.17 5.98 6.71
N ALA A 65 -3.93 6.51 5.75
CA ALA A 65 -5.36 6.78 5.97
C ALA A 65 -6.17 5.49 6.11
N PHE A 66 -5.54 4.35 5.82
CA PHE A 66 -6.21 3.06 5.91
C PHE A 66 -5.87 2.36 7.22
N LEU A 67 -4.67 2.62 7.73
CA LEU A 67 -4.22 2.01 8.98
C LEU A 67 -4.69 2.82 10.18
N PRO A 68 -4.89 2.16 11.33
CA PRO A 68 -5.34 2.82 12.56
C PRO A 68 -4.28 3.76 13.12
N LEU A 69 -4.73 4.70 13.95
CA LEU A 69 -3.83 5.68 14.55
C LEU A 69 -2.76 4.98 15.40
N GLY A 70 -3.09 3.80 15.91
CA GLY A 70 -2.16 3.06 16.72
C GLY A 70 -0.84 2.79 16.01
N TYR A 71 -0.92 2.24 14.81
CA TYR A 71 0.26 1.94 14.02
C TYR A 71 0.43 2.95 12.90
N ARG A 72 0.75 4.18 13.26
CA ARG A 72 0.95 5.25 12.27
C ARG A 72 2.13 4.94 11.38
N ILE A 73 2.33 5.77 10.35
CA ILE A 73 3.43 5.59 9.41
C ILE A 73 4.62 6.47 9.79
N ASP A 74 5.80 5.87 9.85
CA ASP A 74 7.01 6.60 10.20
C ASP A 74 7.52 7.42 9.02
N ILE A 75 8.58 8.19 9.24
CA ILE A 75 9.16 9.02 8.20
C ILE A 75 10.63 9.31 8.47
N PRO A 76 11.53 8.37 8.07
CA PRO A 76 12.96 8.53 8.28
C PRO A 76 13.48 9.87 7.76
N LYS A 77 14.16 10.60 8.62
CA LYS A 77 14.72 11.90 8.25
C LYS A 77 15.52 12.51 9.39
N ALA B 1 -6.94 -5.42 11.12
CA ALA B 1 -6.90 -4.45 10.01
C ALA B 1 -7.46 -5.06 8.72
N PRO B 2 -8.79 -5.00 8.52
CA PRO B 2 -9.43 -5.56 7.33
C PRO B 2 -9.13 -4.76 6.07
N GLN B 3 -8.50 -3.59 6.23
CA GLN B 3 -8.15 -2.75 5.10
C GLN B 3 -6.91 -3.29 4.40
N LEU B 4 -6.08 -3.99 5.15
CA LEU B 4 -4.86 -4.56 4.60
C LEU B 4 -5.19 -5.81 3.77
N ILE B 5 -6.21 -6.53 4.20
CA ILE B 5 -6.64 -7.73 3.49
C ILE B 5 -7.35 -7.36 2.20
N MET B 6 -8.14 -6.30 2.24
CA MET B 6 -8.87 -5.84 1.07
C MET B 6 -7.92 -5.19 0.06
N LEU B 7 -6.82 -4.65 0.56
CA LEU B 7 -5.84 -4.01 -0.30
C LEU B 7 -5.11 -5.05 -1.15
N ALA B 8 -4.57 -6.07 -0.48
CA ALA B 8 -3.85 -7.13 -1.17
C ALA B 8 -4.80 -7.93 -2.05
N ASN B 9 -6.08 -7.95 -1.70
CA ASN B 9 -7.07 -8.69 -2.46
C ASN B 9 -7.27 -8.05 -3.84
N VAL B 10 -7.72 -6.80 -3.83
CA VAL B 10 -7.94 -6.07 -5.08
C VAL B 10 -6.66 -5.98 -5.90
N ALA B 11 -5.52 -6.06 -5.21
CA ALA B 11 -4.24 -6.02 -5.89
C ALA B 11 -3.99 -7.33 -6.61
N LEU B 12 -4.52 -8.41 -6.05
CA LEU B 12 -4.38 -9.73 -6.64
C LEU B 12 -5.62 -10.11 -7.44
N THR B 13 -6.51 -9.14 -7.64
CA THR B 13 -7.74 -9.38 -8.38
C THR B 13 -8.47 -8.06 -8.66
N GLY B 14 -7.91 -7.25 -9.54
CA GLY B 14 -8.51 -5.98 -9.88
C GLY B 14 -7.56 -5.05 -10.61
N GLU B 15 -6.28 -5.16 -10.29
CA GLU B 15 -5.26 -4.33 -10.92
C GLU B 15 -5.21 -4.56 -12.43
N PRO A 1 -13.73 6.59 2.14
CA PRO A 1 -14.40 5.48 1.44
C PRO A 1 -13.46 4.31 1.17
N VAL A 2 -12.80 3.84 2.23
CA VAL A 2 -11.87 2.73 2.11
C VAL A 2 -12.57 1.45 1.65
N HIS A 3 -12.60 1.25 0.34
CA HIS A 3 -13.25 0.06 -0.21
C HIS A 3 -12.51 -0.42 -1.47
N VAL A 4 -13.14 -1.34 -2.20
CA VAL A 4 -12.55 -1.87 -3.42
C VAL A 4 -12.25 -0.76 -4.42
N GLU A 5 -13.07 0.29 -4.39
CA GLU A 5 -12.89 1.41 -5.30
C GLU A 5 -11.69 2.27 -4.88
N ASP A 6 -11.51 2.41 -3.58
CA ASP A 6 -10.40 3.21 -3.05
C ASP A 6 -9.07 2.53 -3.37
N ALA A 7 -9.02 1.22 -3.17
CA ALA A 7 -7.79 0.46 -3.43
C ALA A 7 -7.51 0.38 -4.93
N LEU A 8 -8.57 0.27 -5.71
CA LEU A 8 -8.43 0.18 -7.16
C LEU A 8 -7.79 1.45 -7.73
N THR A 9 -8.39 2.59 -7.44
CA THR A 9 -7.88 3.87 -7.91
C THR A 9 -6.46 4.10 -7.42
N TYR A 10 -6.23 3.82 -6.14
CA TYR A 10 -4.91 4.01 -5.54
C TYR A 10 -3.84 3.29 -6.35
N LEU A 11 -4.17 2.11 -6.85
CA LEU A 11 -3.23 1.32 -7.64
C LEU A 11 -3.01 1.94 -9.03
N ASP A 12 -4.12 2.30 -9.68
CA ASP A 12 -4.05 2.90 -11.00
C ASP A 12 -3.24 4.20 -10.97
N GLN A 13 -3.30 4.89 -9.85
CA GLN A 13 -2.58 6.15 -9.68
C GLN A 13 -1.09 5.88 -9.52
N VAL A 14 -0.77 4.93 -8.67
CA VAL A 14 0.63 4.56 -8.41
C VAL A 14 1.28 3.97 -9.65
N LYS A 15 0.46 3.55 -10.61
CA LYS A 15 0.97 2.96 -11.85
C LYS A 15 1.33 4.03 -12.86
N ILE A 16 0.44 5.02 -13.00
CA ILE A 16 0.67 6.12 -13.95
C ILE A 16 1.87 6.97 -13.55
N ARG A 17 1.83 7.50 -12.33
CA ARG A 17 2.91 8.34 -11.83
C ARG A 17 4.25 7.62 -11.88
N PHE A 18 4.21 6.29 -11.78
CA PHE A 18 5.43 5.49 -11.82
C PHE A 18 5.41 4.55 -13.03
N GLY A 19 4.94 5.05 -14.15
CA GLY A 19 4.88 4.25 -15.36
C GLY A 19 6.25 3.84 -15.85
N SER A 20 7.26 4.64 -15.53
CA SER A 20 8.62 4.35 -15.95
C SER A 20 9.44 3.76 -14.79
N ASP A 21 8.74 3.24 -13.78
CA ASP A 21 9.40 2.64 -12.63
C ASP A 21 8.66 1.38 -12.18
N PRO A 22 8.82 0.28 -12.93
CA PRO A 22 8.17 -0.99 -12.60
C PRO A 22 8.50 -1.48 -11.19
N ALA A 23 9.68 -1.09 -10.70
CA ALA A 23 10.11 -1.49 -9.37
C ALA A 23 9.14 -0.98 -8.31
N THR A 24 8.76 0.29 -8.42
CA THR A 24 7.83 0.89 -7.46
C THR A 24 6.50 0.15 -7.44
N TYR A 25 5.92 -0.05 -8.63
CA TYR A 25 4.65 -0.75 -8.74
C TYR A 25 4.77 -2.18 -8.27
N ASN A 26 5.78 -2.88 -8.79
CA ASN A 26 6.00 -4.28 -8.42
C ASN A 26 6.25 -4.42 -6.92
N GLY A 27 7.04 -3.49 -6.38
CA GLY A 27 7.35 -3.52 -4.95
C GLY A 27 6.10 -3.40 -4.10
N PHE A 28 5.21 -2.48 -4.47
CA PHE A 28 3.98 -2.27 -3.72
C PHE A 28 3.14 -3.55 -3.66
N LEU A 29 2.93 -4.16 -4.83
CA LEU A 29 2.15 -5.39 -4.92
C LEU A 29 2.76 -6.49 -4.06
N GLU A 30 4.09 -6.54 -4.02
CA GLU A 30 4.80 -7.54 -3.25
C GLU A 30 4.48 -7.41 -1.76
N ILE A 31 4.46 -6.17 -1.28
CA ILE A 31 4.15 -5.91 0.13
C ILE A 31 2.76 -6.40 0.51
N MET A 32 1.78 -6.01 -0.30
CA MET A 32 0.39 -6.39 -0.05
C MET A 32 0.23 -7.91 -0.08
N LYS A 33 0.77 -8.53 -1.13
CA LYS A 33 0.71 -9.98 -1.27
C LYS A 33 1.46 -10.68 -0.15
N GLU A 34 2.52 -10.04 0.33
CA GLU A 34 3.33 -10.60 1.41
C GLU A 34 2.53 -10.68 2.71
N PHE A 35 1.81 -9.61 3.03
CA PHE A 35 1.01 -9.57 4.24
C PHE A 35 -0.11 -10.61 4.19
N LYS A 36 -0.77 -10.69 3.04
CA LYS A 36 -1.86 -11.65 2.86
C LYS A 36 -1.37 -13.07 3.09
N SER A 37 -0.14 -13.35 2.69
CA SER A 37 0.44 -14.67 2.85
C SER A 37 0.56 -15.04 4.33
N GLN A 38 0.48 -14.03 5.20
CA GLN A 38 0.58 -14.26 6.64
C GLN A 38 2.00 -14.65 7.02
N SER A 39 2.98 -14.01 6.40
CA SER A 39 4.38 -14.29 6.68
C SER A 39 5.05 -13.10 7.36
N ILE A 40 4.75 -11.90 6.88
CA ILE A 40 5.32 -10.68 7.44
C ILE A 40 4.36 -10.02 8.43
N ASP A 41 4.90 -9.20 9.32
CA ASP A 41 4.08 -8.52 10.32
C ASP A 41 3.50 -7.22 9.75
N THR A 42 2.68 -6.55 10.55
CA THR A 42 2.07 -5.30 10.13
C THR A 42 3.12 -4.20 9.98
N PRO A 43 3.92 -3.97 11.02
CA PRO A 43 4.97 -2.95 11.00
C PRO A 43 5.84 -3.02 9.76
N GLY A 44 5.95 -4.23 9.20
CA GLY A 44 6.76 -4.42 8.01
C GLY A 44 6.09 -3.86 6.77
N VAL A 45 4.77 -3.91 6.75
CA VAL A 45 4.01 -3.39 5.61
C VAL A 45 4.03 -1.87 5.57
N ILE A 46 3.84 -1.25 6.74
CA ILE A 46 3.84 0.20 6.83
C ILE A 46 5.22 0.77 6.49
N ARG A 47 6.25 0.19 7.06
CA ARG A 47 7.62 0.64 6.81
C ARG A 47 7.99 0.47 5.33
N ARG A 48 7.55 -0.64 4.75
CA ARG A 48 7.83 -0.93 3.35
C ARG A 48 7.28 0.18 2.45
N VAL A 49 5.99 0.42 2.54
CA VAL A 49 5.34 1.44 1.74
C VAL A 49 5.87 2.83 2.08
N SER A 50 6.08 3.08 3.37
CA SER A 50 6.59 4.36 3.83
C SER A 50 7.97 4.64 3.26
N GLN A 51 8.67 3.58 2.86
CA GLN A 51 10.00 3.72 2.29
C GLN A 51 9.94 3.78 0.76
N LEU A 52 9.00 3.03 0.19
CA LEU A 52 8.83 3.00 -1.26
C LEU A 52 8.51 4.38 -1.82
N PHE A 53 7.72 5.14 -1.06
CA PHE A 53 7.34 6.48 -1.47
C PHE A 53 7.97 7.53 -0.55
N HIS A 54 9.28 7.46 -0.39
CA HIS A 54 10.00 8.40 0.46
C HIS A 54 9.88 9.83 -0.06
N GLU A 55 9.63 9.96 -1.36
CA GLU A 55 9.48 11.28 -1.98
C GLU A 55 8.05 11.51 -2.47
N HIS A 56 7.10 10.81 -1.86
CA HIS A 56 5.70 10.95 -2.23
C HIS A 56 4.80 10.94 -1.00
N PRO A 57 4.58 12.12 -0.40
CA PRO A 57 3.73 12.25 0.80
C PRO A 57 2.31 11.76 0.57
N ASP A 58 1.71 12.22 -0.54
CA ASP A 58 0.35 11.83 -0.88
C ASP A 58 0.18 10.32 -0.93
N LEU A 59 1.29 9.60 -1.07
CA LEU A 59 1.26 8.15 -1.13
C LEU A 59 1.33 7.56 0.27
N ILE A 60 2.41 7.88 0.98
CA ILE A 60 2.59 7.39 2.35
C ILE A 60 1.43 7.84 3.22
N VAL A 61 0.86 9.00 2.89
CA VAL A 61 -0.27 9.54 3.64
C VAL A 61 -1.55 8.79 3.29
N GLY A 62 -1.78 8.61 1.98
CA GLY A 62 -2.97 7.91 1.54
C GLY A 62 -3.04 6.51 2.10
N PHE A 63 -1.89 5.86 2.19
CA PHE A 63 -1.82 4.49 2.72
C PHE A 63 -2.01 4.50 4.23
N ASN A 64 -1.52 5.55 4.87
CA ASN A 64 -1.64 5.68 6.31
C ASN A 64 -3.09 5.85 6.73
N ALA A 65 -3.92 6.35 5.81
CA ALA A 65 -5.33 6.56 6.09
C ALA A 65 -6.10 5.24 6.11
N PHE A 66 -5.42 4.13 5.83
CA PHE A 66 -6.07 2.83 5.81
C PHE A 66 -5.79 2.08 7.12
N LEU A 67 -4.59 2.27 7.66
CA LEU A 67 -4.20 1.61 8.90
C LEU A 67 -4.86 2.28 10.10
N PRO A 68 -5.19 1.50 11.15
CA PRO A 68 -5.83 2.03 12.36
C PRO A 68 -4.88 2.87 13.20
N LEU A 69 -5.40 3.45 14.27
CA LEU A 69 -4.59 4.27 15.17
C LEU A 69 -3.65 3.42 16.01
N GLY A 70 -4.03 2.16 16.21
CA GLY A 70 -3.21 1.26 17.01
C GLY A 70 -1.78 1.20 16.51
N TYR A 71 -1.57 1.46 15.23
CA TYR A 71 -0.24 1.43 14.64
C TYR A 71 0.08 2.75 13.96
N ARG A 72 1.07 3.46 14.49
CA ARG A 72 1.48 4.74 13.93
C ARG A 72 2.49 4.56 12.81
N ILE A 73 2.34 5.34 11.74
CA ILE A 73 3.24 5.24 10.60
C ILE A 73 4.56 5.97 10.88
N ASP A 74 5.65 5.41 10.37
CA ASP A 74 6.97 5.99 10.57
C ASP A 74 7.39 6.83 9.36
N ILE A 75 7.97 8.00 9.62
CA ILE A 75 8.41 8.88 8.55
C ILE A 75 9.73 9.55 8.90
N PRO A 76 10.86 8.92 8.55
CA PRO A 76 12.20 9.45 8.83
C PRO A 76 12.51 10.69 7.99
N LYS A 77 12.81 11.79 8.68
CA LYS A 77 13.12 13.04 7.99
C LYS A 77 11.96 13.51 7.14
N ALA B 1 -4.82 -6.44 10.14
CA ALA B 1 -5.86 -5.44 9.80
C ALA B 1 -6.75 -5.93 8.66
N PRO B 2 -8.06 -5.65 8.70
CA PRO B 2 -8.99 -6.08 7.66
C PRO B 2 -8.84 -5.28 6.37
N GLN B 3 -8.35 -4.05 6.50
CA GLN B 3 -8.15 -3.19 5.35
C GLN B 3 -6.91 -3.61 4.57
N LEU B 4 -6.00 -4.29 5.24
CA LEU B 4 -4.78 -4.78 4.61
C LEU B 4 -5.07 -6.01 3.77
N ILE B 5 -6.01 -6.82 4.22
CA ILE B 5 -6.40 -8.02 3.50
C ILE B 5 -7.19 -7.67 2.26
N MET B 6 -8.06 -6.67 2.38
CA MET B 6 -8.88 -6.23 1.26
C MET B 6 -8.04 -5.50 0.23
N LEU B 7 -6.97 -4.85 0.70
CA LEU B 7 -6.06 -4.13 -0.18
C LEU B 7 -5.30 -5.09 -1.08
N ALA B 8 -4.73 -6.12 -0.48
CA ALA B 8 -3.97 -7.12 -1.22
C ALA B 8 -4.87 -7.89 -2.17
N ASN B 9 -6.14 -8.03 -1.80
CA ASN B 9 -7.11 -8.74 -2.62
C ASN B 9 -7.29 -8.04 -3.96
N VAL B 10 -7.53 -6.73 -3.89
CA VAL B 10 -7.72 -5.93 -5.09
C VAL B 10 -6.44 -5.88 -5.92
N ALA B 11 -5.30 -5.98 -5.25
CA ALA B 11 -4.01 -5.96 -5.91
C ALA B 11 -3.74 -7.30 -6.57
N LEU B 12 -4.20 -8.36 -5.91
CA LEU B 12 -4.01 -9.70 -6.42
C LEU B 12 -5.13 -10.08 -7.39
N THR B 13 -6.25 -9.36 -7.31
CA THR B 13 -7.39 -9.62 -8.17
C THR B 13 -8.40 -8.47 -8.09
N GLY B 14 -8.17 -7.43 -8.88
CA GLY B 14 -9.07 -6.29 -8.88
C GLY B 14 -10.01 -6.30 -10.07
N GLU B 15 -10.53 -7.46 -10.39
CA GLU B 15 -11.46 -7.61 -11.51
C GLU B 15 -12.69 -6.73 -11.33
N PRO A 1 -11.91 -2.76 5.92
CA PRO A 1 -11.73 -2.44 4.47
C PRO A 1 -12.48 -1.17 4.07
N VAL A 2 -11.73 -0.20 3.55
CA VAL A 2 -12.32 1.06 3.12
C VAL A 2 -13.37 0.84 2.04
N HIS A 3 -12.92 0.69 0.81
CA HIS A 3 -13.82 0.47 -0.32
C HIS A 3 -13.05 0.06 -1.56
N VAL A 4 -13.67 -0.78 -2.38
CA VAL A 4 -13.05 -1.25 -3.61
C VAL A 4 -12.69 -0.07 -4.52
N GLU A 5 -13.56 0.93 -4.55
CA GLU A 5 -13.33 2.12 -5.36
C GLU A 5 -12.14 2.90 -4.84
N ASP A 6 -12.02 2.96 -3.51
CA ASP A 6 -10.92 3.68 -2.87
C ASP A 6 -9.61 2.92 -3.07
N ALA A 7 -9.67 1.59 -2.97
CA ALA A 7 -8.49 0.76 -3.14
C ALA A 7 -8.04 0.75 -4.61
N LEU A 8 -9.01 0.68 -5.50
CA LEU A 8 -8.72 0.66 -6.94
C LEU A 8 -8.09 1.96 -7.38
N THR A 9 -8.74 3.08 -7.07
CA THR A 9 -8.23 4.40 -7.44
C THR A 9 -6.80 4.59 -6.95
N TYR A 10 -6.54 4.16 -5.71
CA TYR A 10 -5.22 4.30 -5.12
C TYR A 10 -4.17 3.65 -6.02
N LEU A 11 -4.37 2.38 -6.34
CA LEU A 11 -3.43 1.66 -7.20
C LEU A 11 -3.38 2.27 -8.59
N ASP A 12 -4.49 2.85 -9.03
CA ASP A 12 -4.55 3.48 -10.35
C ASP A 12 -3.62 4.68 -10.43
N GLN A 13 -3.60 5.46 -9.36
CA GLN A 13 -2.75 6.65 -9.30
C GLN A 13 -1.30 6.27 -9.03
N VAL A 14 -1.10 5.14 -8.38
CA VAL A 14 0.23 4.64 -8.06
C VAL A 14 0.86 3.97 -9.28
N LYS A 15 0.02 3.37 -10.11
CA LYS A 15 0.48 2.68 -11.31
C LYS A 15 0.94 3.69 -12.36
N ILE A 16 0.09 4.68 -12.62
CA ILE A 16 0.42 5.71 -13.60
C ILE A 16 1.62 6.54 -13.16
N ARG A 17 1.67 6.86 -11.87
CA ARG A 17 2.77 7.65 -11.32
C ARG A 17 4.09 6.92 -11.51
N PHE A 18 4.06 5.60 -11.51
CA PHE A 18 5.26 4.79 -11.68
C PHE A 18 5.13 3.91 -12.92
N GLY A 19 4.58 4.45 -13.99
CA GLY A 19 4.42 3.70 -15.22
C GLY A 19 5.74 3.42 -15.90
N SER A 20 6.65 4.39 -15.86
CA SER A 20 7.96 4.24 -16.47
C SER A 20 8.91 3.46 -15.56
N ASP A 21 8.57 3.38 -14.28
CA ASP A 21 9.39 2.67 -13.32
C ASP A 21 8.57 1.62 -12.56
N PRO A 22 8.51 0.39 -13.09
CA PRO A 22 7.75 -0.70 -12.46
C PRO A 22 8.40 -1.19 -11.17
N ALA A 23 9.60 -0.72 -10.89
CA ALA A 23 10.33 -1.12 -9.68
C ALA A 23 9.49 -0.86 -8.44
N THR A 24 8.77 0.26 -8.42
CA THR A 24 7.93 0.61 -7.29
C THR A 24 6.66 -0.21 -7.27
N TYR A 25 6.06 -0.39 -8.44
CA TYR A 25 4.84 -1.18 -8.56
C TYR A 25 5.06 -2.62 -8.12
N ASN A 26 6.13 -3.22 -8.65
CA ASN A 26 6.46 -4.60 -8.32
C ASN A 26 6.74 -4.75 -6.83
N GLY A 27 7.49 -3.80 -6.27
CA GLY A 27 7.82 -3.84 -4.86
C GLY A 27 6.59 -3.79 -3.97
N PHE A 28 5.70 -2.85 -4.25
CA PHE A 28 4.48 -2.69 -3.48
C PHE A 28 3.61 -3.94 -3.58
N LEU A 29 3.63 -4.58 -4.75
CA LEU A 29 2.85 -5.78 -4.97
C LEU A 29 3.35 -6.93 -4.09
N GLU A 30 4.66 -7.11 -4.07
CA GLU A 30 5.26 -8.17 -3.26
C GLU A 30 4.91 -8.00 -1.78
N ILE A 31 4.85 -6.75 -1.34
CA ILE A 31 4.52 -6.45 0.05
C ILE A 31 3.06 -6.79 0.35
N MET A 32 2.21 -6.63 -0.65
CA MET A 32 0.78 -6.91 -0.50
C MET A 32 0.53 -8.41 -0.50
N LYS A 33 1.17 -9.12 -1.42
CA LYS A 33 1.02 -10.56 -1.53
C LYS A 33 1.66 -11.26 -0.33
N GLU A 34 2.74 -10.69 0.17
CA GLU A 34 3.45 -11.26 1.31
C GLU A 34 2.61 -11.15 2.58
N PHE A 35 1.95 -10.00 2.74
CA PHE A 35 1.11 -9.77 3.91
C PHE A 35 -0.04 -10.77 3.96
N LYS A 36 -0.70 -10.97 2.82
CA LYS A 36 -1.82 -11.90 2.73
C LYS A 36 -1.38 -13.31 3.13
N SER A 37 -0.17 -13.68 2.72
CA SER A 37 0.37 -14.99 3.04
C SER A 37 0.57 -15.16 4.54
N GLN A 38 0.56 -14.04 5.26
CA GLN A 38 0.75 -14.06 6.71
C GLN A 38 2.21 -14.32 7.07
N SER A 39 3.11 -13.70 6.32
CA SER A 39 4.55 -13.88 6.55
C SER A 39 5.13 -12.65 7.24
N ILE A 40 4.72 -11.48 6.79
CA ILE A 40 5.21 -10.22 7.36
C ILE A 40 4.20 -9.64 8.36
N ASP A 41 4.71 -8.97 9.37
CA ASP A 41 3.86 -8.36 10.39
C ASP A 41 3.35 -6.99 9.94
N THR A 42 2.42 -6.43 10.71
CA THR A 42 1.86 -5.12 10.39
C THR A 42 2.95 -4.05 10.35
N PRO A 43 3.75 -3.95 11.43
CA PRO A 43 4.84 -2.96 11.51
C PRO A 43 5.73 -2.99 10.28
N GLY A 44 5.99 -4.18 9.77
CA GLY A 44 6.84 -4.32 8.60
C GLY A 44 6.19 -3.77 7.35
N VAL A 45 4.87 -3.96 7.23
CA VAL A 45 4.14 -3.47 6.07
C VAL A 45 4.21 -1.95 5.96
N ILE A 46 3.93 -1.27 7.08
CA ILE A 46 3.97 0.18 7.11
C ILE A 46 5.36 0.70 6.77
N ARG A 47 6.37 0.07 7.35
CA ARG A 47 7.75 0.46 7.10
C ARG A 47 8.11 0.34 5.63
N ARG A 48 7.70 -0.78 5.02
CA ARG A 48 7.97 -1.03 3.61
C ARG A 48 7.36 0.06 2.75
N VAL A 49 6.07 0.32 2.96
CA VAL A 49 5.35 1.34 2.20
C VAL A 49 5.96 2.72 2.43
N SER A 50 6.28 3.02 3.69
CA SER A 50 6.86 4.30 4.04
C SER A 50 8.22 4.50 3.36
N GLN A 51 8.85 3.39 2.98
CA GLN A 51 10.14 3.45 2.32
C GLN A 51 9.97 3.67 0.83
N LEU A 52 9.06 2.92 0.21
CA LEU A 52 8.80 3.04 -1.22
C LEU A 52 8.33 4.45 -1.57
N PHE A 53 7.58 5.06 -0.65
CA PHE A 53 7.06 6.41 -0.87
C PHE A 53 7.81 7.42 0.01
N HIS A 54 9.13 7.41 -0.09
CA HIS A 54 9.95 8.32 0.70
C HIS A 54 9.65 9.78 0.35
N GLU A 55 9.79 10.12 -0.92
CA GLU A 55 9.55 11.49 -1.38
C GLU A 55 8.17 11.59 -2.03
N HIS A 56 7.25 10.73 -1.63
CA HIS A 56 5.90 10.73 -2.18
C HIS A 56 4.86 10.80 -1.07
N PRO A 57 4.46 12.03 -0.67
CA PRO A 57 3.47 12.24 0.40
C PRO A 57 2.09 11.72 0.01
N ASP A 58 1.61 12.12 -1.16
CA ASP A 58 0.29 11.70 -1.64
C ASP A 58 0.15 10.18 -1.61
N LEU A 59 1.29 9.47 -1.63
CA LEU A 59 1.29 8.02 -1.60
C LEU A 59 1.19 7.51 -0.17
N ILE A 60 2.16 7.90 0.65
CA ILE A 60 2.17 7.49 2.05
C ILE A 60 0.91 7.96 2.76
N VAL A 61 0.33 9.06 2.26
CA VAL A 61 -0.90 9.59 2.83
C VAL A 61 -2.10 8.75 2.42
N GLY A 62 -2.20 8.48 1.12
CA GLY A 62 -3.31 7.68 0.61
C GLY A 62 -3.35 6.30 1.25
N PHE A 63 -2.18 5.71 1.46
CA PHE A 63 -2.08 4.40 2.06
C PHE A 63 -2.41 4.45 3.55
N ASN A 64 -2.05 5.57 4.17
CA ASN A 64 -2.30 5.77 5.59
C ASN A 64 -3.79 5.76 5.89
N ALA A 65 -4.58 6.29 4.95
CA ALA A 65 -6.02 6.33 5.10
C ALA A 65 -6.61 4.94 5.32
N PHE A 66 -5.87 3.91 4.89
CA PHE A 66 -6.33 2.54 5.04
C PHE A 66 -5.66 1.87 6.24
N LEU A 67 -5.33 2.68 7.24
CA LEU A 67 -4.68 2.16 8.45
C LEU A 67 -5.40 2.66 9.71
N PRO A 68 -5.79 1.73 10.60
CA PRO A 68 -6.49 2.08 11.84
C PRO A 68 -5.73 3.12 12.65
N LEU A 69 -6.32 3.55 13.77
CA LEU A 69 -5.70 4.54 14.63
C LEU A 69 -4.70 3.88 15.59
N GLY A 70 -4.96 2.62 15.94
CA GLY A 70 -4.09 1.91 16.85
C GLY A 70 -2.66 1.84 16.33
N TYR A 71 -2.50 1.90 15.02
CA TYR A 71 -1.17 1.85 14.41
C TYR A 71 -0.95 3.03 13.48
N ARG A 72 -0.32 4.08 14.00
CA ARG A 72 -0.05 5.27 13.21
C ARG A 72 1.10 5.03 12.23
N ILE A 73 0.95 5.55 11.02
CA ILE A 73 1.98 5.39 9.99
C ILE A 73 3.27 6.11 10.38
N ASP A 74 4.38 5.39 10.33
CA ASP A 74 5.68 5.95 10.68
C ASP A 74 6.28 6.72 9.50
N ILE A 75 6.43 8.03 9.68
CA ILE A 75 6.99 8.88 8.63
C ILE A 75 8.45 9.21 8.91
N PRO A 76 9.28 9.33 7.85
CA PRO A 76 10.70 9.65 7.99
C PRO A 76 10.93 10.90 8.82
N LYS A 77 12.05 10.94 9.54
CA LYS A 77 12.39 12.09 10.38
C LYS A 77 13.75 11.90 11.03
N ALA B 1 -4.59 -6.63 9.67
CA ALA B 1 -5.68 -5.62 9.47
C ALA B 1 -6.53 -5.98 8.25
N PRO B 2 -7.83 -5.63 8.30
CA PRO B 2 -8.76 -5.92 7.19
C PRO B 2 -8.53 -5.01 5.98
N GLN B 3 -7.90 -3.87 6.22
CA GLN B 3 -7.62 -2.92 5.14
C GLN B 3 -6.41 -3.36 4.34
N LEU B 4 -5.51 -4.08 4.99
CA LEU B 4 -4.30 -4.57 4.35
C LEU B 4 -4.60 -5.81 3.50
N ILE B 5 -5.54 -6.62 4.00
CA ILE B 5 -5.94 -7.84 3.29
C ILE B 5 -6.81 -7.50 2.09
N MET B 6 -7.60 -6.43 2.23
CA MET B 6 -8.49 -6.00 1.16
C MET B 6 -7.70 -5.25 0.09
N LEU B 7 -6.64 -4.59 0.50
CA LEU B 7 -5.80 -3.85 -0.43
C LEU B 7 -5.00 -4.79 -1.31
N ALA B 8 -4.45 -5.84 -0.70
CA ALA B 8 -3.67 -6.83 -1.43
C ALA B 8 -4.57 -7.66 -2.34
N ASN B 9 -5.80 -7.90 -1.90
CA ASN B 9 -6.74 -8.69 -2.69
C ASN B 9 -7.08 -7.98 -4.00
N VAL B 10 -7.41 -6.70 -3.90
CA VAL B 10 -7.74 -5.91 -5.08
C VAL B 10 -6.53 -5.73 -5.98
N ALA B 11 -5.34 -5.75 -5.37
CA ALA B 11 -4.11 -5.58 -6.10
C ALA B 11 -3.71 -6.90 -6.76
N LEU B 12 -4.00 -8.00 -6.08
CA LEU B 12 -3.69 -9.32 -6.59
C LEU B 12 -4.81 -9.83 -7.49
N THR B 13 -5.99 -9.25 -7.34
CA THR B 13 -7.15 -9.64 -8.14
C THR B 13 -8.32 -8.69 -7.89
N GLY B 14 -8.19 -7.46 -8.37
CA GLY B 14 -9.25 -6.48 -8.20
C GLY B 14 -9.78 -5.96 -9.52
N GLU B 15 -9.69 -6.79 -10.56
CA GLU B 15 -10.16 -6.40 -11.88
C GLU B 15 -11.68 -6.30 -11.90
N PRO A 1 -17.11 4.14 1.81
CA PRO A 1 -16.47 2.99 2.52
C PRO A 1 -15.14 2.60 1.88
N VAL A 2 -14.19 2.20 2.72
CA VAL A 2 -12.87 1.80 2.23
C VAL A 2 -12.91 0.40 1.65
N HIS A 3 -13.36 0.29 0.40
CA HIS A 3 -13.44 -0.99 -0.28
C HIS A 3 -12.69 -0.96 -1.61
N VAL A 4 -13.00 -1.91 -2.49
CA VAL A 4 -12.34 -2.00 -3.81
C VAL A 4 -12.19 -0.62 -4.46
N GLU A 5 -13.13 0.28 -4.18
CA GLU A 5 -13.10 1.62 -4.74
C GLU A 5 -11.88 2.39 -4.24
N ASP A 6 -11.64 2.30 -2.93
CA ASP A 6 -10.50 2.98 -2.33
C ASP A 6 -9.18 2.43 -2.85
N ALA A 7 -9.09 1.10 -2.92
CA ALA A 7 -7.88 0.45 -3.40
C ALA A 7 -7.70 0.65 -4.90
N LEU A 8 -8.83 0.75 -5.61
CA LEU A 8 -8.81 0.95 -7.06
C LEU A 8 -8.16 2.29 -7.43
N THR A 9 -8.69 3.36 -6.84
CA THR A 9 -8.17 4.70 -7.11
C THR A 9 -6.69 4.80 -6.73
N TYR A 10 -6.35 4.28 -5.56
CA TYR A 10 -4.98 4.32 -5.07
C TYR A 10 -4.03 3.68 -6.07
N LEU A 11 -4.40 2.50 -6.56
CA LEU A 11 -3.58 1.78 -7.53
C LEU A 11 -3.43 2.59 -8.82
N ASP A 12 -4.45 3.37 -9.15
CA ASP A 12 -4.42 4.18 -10.36
C ASP A 12 -3.43 5.33 -10.23
N GLN A 13 -3.28 5.81 -9.00
CA GLN A 13 -2.35 6.90 -8.73
C GLN A 13 -0.93 6.39 -8.60
N VAL A 14 -0.79 5.12 -8.22
CA VAL A 14 0.51 4.50 -8.07
C VAL A 14 1.06 4.06 -9.41
N LYS A 15 0.17 3.73 -10.34
CA LYS A 15 0.57 3.30 -11.67
C LYS A 15 0.99 4.49 -12.53
N ILE A 16 0.18 5.55 -12.50
CA ILE A 16 0.46 6.75 -13.27
C ILE A 16 1.71 7.45 -12.75
N ARG A 17 1.85 7.52 -11.44
CA ARG A 17 3.00 8.15 -10.81
C ARG A 17 4.27 7.34 -11.03
N PHE A 18 4.11 6.02 -11.12
CA PHE A 18 5.24 5.13 -11.34
C PHE A 18 5.02 4.25 -12.56
N GLY A 19 4.54 4.86 -13.64
CA GLY A 19 4.29 4.11 -14.86
C GLY A 19 5.54 3.46 -15.40
N SER A 20 6.68 4.13 -15.24
CA SER A 20 7.95 3.60 -15.72
C SER A 20 8.82 3.15 -14.56
N ASP A 21 8.21 2.48 -13.58
CA ASP A 21 8.93 2.00 -12.42
C ASP A 21 8.43 0.61 -12.02
N PRO A 22 9.07 -0.45 -12.52
CA PRO A 22 8.69 -1.83 -12.20
C PRO A 22 8.96 -2.19 -10.74
N ALA A 23 10.09 -1.70 -10.22
CA ALA A 23 10.47 -1.96 -8.84
C ALA A 23 9.41 -1.44 -7.87
N THR A 24 8.82 -0.29 -8.22
CA THR A 24 7.80 0.32 -7.38
C THR A 24 6.50 -0.48 -7.44
N TYR A 25 6.07 -0.81 -8.64
CA TYR A 25 4.84 -1.58 -8.83
C TYR A 25 4.99 -2.98 -8.25
N ASN A 26 5.97 -3.73 -8.75
CA ASN A 26 6.22 -5.08 -8.27
C ASN A 26 6.50 -5.10 -6.77
N GLY A 27 7.13 -4.03 -6.29
CA GLY A 27 7.46 -3.93 -4.88
C GLY A 27 6.22 -3.80 -4.01
N PHE A 28 5.35 -2.87 -4.35
CA PHE A 28 4.13 -2.65 -3.59
C PHE A 28 3.29 -3.93 -3.53
N LEU A 29 3.16 -4.60 -4.66
CA LEU A 29 2.39 -5.83 -4.74
C LEU A 29 3.04 -6.92 -3.89
N GLU A 30 4.37 -6.91 -3.86
CA GLU A 30 5.12 -7.90 -3.08
C GLU A 30 4.79 -7.79 -1.60
N ILE A 31 4.57 -6.56 -1.13
CA ILE A 31 4.25 -6.32 0.26
C ILE A 31 2.85 -6.84 0.60
N MET A 32 1.87 -6.46 -0.22
CA MET A 32 0.50 -6.89 -0.01
C MET A 32 0.36 -8.40 -0.25
N LYS A 33 1.16 -8.92 -1.18
CA LYS A 33 1.13 -10.34 -1.50
C LYS A 33 1.74 -11.17 -0.36
N GLU A 34 2.70 -10.59 0.33
CA GLU A 34 3.36 -11.27 1.44
C GLU A 34 2.54 -11.18 2.71
N PHE A 35 1.78 -10.09 2.84
CA PHE A 35 0.93 -9.89 4.02
C PHE A 35 -0.24 -10.86 4.02
N LYS A 36 -0.83 -11.08 2.84
CA LYS A 36 -1.95 -11.99 2.71
C LYS A 36 -1.60 -13.38 3.22
N SER A 37 -0.34 -13.76 3.06
CA SER A 37 0.14 -15.06 3.50
C SER A 37 0.07 -15.19 5.03
N GLN A 38 -0.08 -14.05 5.71
CA GLN A 38 -0.15 -14.03 7.16
C GLN A 38 1.18 -14.41 7.78
N SER A 39 2.26 -13.88 7.23
CA SER A 39 3.61 -14.16 7.72
C SER A 39 4.24 -12.91 8.31
N ILE A 40 4.24 -11.83 7.54
CA ILE A 40 4.82 -10.57 7.98
C ILE A 40 3.93 -9.88 9.02
N ASP A 41 4.40 -8.74 9.53
CA ASP A 41 3.64 -8.00 10.52
C ASP A 41 3.24 -6.62 9.98
N THR A 42 2.59 -5.83 10.82
CA THR A 42 2.16 -4.49 10.42
C THR A 42 3.35 -3.56 10.21
N PRO A 43 4.25 -3.47 11.21
CA PRO A 43 5.44 -2.62 11.12
C PRO A 43 6.20 -2.81 9.81
N GLY A 44 6.09 -4.00 9.23
CA GLY A 44 6.76 -4.28 7.98
C GLY A 44 6.06 -3.66 6.79
N VAL A 45 4.75 -3.50 6.89
CA VAL A 45 3.95 -2.91 5.81
C VAL A 45 4.12 -1.39 5.78
N ILE A 46 4.29 -0.79 6.95
CA ILE A 46 4.46 0.65 7.05
C ILE A 46 5.85 1.08 6.57
N ARG A 47 6.86 0.35 7.02
CA ARG A 47 8.24 0.65 6.65
C ARG A 47 8.46 0.41 5.16
N ARG A 48 7.99 -0.73 4.67
CA ARG A 48 8.14 -1.08 3.26
C ARG A 48 7.51 -0.03 2.36
N VAL A 49 6.29 0.40 2.72
CA VAL A 49 5.57 1.41 1.94
C VAL A 49 6.14 2.79 2.21
N SER A 50 6.45 3.08 3.47
CA SER A 50 6.99 4.38 3.84
C SER A 50 8.29 4.67 3.10
N GLN A 51 8.95 3.62 2.63
CA GLN A 51 10.20 3.77 1.89
C GLN A 51 9.94 3.83 0.38
N LEU A 52 8.99 3.03 -0.09
CA LEU A 52 8.64 3.00 -1.50
C LEU A 52 8.10 4.35 -1.96
N PHE A 53 7.44 5.05 -1.05
CA PHE A 53 6.87 6.36 -1.36
C PHE A 53 7.45 7.44 -0.46
N HIS A 54 8.78 7.47 -0.38
CA HIS A 54 9.47 8.46 0.45
C HIS A 54 9.30 9.86 -0.11
N GLU A 55 9.38 9.98 -1.43
CA GLU A 55 9.24 11.29 -2.09
C GLU A 55 7.84 11.44 -2.68
N HIS A 56 6.85 10.80 -2.05
CA HIS A 56 5.47 10.88 -2.52
C HIS A 56 4.51 10.99 -1.33
N PRO A 57 4.27 12.22 -0.86
CA PRO A 57 3.36 12.46 0.27
C PRO A 57 1.95 11.92 0.01
N ASP A 58 1.32 12.41 -1.05
CA ASP A 58 -0.02 11.98 -1.43
C ASP A 58 -0.13 10.45 -1.51
N LEU A 59 1.01 9.80 -1.70
CA LEU A 59 1.05 8.34 -1.79
C LEU A 59 1.05 7.73 -0.40
N ILE A 60 2.02 8.14 0.41
CA ILE A 60 2.13 7.64 1.77
C ILE A 60 0.91 8.06 2.59
N VAL A 61 0.29 9.17 2.18
CA VAL A 61 -0.89 9.67 2.87
C VAL A 61 -2.10 8.79 2.56
N GLY A 62 -2.31 8.48 1.28
CA GLY A 62 -3.42 7.64 0.90
C GLY A 62 -3.40 6.30 1.59
N PHE A 63 -2.22 5.69 1.65
CA PHE A 63 -2.06 4.39 2.29
C PHE A 63 -2.22 4.50 3.79
N ASN A 64 -1.87 5.66 4.33
CA ASN A 64 -1.97 5.91 5.77
C ASN A 64 -3.43 6.07 6.19
N ALA A 65 -4.28 6.42 5.23
CA ALA A 65 -5.71 6.60 5.50
C ALA A 65 -6.43 5.27 5.71
N PHE A 66 -5.70 4.17 5.55
CA PHE A 66 -6.28 2.84 5.72
C PHE A 66 -5.95 2.27 7.08
N LEU A 67 -4.81 2.67 7.62
CA LEU A 67 -4.38 2.19 8.94
C LEU A 67 -4.91 3.09 10.05
N PRO A 68 -5.35 2.50 11.17
CA PRO A 68 -5.89 3.26 12.31
C PRO A 68 -4.93 4.34 12.78
N LEU A 69 -5.36 5.13 13.77
CA LEU A 69 -4.54 6.21 14.30
C LEU A 69 -3.33 5.65 15.04
N GLY A 70 -3.50 4.47 15.64
CA GLY A 70 -2.41 3.85 16.38
C GLY A 70 -1.20 3.59 15.51
N TYR A 71 -1.45 3.26 14.25
CA TYR A 71 -0.36 2.98 13.30
C TYR A 71 -0.14 4.17 12.37
N ARG A 72 0.49 5.21 12.90
CA ARG A 72 0.77 6.40 12.12
C ARG A 72 2.06 6.25 11.32
N ILE A 73 1.97 6.50 10.01
CA ILE A 73 3.13 6.37 9.13
C ILE A 73 3.95 7.65 9.14
N ASP A 74 5.23 7.52 9.48
CA ASP A 74 6.13 8.66 9.53
C ASP A 74 7.02 8.71 8.29
N ILE A 75 7.21 9.91 7.74
CA ILE A 75 8.02 10.09 6.56
C ILE A 75 9.07 11.18 6.77
N PRO A 76 10.27 10.80 7.27
CA PRO A 76 11.35 11.75 7.53
C PRO A 76 11.78 12.48 6.26
N LYS A 77 12.05 13.78 6.40
CA LYS A 77 12.47 14.60 5.27
C LYS A 77 11.42 14.60 4.17
N ALA B 1 -6.46 -6.30 10.63
CA ALA B 1 -6.54 -5.28 9.55
C ALA B 1 -7.25 -5.84 8.32
N PRO B 2 -8.60 -5.71 8.28
CA PRO B 2 -9.39 -6.21 7.15
C PRO B 2 -9.16 -5.41 5.88
N GLN B 3 -8.68 -4.17 6.03
CA GLN B 3 -8.40 -3.31 4.89
C GLN B 3 -7.09 -3.69 4.22
N LEU B 4 -6.23 -4.38 4.96
CA LEU B 4 -4.94 -4.80 4.44
C LEU B 4 -5.10 -6.05 3.57
N ILE B 5 -5.98 -6.95 4.01
CA ILE B 5 -6.24 -8.18 3.27
C ILE B 5 -7.05 -7.87 2.02
N MET B 6 -7.95 -6.90 2.12
CA MET B 6 -8.79 -6.51 1.00
C MET B 6 -8.00 -5.68 -0.01
N LEU B 7 -6.99 -4.98 0.48
CA LEU B 7 -6.14 -4.16 -0.37
C LEU B 7 -5.26 -5.03 -1.26
N ALA B 8 -4.69 -6.08 -0.66
CA ALA B 8 -3.83 -7.00 -1.39
C ALA B 8 -4.63 -7.81 -2.40
N ASN B 9 -5.85 -8.17 -2.03
CA ASN B 9 -6.72 -8.94 -2.91
C ASN B 9 -7.08 -8.15 -4.16
N VAL B 10 -7.33 -6.86 -3.99
CA VAL B 10 -7.68 -6.00 -5.11
C VAL B 10 -6.46 -5.74 -5.98
N ALA B 11 -5.28 -5.77 -5.37
CA ALA B 11 -4.04 -5.54 -6.10
C ALA B 11 -3.65 -6.79 -6.88
N LEU B 12 -3.98 -7.95 -6.31
CA LEU B 12 -3.67 -9.22 -6.96
C LEU B 12 -4.83 -9.67 -7.84
N THR B 13 -6.02 -9.17 -7.54
CA THR B 13 -7.22 -9.50 -8.31
C THR B 13 -8.39 -8.61 -7.90
N GLY B 14 -8.41 -7.39 -8.42
CA GLY B 14 -9.48 -6.46 -8.10
C GLY B 14 -10.67 -6.60 -9.03
N GLU B 15 -10.39 -6.80 -10.32
CA GLU B 15 -11.44 -6.97 -11.31
C GLU B 15 -12.27 -8.22 -11.04
N PRO A 1 -17.30 5.01 1.03
CA PRO A 1 -16.32 4.49 2.02
C PRO A 1 -15.17 3.76 1.36
N VAL A 2 -14.11 3.48 2.13
CA VAL A 2 -12.95 2.79 1.62
C VAL A 2 -13.30 1.38 1.15
N HIS A 3 -13.81 1.29 -0.07
CA HIS A 3 -14.19 0.00 -0.65
C HIS A 3 -13.33 -0.32 -1.86
N VAL A 4 -13.78 -1.30 -2.66
CA VAL A 4 -13.05 -1.70 -3.86
C VAL A 4 -12.76 -0.50 -4.76
N GLU A 5 -13.62 0.51 -4.69
CA GLU A 5 -13.45 1.71 -5.50
C GLU A 5 -12.28 2.55 -4.99
N ASP A 6 -12.14 2.63 -3.67
CA ASP A 6 -11.05 3.39 -3.07
C ASP A 6 -9.71 2.71 -3.29
N ALA A 7 -9.72 1.38 -3.26
CA ALA A 7 -8.50 0.61 -3.47
C ALA A 7 -8.10 0.60 -4.94
N LEU A 8 -9.10 0.54 -5.82
CA LEU A 8 -8.85 0.53 -7.25
C LEU A 8 -8.24 1.85 -7.71
N THR A 9 -8.86 2.96 -7.31
CA THR A 9 -8.38 4.29 -7.68
C THR A 9 -6.96 4.51 -7.18
N TYR A 10 -6.72 4.13 -5.94
CA TYR A 10 -5.41 4.29 -5.33
C TYR A 10 -4.32 3.68 -6.19
N LEU A 11 -4.54 2.43 -6.61
CA LEU A 11 -3.58 1.71 -7.44
C LEU A 11 -3.41 2.42 -8.79
N ASP A 12 -4.48 3.04 -9.27
CA ASP A 12 -4.45 3.74 -10.55
C ASP A 12 -3.54 4.96 -10.46
N GLN A 13 -3.49 5.57 -9.29
CA GLN A 13 -2.66 6.74 -9.06
C GLN A 13 -1.22 6.34 -8.79
N VAL A 14 -1.04 5.13 -8.28
CA VAL A 14 0.28 4.61 -7.98
C VAL A 14 1.00 4.16 -9.24
N LYS A 15 0.22 3.74 -10.24
CA LYS A 15 0.78 3.29 -11.51
C LYS A 15 1.14 4.48 -12.40
N ILE A 16 0.19 5.40 -12.56
CA ILE A 16 0.41 6.57 -13.38
C ILE A 16 1.57 7.41 -12.84
N ARG A 17 1.66 7.51 -11.52
CA ARG A 17 2.71 8.28 -10.88
C ARG A 17 4.07 7.61 -11.09
N PHE A 18 4.06 6.29 -11.26
CA PHE A 18 5.29 5.54 -11.48
C PHE A 18 5.31 4.92 -12.87
N GLY A 19 4.81 5.67 -13.85
CA GLY A 19 4.78 5.19 -15.22
C GLY A 19 6.15 4.77 -15.72
N SER A 20 7.20 5.39 -15.17
CA SER A 20 8.56 5.08 -15.57
C SER A 20 9.32 4.36 -14.45
N ASP A 21 8.57 3.76 -13.53
CA ASP A 21 9.16 3.05 -12.41
C ASP A 21 8.40 1.76 -12.11
N PRO A 22 8.69 0.69 -12.86
CA PRO A 22 8.03 -0.61 -12.67
C PRO A 22 8.45 -1.29 -11.37
N ALA A 23 9.66 -1.00 -10.93
CA ALA A 23 10.18 -1.59 -9.70
C ALA A 23 9.30 -1.23 -8.50
N THR A 24 8.90 0.04 -8.42
CA THR A 24 8.06 0.50 -7.32
C THR A 24 6.72 -0.24 -7.31
N TYR A 25 6.19 -0.50 -8.50
CA TYR A 25 4.92 -1.20 -8.62
C TYR A 25 5.06 -2.66 -8.22
N ASN A 26 6.10 -3.31 -8.73
CA ASN A 26 6.36 -4.72 -8.43
C ASN A 26 6.56 -4.92 -6.93
N GLY A 27 7.31 -4.01 -6.32
CA GLY A 27 7.56 -4.11 -4.89
C GLY A 27 6.31 -3.92 -4.05
N PHE A 28 5.46 -3.00 -4.47
CA PHE A 28 4.23 -2.72 -3.75
C PHE A 28 3.35 -3.97 -3.68
N LEU A 29 3.13 -4.60 -4.82
CA LEU A 29 2.31 -5.80 -4.88
C LEU A 29 2.90 -6.91 -4.02
N GLU A 30 4.22 -6.99 -3.99
CA GLU A 30 4.91 -8.01 -3.20
C GLU A 30 4.60 -7.85 -1.71
N ILE A 31 4.66 -6.61 -1.23
CA ILE A 31 4.39 -6.32 0.17
C ILE A 31 2.97 -6.74 0.56
N MET A 32 2.02 -6.41 -0.29
CA MET A 32 0.61 -6.75 -0.04
C MET A 32 0.40 -8.26 -0.15
N LYS A 33 0.88 -8.85 -1.25
CA LYS A 33 0.74 -10.28 -1.48
C LYS A 33 1.41 -11.08 -0.35
N GLU A 34 2.53 -10.58 0.14
CA GLU A 34 3.26 -11.24 1.20
C GLU A 34 2.50 -11.15 2.53
N PHE A 35 1.76 -10.06 2.71
CA PHE A 35 1.00 -9.86 3.93
C PHE A 35 -0.24 -10.76 3.96
N LYS A 36 -0.84 -10.98 2.80
CA LYS A 36 -2.02 -11.83 2.71
C LYS A 36 -1.73 -13.22 3.26
N SER A 37 -0.55 -13.75 2.95
CA SER A 37 -0.15 -15.06 3.41
C SER A 37 -0.03 -15.10 4.94
N GLN A 38 0.03 -13.91 5.54
CA GLN A 38 0.16 -13.80 6.99
C GLN A 38 1.55 -14.20 7.45
N SER A 39 2.56 -13.59 6.86
CA SER A 39 3.96 -13.88 7.21
C SER A 39 4.63 -12.65 7.83
N ILE A 40 4.32 -11.48 7.29
CA ILE A 40 4.90 -10.24 7.80
C ILE A 40 4.01 -9.61 8.86
N ASP A 41 4.61 -8.78 9.71
CA ASP A 41 3.87 -8.11 10.78
C ASP A 41 3.37 -6.75 10.30
N THR A 42 2.51 -6.13 11.10
CA THR A 42 1.95 -4.82 10.76
C THR A 42 3.05 -3.77 10.66
N PRO A 43 3.88 -3.63 11.72
CA PRO A 43 4.97 -2.66 11.74
C PRO A 43 5.82 -2.73 10.47
N GLY A 44 6.09 -3.94 10.01
CA GLY A 44 6.89 -4.12 8.81
C GLY A 44 6.23 -3.51 7.59
N VAL A 45 4.92 -3.72 7.45
CA VAL A 45 4.17 -3.18 6.32
C VAL A 45 4.30 -1.66 6.26
N ILE A 46 4.26 -1.02 7.42
CA ILE A 46 4.36 0.43 7.49
C ILE A 46 5.72 0.91 6.97
N ARG A 47 6.78 0.20 7.37
CA ARG A 47 8.13 0.54 6.95
C ARG A 47 8.32 0.30 5.45
N ARG A 48 7.68 -0.77 4.96
CA ARG A 48 7.77 -1.11 3.54
C ARG A 48 7.32 0.04 2.66
N VAL A 49 6.04 0.38 2.75
CA VAL A 49 5.47 1.46 1.96
C VAL A 49 6.10 2.80 2.33
N SER A 50 6.49 2.93 3.59
CA SER A 50 7.11 4.16 4.08
C SER A 50 8.45 4.41 3.40
N GLN A 51 9.06 3.34 2.90
CA GLN A 51 10.36 3.44 2.23
C GLN A 51 10.17 3.55 0.73
N LEU A 52 9.20 2.82 0.20
CA LEU A 52 8.91 2.84 -1.23
C LEU A 52 8.52 4.24 -1.70
N PHE A 53 7.90 5.00 -0.81
CA PHE A 53 7.48 6.36 -1.14
C PHE A 53 8.24 7.38 -0.30
N HIS A 54 9.56 7.33 -0.39
CA HIS A 54 10.41 8.26 0.35
C HIS A 54 10.25 9.69 -0.15
N GLU A 55 10.00 9.83 -1.45
CA GLU A 55 9.81 11.15 -2.05
C GLU A 55 8.40 11.32 -2.61
N HIS A 56 7.45 10.58 -2.04
CA HIS A 56 6.07 10.65 -2.49
C HIS A 56 5.11 10.61 -1.30
N PRO A 57 4.79 11.78 -0.72
CA PRO A 57 3.88 11.87 0.42
C PRO A 57 2.45 11.51 0.06
N ASP A 58 1.98 12.02 -1.08
CA ASP A 58 0.61 11.74 -1.55
C ASP A 58 0.33 10.24 -1.54
N LEU A 59 1.38 9.44 -1.64
CA LEU A 59 1.24 7.98 -1.62
C LEU A 59 1.14 7.49 -0.19
N ILE A 60 2.09 7.92 0.64
CA ILE A 60 2.11 7.55 2.04
C ILE A 60 0.86 8.08 2.73
N VAL A 61 0.30 9.16 2.18
CA VAL A 61 -0.91 9.77 2.74
C VAL A 61 -2.12 8.89 2.44
N GLY A 62 -2.27 8.53 1.16
CA GLY A 62 -3.39 7.69 0.78
C GLY A 62 -3.34 6.31 1.42
N PHE A 63 -2.13 5.82 1.67
CA PHE A 63 -1.95 4.52 2.28
C PHE A 63 -2.27 4.58 3.76
N ASN A 64 -2.02 5.73 4.37
CA ASN A 64 -2.29 5.92 5.79
C ASN A 64 -3.79 6.06 6.05
N ALA A 65 -4.52 6.54 5.05
CA ALA A 65 -5.95 6.72 5.17
C ALA A 65 -6.66 5.41 5.47
N PHE A 66 -5.99 4.29 5.19
CA PHE A 66 -6.56 2.98 5.44
C PHE A 66 -6.04 2.39 6.74
N LEU A 67 -4.76 2.60 7.01
CA LEU A 67 -4.15 2.08 8.23
C LEU A 67 -4.74 2.75 9.46
N PRO A 68 -4.80 2.02 10.60
CA PRO A 68 -5.34 2.54 11.85
C PRO A 68 -4.46 3.61 12.46
N LEU A 69 -4.95 4.25 13.52
CA LEU A 69 -4.19 5.30 14.20
C LEU A 69 -3.09 4.70 15.07
N GLY A 70 -3.25 3.43 15.45
CA GLY A 70 -2.25 2.77 16.27
C GLY A 70 -0.85 2.86 15.69
N TYR A 71 -0.75 2.63 14.38
CA TYR A 71 0.55 2.68 13.71
C TYR A 71 0.69 3.98 12.92
N ARG A 72 1.41 4.94 13.51
CA ARG A 72 1.63 6.23 12.87
C ARG A 72 2.71 6.13 11.79
N ILE A 73 2.31 6.36 10.55
CA ILE A 73 3.25 6.28 9.43
C ILE A 73 4.14 7.52 9.38
N ASP A 74 5.39 7.34 8.95
CA ASP A 74 6.34 8.44 8.87
C ASP A 74 6.40 9.00 7.45
N ILE A 75 7.12 10.11 7.30
CA ILE A 75 7.27 10.75 5.99
C ILE A 75 8.47 11.69 5.97
N PRO A 76 9.69 11.15 5.81
CA PRO A 76 10.92 11.95 5.77
C PRO A 76 10.85 13.08 4.76
N LYS A 77 10.83 14.32 5.24
CA LYS A 77 10.76 15.49 4.37
C LYS A 77 11.96 15.54 3.45
N ALA B 1 -5.29 -6.20 10.59
CA ALA B 1 -5.65 -5.07 9.70
C ALA B 1 -6.38 -5.57 8.45
N PRO B 2 -7.71 -5.48 8.44
CA PRO B 2 -8.53 -5.92 7.29
C PRO B 2 -8.31 -5.06 6.05
N GLN B 3 -7.65 -3.92 6.23
CA GLN B 3 -7.37 -3.02 5.12
C GLN B 3 -6.19 -3.50 4.30
N LEU B 4 -5.31 -4.25 4.95
CA LEU B 4 -4.14 -4.79 4.28
C LEU B 4 -4.51 -6.02 3.47
N ILE B 5 -5.43 -6.81 3.99
CA ILE B 5 -5.89 -8.02 3.30
C ILE B 5 -6.78 -7.65 2.12
N MET B 6 -7.54 -6.57 2.27
CA MET B 6 -8.43 -6.12 1.20
C MET B 6 -7.64 -5.42 0.11
N LEU B 7 -6.53 -4.79 0.50
CA LEU B 7 -5.68 -4.09 -0.44
C LEU B 7 -4.94 -5.08 -1.33
N ALA B 8 -4.42 -6.15 -0.72
CA ALA B 8 -3.69 -7.18 -1.45
C ALA B 8 -4.63 -7.96 -2.36
N ASN B 9 -5.87 -8.12 -1.93
CA ASN B 9 -6.87 -8.85 -2.71
C ASN B 9 -7.14 -8.15 -4.03
N VAL B 10 -7.42 -6.85 -3.95
CA VAL B 10 -7.69 -6.05 -5.14
C VAL B 10 -6.45 -5.96 -6.03
N ALA B 11 -5.28 -6.03 -5.41
CA ALA B 11 -4.03 -5.97 -6.14
C ALA B 11 -3.76 -7.30 -6.83
N LEU B 12 -4.16 -8.38 -6.16
CA LEU B 12 -3.99 -9.72 -6.70
C LEU B 12 -5.12 -10.08 -7.66
N THR B 13 -6.23 -9.37 -7.53
CA THR B 13 -7.39 -9.61 -8.38
C THR B 13 -8.44 -8.52 -8.18
N GLY B 14 -8.28 -7.41 -8.88
CA GLY B 14 -9.22 -6.31 -8.76
C GLY B 14 -10.33 -6.37 -9.80
N GLU B 15 -10.91 -7.56 -9.96
CA GLU B 15 -11.98 -7.76 -10.92
C GLU B 15 -13.17 -6.87 -10.61
N PRO A 1 -15.91 4.53 4.08
CA PRO A 1 -16.32 3.71 2.90
C PRO A 1 -15.11 3.31 2.05
N VAL A 2 -14.13 2.67 2.68
CA VAL A 2 -12.93 2.23 1.98
C VAL A 2 -13.10 0.83 1.42
N HIS A 3 -13.74 0.73 0.26
CA HIS A 3 -13.96 -0.55 -0.39
C HIS A 3 -13.11 -0.69 -1.65
N VAL A 4 -13.36 -1.73 -2.43
CA VAL A 4 -12.61 -1.98 -3.67
C VAL A 4 -12.38 -0.69 -4.46
N GLU A 5 -13.32 0.24 -4.36
CA GLU A 5 -13.20 1.52 -5.07
C GLU A 5 -12.00 2.30 -4.55
N ASP A 6 -11.87 2.39 -3.23
CA ASP A 6 -10.77 3.11 -2.61
C ASP A 6 -9.44 2.45 -2.94
N ALA A 7 -9.44 1.12 -2.98
CA ALA A 7 -8.23 0.37 -3.27
C ALA A 7 -7.89 0.45 -4.76
N LEU A 8 -8.93 0.53 -5.59
CA LEU A 8 -8.74 0.61 -7.03
C LEU A 8 -8.14 1.96 -7.43
N THR A 9 -8.72 3.04 -6.92
CA THR A 9 -8.24 4.38 -7.23
C THR A 9 -6.79 4.55 -6.78
N TYR A 10 -6.49 4.10 -5.56
CA TYR A 10 -5.14 4.22 -5.02
C TYR A 10 -4.13 3.57 -5.96
N LEU A 11 -4.43 2.36 -6.40
CA LEU A 11 -3.54 1.62 -7.31
C LEU A 11 -3.41 2.35 -8.64
N ASP A 12 -4.52 2.94 -9.10
CA ASP A 12 -4.52 3.67 -10.36
C ASP A 12 -3.59 4.88 -10.29
N GLN A 13 -3.45 5.42 -9.09
CA GLN A 13 -2.58 6.59 -8.88
C GLN A 13 -1.13 6.15 -8.71
N VAL A 14 -0.94 4.93 -8.20
CA VAL A 14 0.38 4.38 -7.99
C VAL A 14 0.96 3.81 -9.29
N LYS A 15 0.08 3.53 -10.25
CA LYS A 15 0.50 2.99 -11.54
C LYS A 15 0.84 4.11 -12.51
N ILE A 16 -0.03 5.12 -12.58
CA ILE A 16 0.19 6.25 -13.47
C ILE A 16 1.38 7.08 -13.01
N ARG A 17 1.40 7.43 -11.73
CA ARG A 17 2.49 8.23 -11.17
C ARG A 17 3.84 7.52 -11.35
N PHE A 18 3.80 6.19 -11.35
CA PHE A 18 5.01 5.39 -11.50
C PHE A 18 4.91 4.49 -12.75
N GLY A 19 4.36 5.05 -13.82
CA GLY A 19 4.22 4.30 -15.06
C GLY A 19 5.54 3.79 -15.58
N SER A 20 6.62 4.53 -15.30
CA SER A 20 7.96 4.15 -15.75
C SER A 20 8.80 3.65 -14.59
N ASP A 21 8.15 3.04 -13.60
CA ASP A 21 8.84 2.52 -12.43
C ASP A 21 8.24 1.18 -12.01
N PRO A 22 8.74 0.07 -12.56
CA PRO A 22 8.25 -1.27 -12.23
C PRO A 22 8.60 -1.68 -10.81
N ALA A 23 9.71 -1.14 -10.31
CA ALA A 23 10.16 -1.45 -8.95
C ALA A 23 9.11 -1.06 -7.91
N THR A 24 8.34 -0.01 -8.23
CA THR A 24 7.30 0.46 -7.32
C THR A 24 6.10 -0.48 -7.33
N TYR A 25 5.54 -0.72 -8.51
CA TYR A 25 4.39 -1.60 -8.65
C TYR A 25 4.72 -3.00 -8.16
N ASN A 26 5.82 -3.56 -8.67
CA ASN A 26 6.26 -4.90 -8.27
C ASN A 26 6.56 -4.95 -6.78
N GLY A 27 7.08 -3.85 -6.25
CA GLY A 27 7.41 -3.80 -4.83
C GLY A 27 6.17 -3.75 -3.96
N PHE A 28 5.26 -2.84 -4.28
CA PHE A 28 4.02 -2.69 -3.51
C PHE A 28 3.21 -3.98 -3.54
N LEU A 29 3.37 -4.75 -4.60
CA LEU A 29 2.65 -6.01 -4.75
C LEU A 29 3.16 -7.06 -3.77
N GLU A 30 4.47 -7.29 -3.78
CA GLU A 30 5.08 -8.28 -2.89
C GLU A 30 4.75 -7.97 -1.43
N ILE A 31 4.73 -6.69 -1.08
CA ILE A 31 4.42 -6.28 0.28
C ILE A 31 3.01 -6.73 0.68
N MET A 32 2.02 -6.32 -0.11
CA MET A 32 0.63 -6.69 0.16
C MET A 32 0.42 -8.19 -0.02
N LYS A 33 1.08 -8.75 -1.03
CA LYS A 33 0.96 -10.17 -1.31
C LYS A 33 1.54 -11.00 -0.16
N GLU A 34 2.77 -10.69 0.23
CA GLU A 34 3.43 -11.41 1.31
C GLU A 34 2.62 -11.30 2.61
N PHE A 35 1.90 -10.20 2.77
CA PHE A 35 1.09 -9.98 3.95
C PHE A 35 -0.06 -10.98 4.01
N LYS A 36 -0.77 -11.13 2.90
CA LYS A 36 -1.89 -12.05 2.83
C LYS A 36 -1.46 -13.47 3.19
N SER A 37 -0.19 -13.78 2.96
CA SER A 37 0.35 -15.10 3.26
C SER A 37 0.38 -15.35 4.76
N GLN A 38 0.18 -14.30 5.55
CA GLN A 38 0.19 -14.42 7.01
C GLN A 38 1.57 -14.83 7.52
N SER A 39 2.60 -14.16 7.03
CA SER A 39 3.97 -14.45 7.43
C SER A 39 4.64 -13.22 8.03
N ILE A 40 4.36 -12.05 7.45
CA ILE A 40 4.95 -10.80 7.92
C ILE A 40 4.04 -10.14 8.96
N ASP A 41 4.50 -9.00 9.49
CA ASP A 41 3.73 -8.27 10.48
C ASP A 41 3.18 -6.98 9.89
N THR A 42 2.34 -6.29 10.66
CA THR A 42 1.74 -5.03 10.21
C THR A 42 2.79 -3.94 10.07
N PRO A 43 3.60 -3.72 11.13
CA PRO A 43 4.65 -2.70 11.12
C PRO A 43 5.56 -2.80 9.90
N GLY A 44 5.78 -4.03 9.45
CA GLY A 44 6.61 -4.25 8.28
C GLY A 44 6.01 -3.70 7.01
N VAL A 45 4.70 -3.92 6.85
CA VAL A 45 3.99 -3.44 5.66
C VAL A 45 4.04 -1.93 5.57
N ILE A 46 3.91 -1.27 6.72
CA ILE A 46 3.93 0.19 6.77
C ILE A 46 5.32 0.74 6.46
N ARG A 47 6.34 0.01 6.90
CA ARG A 47 7.72 0.42 6.66
C ARG A 47 8.09 0.27 5.19
N ARG A 48 7.76 -0.88 4.61
CA ARG A 48 8.05 -1.15 3.21
C ARG A 48 7.41 -0.10 2.31
N VAL A 49 6.20 0.32 2.66
CA VAL A 49 5.48 1.31 1.87
C VAL A 49 6.08 2.70 2.06
N SER A 50 6.37 3.05 3.31
CA SER A 50 6.94 4.35 3.61
C SER A 50 8.28 4.55 2.89
N GLN A 51 8.91 3.44 2.55
CA GLN A 51 10.19 3.49 1.84
C GLN A 51 9.98 3.64 0.34
N LEU A 52 8.98 2.95 -0.18
CA LEU A 52 8.66 3.01 -1.61
C LEU A 52 8.30 4.44 -2.02
N PHE A 53 7.71 5.18 -1.09
CA PHE A 53 7.31 6.55 -1.36
C PHE A 53 7.97 7.51 -0.37
N HIS A 54 9.29 7.55 -0.41
CA HIS A 54 10.06 8.41 0.48
C HIS A 54 9.89 9.89 0.13
N GLU A 55 9.94 10.21 -1.16
CA GLU A 55 9.79 11.59 -1.61
C GLU A 55 8.38 11.88 -2.11
N HIS A 56 7.41 11.13 -1.60
CA HIS A 56 6.01 11.32 -2.00
C HIS A 56 5.11 11.43 -0.78
N PRO A 57 4.65 12.64 -0.44
CA PRO A 57 3.77 12.85 0.73
C PRO A 57 2.34 12.39 0.47
N ASP A 58 1.78 12.77 -0.66
CA ASP A 58 0.42 12.40 -1.03
C ASP A 58 0.25 10.88 -1.11
N LEU A 59 1.37 10.16 -1.22
CA LEU A 59 1.34 8.71 -1.30
C LEU A 59 1.35 8.11 0.09
N ILE A 60 2.37 8.47 0.88
CA ILE A 60 2.48 7.98 2.24
C ILE A 60 1.22 8.31 3.03
N VAL A 61 0.60 9.43 2.67
CA VAL A 61 -0.63 9.86 3.32
C VAL A 61 -1.81 9.04 2.84
N GLY A 62 -1.89 8.86 1.52
CA GLY A 62 -2.97 8.08 0.95
C GLY A 62 -2.99 6.66 1.47
N PHE A 63 -1.80 6.11 1.72
CA PHE A 63 -1.68 4.75 2.22
C PHE A 63 -2.07 4.69 3.69
N ASN A 64 -1.70 5.73 4.43
CA ASN A 64 -2.02 5.81 5.85
C ASN A 64 -3.52 5.81 6.07
N ALA A 65 -4.25 6.34 5.09
CA ALA A 65 -5.71 6.40 5.17
C ALA A 65 -6.33 5.01 5.25
N PHE A 66 -5.56 3.99 4.87
CA PHE A 66 -6.03 2.62 4.90
C PHE A 66 -5.53 1.89 6.15
N LEU A 67 -5.32 2.64 7.22
CA LEU A 67 -4.85 2.08 8.48
C LEU A 67 -5.44 2.81 9.67
N PRO A 68 -5.71 2.09 10.77
CA PRO A 68 -6.29 2.70 11.98
C PRO A 68 -5.28 3.58 12.72
N LEU A 69 -5.79 4.49 13.54
CA LEU A 69 -4.94 5.40 14.31
C LEU A 69 -3.99 4.61 15.21
N GLY A 70 -4.40 3.42 15.60
CA GLY A 70 -3.57 2.59 16.47
C GLY A 70 -2.18 2.34 15.88
N TYR A 71 -2.09 2.37 14.56
CA TYR A 71 -0.82 2.14 13.88
C TYR A 71 -0.54 3.25 12.87
N ARG A 72 0.42 4.10 13.17
CA ARG A 72 0.79 5.20 12.28
C ARG A 72 1.97 4.81 11.40
N ILE A 73 2.21 5.62 10.37
CA ILE A 73 3.32 5.36 9.46
C ILE A 73 4.56 6.16 9.85
N ASP A 74 5.67 5.46 10.04
CA ASP A 74 6.93 6.09 10.42
C ASP A 74 7.51 6.90 9.27
N ILE A 75 8.54 7.69 9.55
CA ILE A 75 9.18 8.51 8.55
C ILE A 75 10.65 8.76 8.90
N PRO A 76 11.52 8.86 7.88
CA PRO A 76 12.95 9.10 8.08
C PRO A 76 13.24 10.53 8.51
N LYS A 77 13.96 10.68 9.62
CA LYS A 77 14.30 12.00 10.14
C LYS A 77 15.18 11.89 11.38
N ALA B 1 -4.91 -5.07 9.77
CA ALA B 1 -6.09 -4.27 9.37
C ALA B 1 -6.83 -4.93 8.21
N PRO B 2 -8.16 -4.74 8.13
CA PRO B 2 -8.98 -5.31 7.07
C PRO B 2 -8.73 -4.66 5.71
N GLN B 3 -8.22 -3.43 5.74
CA GLN B 3 -7.93 -2.72 4.51
C GLN B 3 -6.64 -3.23 3.86
N LEU B 4 -5.83 -3.91 4.65
CA LEU B 4 -4.58 -4.46 4.14
C LEU B 4 -4.83 -5.74 3.37
N ILE B 5 -5.77 -6.54 3.86
CA ILE B 5 -6.13 -7.80 3.22
C ILE B 5 -6.91 -7.52 1.94
N MET B 6 -7.76 -6.51 1.99
CA MET B 6 -8.57 -6.13 0.82
C MET B 6 -7.71 -5.45 -0.23
N LEU B 7 -6.65 -4.79 0.23
CA LEU B 7 -5.75 -4.09 -0.67
C LEU B 7 -4.90 -5.09 -1.46
N ALA B 8 -4.44 -6.13 -0.78
CA ALA B 8 -3.63 -7.17 -1.40
C ALA B 8 -4.46 -7.98 -2.39
N ASN B 9 -5.74 -8.18 -2.08
CA ASN B 9 -6.63 -8.93 -2.94
C ASN B 9 -6.80 -8.24 -4.29
N VAL B 10 -7.17 -6.95 -4.25
CA VAL B 10 -7.36 -6.18 -5.46
C VAL B 10 -6.05 -6.05 -6.23
N ALA B 11 -4.93 -6.10 -5.51
CA ALA B 11 -3.62 -5.99 -6.13
C ALA B 11 -3.24 -7.31 -6.76
N LEU B 12 -3.63 -8.40 -6.11
CA LEU B 12 -3.33 -9.74 -6.61
C LEU B 12 -4.36 -10.17 -7.64
N THR B 13 -5.53 -9.53 -7.61
CA THR B 13 -6.60 -9.84 -8.54
C THR B 13 -7.74 -8.82 -8.44
N GLY B 14 -7.53 -7.66 -9.03
CA GLY B 14 -8.54 -6.61 -8.99
C GLY B 14 -9.30 -6.50 -10.30
N GLU B 15 -9.42 -7.61 -11.02
CA GLU B 15 -10.12 -7.63 -12.29
C GLU B 15 -11.63 -7.42 -12.08
N PRO A 1 -14.93 5.94 2.66
CA PRO A 1 -15.42 4.61 2.24
C PRO A 1 -14.29 3.73 1.69
N VAL A 2 -13.47 3.19 2.58
CA VAL A 2 -12.37 2.35 2.19
C VAL A 2 -12.86 1.03 1.58
N HIS A 3 -13.32 1.10 0.34
CA HIS A 3 -13.83 -0.08 -0.35
C HIS A 3 -13.02 -0.36 -1.61
N VAL A 4 -13.54 -1.22 -2.48
CA VAL A 4 -12.86 -1.57 -3.71
C VAL A 4 -12.55 -0.33 -4.55
N GLU A 5 -13.47 0.63 -4.53
CA GLU A 5 -13.29 1.87 -5.28
C GLU A 5 -12.07 2.65 -4.77
N ASP A 6 -11.90 2.65 -3.46
CA ASP A 6 -10.78 3.36 -2.85
C ASP A 6 -9.46 2.65 -3.16
N ALA A 7 -9.48 1.33 -3.09
CA ALA A 7 -8.28 0.53 -3.37
C ALA A 7 -7.95 0.54 -4.87
N LEU A 8 -8.99 0.64 -5.69
CA LEU A 8 -8.82 0.66 -7.13
C LEU A 8 -8.09 1.92 -7.59
N THR A 9 -8.60 3.08 -7.17
CA THR A 9 -8.00 4.35 -7.54
C THR A 9 -6.55 4.44 -7.04
N TYR A 10 -6.34 4.02 -5.81
CA TYR A 10 -5.01 4.05 -5.21
C TYR A 10 -3.99 3.34 -6.10
N LEU A 11 -4.26 2.08 -6.42
CA LEU A 11 -3.37 1.30 -7.27
C LEU A 11 -3.23 1.94 -8.64
N ASP A 12 -4.29 2.58 -9.11
CA ASP A 12 -4.28 3.24 -10.42
C ASP A 12 -3.38 4.47 -10.39
N GLN A 13 -3.25 5.08 -9.23
CA GLN A 13 -2.43 6.27 -9.05
C GLN A 13 -0.96 5.89 -8.92
N VAL A 14 -0.72 4.68 -8.41
CA VAL A 14 0.64 4.19 -8.22
C VAL A 14 1.23 3.71 -9.54
N LYS A 15 0.37 3.23 -10.43
CA LYS A 15 0.81 2.72 -11.73
C LYS A 15 1.09 3.89 -12.68
N ILE A 16 0.16 4.83 -12.74
CA ILE A 16 0.32 5.99 -13.62
C ILE A 16 1.53 6.83 -13.22
N ARG A 17 1.68 7.07 -11.92
CA ARG A 17 2.79 7.85 -11.40
C ARG A 17 4.11 7.11 -11.60
N PHE A 18 4.04 5.78 -11.61
CA PHE A 18 5.24 4.95 -11.78
C PHE A 18 5.07 4.01 -12.97
N GLY A 19 4.54 4.54 -14.06
CA GLY A 19 4.33 3.73 -15.25
C GLY A 19 5.64 3.34 -15.91
N SER A 20 6.59 4.27 -15.95
CA SER A 20 7.89 4.02 -16.56
C SER A 20 8.79 3.23 -15.62
N ASP A 21 8.46 3.24 -14.33
CA ASP A 21 9.24 2.54 -13.33
C ASP A 21 8.46 1.34 -12.77
N PRO A 22 8.65 0.15 -13.37
CA PRO A 22 7.96 -1.07 -12.91
C PRO A 22 8.43 -1.52 -11.54
N ALA A 23 9.64 -1.12 -11.16
CA ALA A 23 10.20 -1.49 -9.87
C ALA A 23 9.31 -1.03 -8.73
N THR A 24 8.75 0.17 -8.87
CA THR A 24 7.88 0.73 -7.84
C THR A 24 6.60 -0.09 -7.72
N TYR A 25 5.98 -0.39 -8.86
CA TYR A 25 4.74 -1.17 -8.87
C TYR A 25 4.98 -2.57 -8.32
N ASN A 26 6.05 -3.21 -8.80
CA ASN A 26 6.38 -4.55 -8.35
C ASN A 26 6.63 -4.59 -6.85
N GLY A 27 7.21 -3.51 -6.33
CA GLY A 27 7.50 -3.43 -4.91
C GLY A 27 6.24 -3.40 -4.07
N PHE A 28 5.31 -2.52 -4.43
CA PHE A 28 4.05 -2.39 -3.70
C PHE A 28 3.30 -3.72 -3.70
N LEU A 29 3.08 -4.28 -4.89
CA LEU A 29 2.37 -5.54 -5.02
C LEU A 29 3.05 -6.64 -4.20
N GLU A 30 4.37 -6.65 -4.23
CA GLU A 30 5.14 -7.65 -3.49
C GLU A 30 4.80 -7.60 -2.01
N ILE A 31 4.59 -6.40 -1.49
CA ILE A 31 4.25 -6.22 -0.07
C ILE A 31 2.82 -6.67 0.21
N MET A 32 1.96 -6.55 -0.81
CA MET A 32 0.57 -6.95 -0.66
C MET A 32 0.42 -8.47 -0.65
N LYS A 33 1.17 -9.14 -1.52
CA LYS A 33 1.12 -10.60 -1.61
C LYS A 33 1.78 -11.24 -0.39
N GLU A 34 2.94 -10.71 -0.01
CA GLU A 34 3.68 -11.24 1.13
C GLU A 34 2.84 -11.17 2.40
N PHE A 35 2.42 -9.97 2.77
CA PHE A 35 1.61 -9.77 3.97
C PHE A 35 0.31 -10.56 3.89
N LYS A 36 -0.35 -10.51 2.74
CA LYS A 36 -1.61 -11.22 2.54
C LYS A 36 -1.47 -12.69 2.92
N SER A 37 -0.30 -13.27 2.61
CA SER A 37 -0.04 -14.67 2.91
C SER A 37 0.03 -14.88 4.42
N GLN A 38 0.12 -13.80 5.19
CA GLN A 38 0.19 -13.87 6.64
C GLN A 38 1.53 -14.44 7.09
N SER A 39 2.61 -13.88 6.54
CA SER A 39 3.95 -14.32 6.89
C SER A 39 4.70 -13.24 7.66
N ILE A 40 4.42 -11.97 7.34
CA ILE A 40 5.08 -10.86 8.00
C ILE A 40 4.14 -10.18 9.00
N ASP A 41 4.67 -9.23 9.75
CA ASP A 41 3.88 -8.51 10.74
C ASP A 41 3.38 -7.18 10.17
N THR A 42 2.47 -6.53 10.90
CA THR A 42 1.91 -5.27 10.45
C THR A 42 3.01 -4.22 10.29
N PRO A 43 3.84 -4.02 11.32
CA PRO A 43 4.93 -3.04 11.28
C PRO A 43 5.77 -3.15 10.01
N GLY A 44 5.94 -4.39 9.52
CA GLY A 44 6.71 -4.61 8.32
C GLY A 44 6.04 -4.02 7.09
N VAL A 45 4.71 -3.99 7.10
CA VAL A 45 3.95 -3.44 5.98
C VAL A 45 4.01 -1.92 5.99
N ILE A 46 4.06 -1.34 7.17
CA ILE A 46 4.11 0.11 7.32
C ILE A 46 5.48 0.66 6.90
N ARG A 47 6.54 0.02 7.39
CA ARG A 47 7.90 0.44 7.07
C ARG A 47 8.17 0.25 5.58
N ARG A 48 7.61 -0.79 4.99
CA ARG A 48 7.79 -1.07 3.58
C ARG A 48 7.23 0.06 2.72
N VAL A 49 5.96 0.38 2.93
CA VAL A 49 5.30 1.44 2.17
C VAL A 49 5.85 2.80 2.57
N SER A 50 6.18 2.96 3.85
CA SER A 50 6.70 4.22 4.36
C SER A 50 8.03 4.57 3.69
N GLN A 51 8.74 3.54 3.25
CA GLN A 51 10.03 3.73 2.59
C GLN A 51 9.87 3.68 1.07
N LEU A 52 8.92 2.88 0.60
CA LEU A 52 8.67 2.75 -0.83
C LEU A 52 8.26 4.09 -1.43
N PHE A 53 7.45 4.84 -0.70
CA PHE A 53 6.98 6.14 -1.16
C PHE A 53 7.66 7.27 -0.39
N HIS A 54 8.99 7.34 -0.49
CA HIS A 54 9.76 8.36 0.20
C HIS A 54 9.97 9.59 -0.68
N GLU A 55 9.09 9.77 -1.68
CA GLU A 55 9.19 10.90 -2.58
C GLU A 55 7.86 11.64 -2.67
N HIS A 56 6.77 10.89 -2.81
CA HIS A 56 5.44 11.46 -2.90
C HIS A 56 4.68 11.31 -1.58
N PRO A 57 4.31 12.44 -0.94
CA PRO A 57 3.58 12.42 0.34
C PRO A 57 2.15 11.92 0.18
N ASP A 58 1.55 12.22 -0.96
CA ASP A 58 0.17 11.80 -1.23
C ASP A 58 0.05 10.28 -1.26
N LEU A 59 1.19 9.59 -1.33
CA LEU A 59 1.19 8.13 -1.36
C LEU A 59 1.19 7.58 0.06
N ILE A 60 2.19 7.99 0.85
CA ILE A 60 2.29 7.53 2.22
C ILE A 60 1.06 7.97 3.01
N VAL A 61 0.48 9.11 2.62
CA VAL A 61 -0.70 9.63 3.28
C VAL A 61 -1.93 8.84 2.85
N GLY A 62 -2.08 8.63 1.55
CA GLY A 62 -3.21 7.88 1.04
C GLY A 62 -3.28 6.49 1.62
N PHE A 63 -2.10 5.88 1.83
CA PHE A 63 -2.02 4.54 2.39
C PHE A 63 -2.35 4.55 3.87
N ASN A 64 -1.95 5.63 4.53
CA ASN A 64 -2.21 5.79 5.97
C ASN A 64 -3.70 5.80 6.25
N ALA A 65 -4.47 6.34 5.31
CA ALA A 65 -5.92 6.42 5.45
C ALA A 65 -6.54 5.02 5.56
N PHE A 66 -5.80 4.00 5.13
CA PHE A 66 -6.28 2.63 5.19
C PHE A 66 -5.71 1.90 6.41
N LEU A 67 -5.45 2.65 7.47
CA LEU A 67 -4.92 2.07 8.69
C LEU A 67 -5.48 2.78 9.92
N PRO A 68 -5.66 2.04 11.03
CA PRO A 68 -6.20 2.60 12.27
C PRO A 68 -5.21 3.54 12.96
N LEU A 69 -5.73 4.40 13.83
CA LEU A 69 -4.89 5.35 14.55
C LEU A 69 -3.85 4.62 15.40
N GLY A 70 -4.19 3.42 15.85
CA GLY A 70 -3.28 2.64 16.66
C GLY A 70 -1.96 2.37 15.96
N TYR A 71 -2.02 2.23 14.64
CA TYR A 71 -0.82 1.96 13.84
C TYR A 71 -0.68 2.96 12.71
N ARG A 72 -0.02 4.09 13.00
CA ARG A 72 0.18 5.13 12.01
C ARG A 72 1.42 4.85 11.16
N ILE A 73 1.77 5.79 10.29
CA ILE A 73 2.93 5.65 9.42
C ILE A 73 3.92 6.78 9.64
N ASP A 74 5.21 6.45 9.62
CA ASP A 74 6.25 7.45 9.82
C ASP A 74 6.58 8.15 8.50
N ILE A 75 6.66 9.47 8.53
CA ILE A 75 6.96 10.26 7.34
C ILE A 75 8.47 10.46 7.20
N PRO A 76 9.05 10.10 6.04
CA PRO A 76 10.49 10.26 5.79
C PRO A 76 10.87 11.72 5.56
N LYS A 77 12.15 12.03 5.79
CA LYS A 77 12.64 13.39 5.61
C LYS A 77 12.45 13.85 4.15
N ALA B 1 -6.44 -5.49 10.89
CA ALA B 1 -6.44 -4.50 9.79
C ALA B 1 -7.06 -5.08 8.53
N PRO B 2 -8.40 -4.98 8.39
CA PRO B 2 -9.11 -5.51 7.22
C PRO B 2 -8.84 -4.69 5.96
N GLN B 3 -8.23 -3.51 6.13
CA GLN B 3 -7.92 -2.65 4.99
C GLN B 3 -6.66 -3.14 4.28
N LEU B 4 -5.80 -3.82 5.01
CA LEU B 4 -4.56 -4.34 4.45
C LEU B 4 -4.83 -5.63 3.66
N ILE B 5 -5.77 -6.42 4.16
CA ILE B 5 -6.13 -7.66 3.50
C ILE B 5 -6.96 -7.38 2.24
N MET B 6 -7.76 -6.33 2.30
CA MET B 6 -8.60 -5.95 1.18
C MET B 6 -7.78 -5.25 0.11
N LEU B 7 -6.72 -4.57 0.53
CA LEU B 7 -5.84 -3.86 -0.38
C LEU B 7 -5.04 -4.84 -1.23
N ALA B 8 -4.48 -5.86 -0.57
CA ALA B 8 -3.69 -6.86 -1.25
C ALA B 8 -4.57 -7.73 -2.15
N ASN B 9 -5.82 -7.96 -1.71
CA ASN B 9 -6.76 -8.77 -2.47
C ASN B 9 -7.08 -8.12 -3.80
N VAL B 10 -7.28 -6.80 -3.78
CA VAL B 10 -7.60 -6.06 -4.99
C VAL B 10 -6.38 -5.97 -5.90
N ALA B 11 -5.20 -5.95 -5.29
CA ALA B 11 -3.96 -5.87 -6.04
C ALA B 11 -3.60 -7.24 -6.61
N LEU B 12 -3.94 -8.29 -5.86
CA LEU B 12 -3.66 -9.65 -6.29
C LEU B 12 -4.82 -10.20 -7.12
N THR B 13 -5.98 -9.56 -7.01
CA THR B 13 -7.16 -9.99 -7.76
C THR B 13 -8.28 -8.96 -7.62
N GLY B 14 -8.15 -7.86 -8.36
CA GLY B 14 -9.15 -6.81 -8.31
C GLY B 14 -10.17 -6.94 -9.43
N GLU B 15 -10.58 -8.17 -9.73
CA GLU B 15 -11.54 -8.42 -10.78
C GLU B 15 -12.87 -7.71 -10.48
N PRO A 1 -15.36 5.40 2.91
CA PRO A 1 -14.79 4.22 3.62
C PRO A 1 -13.77 3.47 2.76
N VAL A 2 -12.67 3.07 3.38
CA VAL A 2 -11.61 2.36 2.69
C VAL A 2 -12.12 1.02 2.16
N HIS A 3 -12.75 1.06 0.99
CA HIS A 3 -13.28 -0.15 0.37
C HIS A 3 -12.60 -0.42 -0.97
N VAL A 4 -13.19 -1.32 -1.77
CA VAL A 4 -12.63 -1.67 -3.07
C VAL A 4 -12.44 -0.42 -3.94
N GLU A 5 -13.30 0.57 -3.73
CA GLU A 5 -13.23 1.81 -4.49
C GLU A 5 -11.99 2.61 -4.11
N ASP A 6 -11.67 2.61 -2.82
CA ASP A 6 -10.51 3.34 -2.33
C ASP A 6 -9.21 2.66 -2.77
N ALA A 7 -9.21 1.33 -2.76
CA ALA A 7 -8.03 0.56 -3.15
C ALA A 7 -7.82 0.64 -4.66
N LEU A 8 -8.93 0.61 -5.40
CA LEU A 8 -8.87 0.67 -6.86
C LEU A 8 -8.22 1.97 -7.33
N THR A 9 -8.76 3.09 -6.87
CA THR A 9 -8.23 4.40 -7.25
C THR A 9 -6.77 4.54 -6.83
N TYR A 10 -6.48 4.12 -5.60
CA TYR A 10 -5.12 4.20 -5.07
C TYR A 10 -4.12 3.52 -6.00
N LEU A 11 -4.43 2.29 -6.40
CA LEU A 11 -3.56 1.54 -7.29
C LEU A 11 -3.40 2.26 -8.62
N ASP A 12 -4.45 2.93 -9.07
CA ASP A 12 -4.43 3.67 -10.32
C ASP A 12 -3.43 4.83 -10.26
N GLN A 13 -3.26 5.37 -9.06
CA GLN A 13 -2.35 6.48 -8.85
C GLN A 13 -0.91 6.00 -8.72
N VAL A 14 -0.76 4.75 -8.28
CA VAL A 14 0.56 4.15 -8.12
C VAL A 14 1.10 3.65 -9.45
N LYS A 15 0.20 3.25 -10.34
CA LYS A 15 0.59 2.76 -11.66
C LYS A 15 0.95 3.91 -12.59
N ILE A 16 0.10 4.93 -12.62
CA ILE A 16 0.33 6.09 -13.47
C ILE A 16 1.57 6.85 -13.04
N ARG A 17 1.66 7.12 -11.74
CA ARG A 17 2.80 7.85 -11.19
C ARG A 17 4.10 7.07 -11.41
N PHE A 18 4.00 5.75 -11.42
CA PHE A 18 5.16 4.89 -11.62
C PHE A 18 4.96 3.98 -12.82
N GLY A 19 4.41 4.54 -13.89
CA GLY A 19 4.18 3.76 -15.10
C GLY A 19 5.47 3.25 -15.72
N SER A 20 6.52 4.05 -15.63
CA SER A 20 7.82 3.67 -16.19
C SER A 20 8.73 3.09 -15.12
N ASP A 21 8.14 2.63 -14.02
CA ASP A 21 8.91 2.04 -12.93
C ASP A 21 8.19 0.81 -12.36
N PRO A 22 8.46 -0.38 -12.91
CA PRO A 22 7.85 -1.62 -12.45
C PRO A 22 8.30 -2.00 -11.04
N ALA A 23 9.49 -1.56 -10.67
CA ALA A 23 10.04 -1.86 -9.35
C ALA A 23 9.14 -1.30 -8.25
N THR A 24 8.69 -0.06 -8.43
CA THR A 24 7.82 0.58 -7.45
C THR A 24 6.51 -0.19 -7.29
N TYR A 25 5.82 -0.39 -8.41
CA TYR A 25 4.55 -1.12 -8.40
C TYR A 25 4.74 -2.54 -7.88
N ASN A 26 5.77 -3.22 -8.41
CA ASN A 26 6.05 -4.59 -8.00
C ASN A 26 6.36 -4.65 -6.51
N GLY A 27 7.05 -3.65 -6.00
CA GLY A 27 7.39 -3.61 -4.59
C GLY A 27 6.16 -3.50 -3.70
N PHE A 28 5.26 -2.61 -4.06
CA PHE A 28 4.03 -2.40 -3.29
C PHE A 28 3.20 -3.68 -3.26
N LEU A 29 3.04 -4.30 -4.41
CA LEU A 29 2.27 -5.54 -4.52
C LEU A 29 2.88 -6.64 -3.65
N GLU A 30 4.21 -6.67 -3.61
CA GLU A 30 4.93 -7.67 -2.82
C GLU A 30 4.57 -7.55 -1.35
N ILE A 31 4.48 -6.31 -0.86
CA ILE A 31 4.15 -6.07 0.53
C ILE A 31 2.73 -6.54 0.85
N MET A 32 1.79 -6.20 -0.02
CA MET A 32 0.40 -6.60 0.16
C MET A 32 0.23 -8.11 -0.04
N LYS A 33 0.88 -8.63 -1.07
CA LYS A 33 0.82 -10.06 -1.37
C LYS A 33 1.45 -10.88 -0.26
N GLU A 34 2.57 -10.37 0.26
CA GLU A 34 3.28 -11.05 1.34
C GLU A 34 2.43 -11.09 2.62
N PHE A 35 1.63 -10.04 2.81
CA PHE A 35 0.78 -9.96 3.99
C PHE A 35 -0.29 -11.05 3.96
N LYS A 36 -0.95 -11.21 2.83
CA LYS A 36 -1.99 -12.22 2.67
C LYS A 36 -1.42 -13.61 2.93
N SER A 37 -0.22 -13.86 2.42
CA SER A 37 0.43 -15.15 2.61
C SER A 37 0.75 -15.40 4.08
N GLN A 38 0.68 -14.34 4.88
CA GLN A 38 0.97 -14.44 6.31
C GLN A 38 2.46 -14.59 6.56
N SER A 39 3.26 -13.86 5.82
CA SER A 39 4.71 -13.90 5.95
C SER A 39 5.28 -12.56 6.39
N ILE A 40 4.41 -11.66 6.85
CA ILE A 40 4.82 -10.34 7.30
C ILE A 40 3.79 -9.72 8.23
N ASP A 41 4.27 -8.94 9.20
CA ASP A 41 3.38 -8.30 10.16
C ASP A 41 2.96 -6.92 9.67
N THR A 42 2.10 -6.25 10.43
CA THR A 42 1.62 -4.92 10.08
C THR A 42 2.77 -3.91 10.07
N PRO A 43 3.52 -3.82 11.17
CA PRO A 43 4.65 -2.89 11.29
C PRO A 43 5.58 -2.95 10.08
N GLY A 44 5.81 -4.17 9.58
CA GLY A 44 6.67 -4.34 8.43
C GLY A 44 6.07 -3.78 7.16
N VAL A 45 4.75 -3.78 7.08
CA VAL A 45 4.05 -3.25 5.92
C VAL A 45 4.13 -1.74 5.85
N ILE A 46 3.93 -1.08 6.99
CA ILE A 46 3.98 0.37 7.07
C ILE A 46 5.36 0.89 6.69
N ARG A 47 6.40 0.24 7.21
CA ARG A 47 7.77 0.63 6.92
C ARG A 47 8.12 0.38 5.46
N ARG A 48 7.67 -0.75 4.93
CA ARG A 48 7.94 -1.11 3.54
C ARG A 48 7.44 -0.02 2.60
N VAL A 49 6.23 0.48 2.86
CA VAL A 49 5.64 1.52 2.04
C VAL A 49 6.27 2.88 2.33
N SER A 50 6.67 3.08 3.58
CA SER A 50 7.29 4.33 4.00
C SER A 50 8.60 4.57 3.26
N GLN A 51 9.22 3.48 2.81
CA GLN A 51 10.48 3.56 2.08
C GLN A 51 10.24 3.57 0.58
N LEU A 52 9.18 2.90 0.15
CA LEU A 52 8.84 2.83 -1.27
C LEU A 52 8.53 4.22 -1.82
N PHE A 53 7.48 4.84 -1.31
CA PHE A 53 7.08 6.17 -1.76
C PHE A 53 7.78 7.26 -0.95
N HIS A 54 9.10 7.18 -0.88
CA HIS A 54 9.90 8.15 -0.13
C HIS A 54 9.76 9.54 -0.73
N GLU A 55 9.74 9.62 -2.06
CA GLU A 55 9.62 10.89 -2.75
C GLU A 55 8.19 11.13 -3.22
N HIS A 56 7.23 10.51 -2.52
CA HIS A 56 5.82 10.67 -2.88
C HIS A 56 4.96 10.78 -1.62
N PRO A 57 4.62 12.01 -1.21
CA PRO A 57 3.80 12.25 -0.01
C PRO A 57 2.33 11.88 -0.21
N ASP A 58 1.76 12.31 -1.34
CA ASP A 58 0.36 12.03 -1.63
C ASP A 58 0.06 10.54 -1.61
N LEU A 59 1.10 9.72 -1.76
CA LEU A 59 0.93 8.27 -1.75
C LEU A 59 0.95 7.75 -0.32
N ILE A 60 2.04 8.03 0.39
CA ILE A 60 2.17 7.60 1.78
C ILE A 60 0.97 8.07 2.58
N VAL A 61 0.36 9.17 2.13
CA VAL A 61 -0.81 9.73 2.80
C VAL A 61 -2.05 8.90 2.46
N GLY A 62 -2.26 8.67 1.17
CA GLY A 62 -3.40 7.88 0.73
C GLY A 62 -3.44 6.54 1.41
N PHE A 63 -2.27 5.98 1.69
CA PHE A 63 -2.17 4.68 2.35
C PHE A 63 -2.43 4.83 3.85
N ASN A 64 -2.00 5.94 4.40
CA ASN A 64 -2.19 6.23 5.82
C ASN A 64 -3.67 6.24 6.18
N ALA A 65 -4.49 6.61 5.21
CA ALA A 65 -5.94 6.68 5.41
C ALA A 65 -6.56 5.28 5.52
N PHE A 66 -5.75 4.23 5.32
CA PHE A 66 -6.23 2.86 5.40
C PHE A 66 -5.91 2.25 6.76
N LEU A 67 -4.64 2.36 7.16
CA LEU A 67 -4.20 1.81 8.44
C LEU A 67 -4.85 2.55 9.60
N PRO A 68 -5.21 1.83 10.68
CA PRO A 68 -5.83 2.43 11.86
C PRO A 68 -5.04 3.61 12.41
N LEU A 69 -5.58 4.25 13.45
CA LEU A 69 -4.92 5.40 14.06
C LEU A 69 -3.74 4.95 14.92
N GLY A 70 -3.84 3.74 15.47
CA GLY A 70 -2.78 3.21 16.30
C GLY A 70 -1.43 3.18 15.59
N TYR A 71 -1.41 2.61 14.39
CA TYR A 71 -0.18 2.52 13.61
C TYR A 71 -0.11 3.64 12.59
N ARG A 72 0.46 4.77 13.01
CA ARG A 72 0.59 5.93 12.12
C ARG A 72 1.88 5.84 11.29
N ILE A 73 1.72 5.86 9.97
CA ILE A 73 2.87 5.78 9.07
C ILE A 73 3.77 7.00 9.22
N ASP A 74 5.03 6.77 9.55
CA ASP A 74 5.99 7.84 9.73
C ASP A 74 6.83 8.04 8.47
N ILE A 75 7.40 9.23 8.31
CA ILE A 75 8.22 9.55 7.15
C ILE A 75 9.67 9.82 7.58
N PRO A 76 10.58 8.86 7.37
CA PRO A 76 11.99 9.01 7.74
C PRO A 76 12.70 10.06 6.89
N LYS A 77 13.01 11.20 7.49
CA LYS A 77 13.69 12.28 6.79
C LYS A 77 12.86 12.76 5.59
N ALA B 1 -5.11 -6.92 10.19
CA ALA B 1 -5.33 -5.80 9.25
C ALA B 1 -6.18 -6.23 8.07
N PRO B 2 -7.52 -6.11 8.19
CA PRO B 2 -8.44 -6.49 7.11
C PRO B 2 -8.32 -5.58 5.89
N GLN B 3 -7.82 -4.36 6.11
CA GLN B 3 -7.65 -3.41 5.02
C GLN B 3 -6.44 -3.76 4.18
N LEU B 4 -5.49 -4.44 4.80
CA LEU B 4 -4.27 -4.85 4.12
C LEU B 4 -4.56 -6.06 3.23
N ILE B 5 -5.48 -6.90 3.67
CA ILE B 5 -5.86 -8.09 2.92
C ILE B 5 -6.68 -7.70 1.69
N MET B 6 -7.54 -6.70 1.85
CA MET B 6 -8.38 -6.23 0.75
C MET B 6 -7.54 -5.49 -0.28
N LEU B 7 -6.49 -4.83 0.19
CA LEU B 7 -5.60 -4.08 -0.68
C LEU B 7 -4.81 -5.03 -1.58
N ALA B 8 -4.32 -6.12 -1.00
CA ALA B 8 -3.55 -7.10 -1.74
C ALA B 8 -4.42 -7.82 -2.76
N ASN B 9 -5.70 -8.02 -2.42
CA ASN B 9 -6.63 -8.69 -3.31
C ASN B 9 -6.88 -7.85 -4.56
N VAL B 10 -7.09 -6.56 -4.38
CA VAL B 10 -7.33 -5.65 -5.50
C VAL B 10 -6.08 -5.51 -6.37
N ALA B 11 -4.90 -5.66 -5.75
CA ALA B 11 -3.65 -5.57 -6.47
C ALA B 11 -3.39 -6.85 -7.24
N LEU B 12 -3.80 -7.97 -6.66
CA LEU B 12 -3.63 -9.26 -7.30
C LEU B 12 -4.79 -9.58 -8.23
N THR B 13 -5.91 -8.89 -8.02
CA THR B 13 -7.09 -9.10 -8.85
C THR B 13 -8.11 -7.98 -8.62
N GLY B 14 -7.97 -6.89 -9.37
CA GLY B 14 -8.88 -5.78 -9.23
C GLY B 14 -10.06 -5.86 -10.19
N GLU B 15 -10.68 -7.04 -10.26
CA GLU B 15 -11.82 -7.26 -11.14
C GLU B 15 -11.43 -7.01 -12.60
N PRO A 1 -15.31 5.49 3.34
CA PRO A 1 -15.48 4.15 2.69
C PRO A 1 -14.19 3.66 2.05
N VAL A 2 -13.32 3.07 2.85
CA VAL A 2 -12.05 2.54 2.37
C VAL A 2 -12.19 1.10 1.92
N HIS A 3 -12.75 0.90 0.73
CA HIS A 3 -12.95 -0.44 0.19
C HIS A 3 -12.41 -0.52 -1.24
N VAL A 4 -12.86 -1.52 -2.00
CA VAL A 4 -12.43 -1.71 -3.38
C VAL A 4 -12.41 -0.39 -4.15
N GLU A 5 -13.31 0.52 -3.78
CA GLU A 5 -13.40 1.82 -4.43
C GLU A 5 -12.11 2.61 -4.24
N ASP A 6 -11.76 2.87 -2.98
CA ASP A 6 -10.55 3.60 -2.67
C ASP A 6 -9.30 2.85 -3.11
N ALA A 7 -9.39 1.52 -3.09
CA ALA A 7 -8.27 0.68 -3.49
C ALA A 7 -8.06 0.74 -4.99
N LEU A 8 -9.15 0.80 -5.74
CA LEU A 8 -9.09 0.86 -7.20
C LEU A 8 -8.37 2.12 -7.65
N THR A 9 -8.82 3.27 -7.16
CA THR A 9 -8.23 4.55 -7.52
C THR A 9 -6.77 4.62 -7.07
N TYR A 10 -6.52 4.17 -5.85
CA TYR A 10 -5.17 4.18 -5.29
C TYR A 10 -4.19 3.46 -6.21
N LEU A 11 -4.57 2.27 -6.65
CA LEU A 11 -3.72 1.48 -7.54
C LEU A 11 -3.50 2.19 -8.87
N ASP A 12 -4.55 2.86 -9.35
CA ASP A 12 -4.47 3.60 -10.61
C ASP A 12 -3.57 4.81 -10.48
N GLN A 13 -3.57 5.40 -9.29
CA GLN A 13 -2.76 6.58 -9.01
C GLN A 13 -1.29 6.19 -8.89
N VAL A 14 -1.04 4.98 -8.41
CA VAL A 14 0.32 4.48 -8.25
C VAL A 14 0.86 3.93 -9.56
N LYS A 15 -0.01 3.29 -10.33
CA LYS A 15 0.38 2.71 -11.61
C LYS A 15 0.87 3.80 -12.56
N ILE A 16 0.10 4.88 -12.66
CA ILE A 16 0.46 5.99 -13.53
C ILE A 16 1.65 6.77 -12.99
N ARG A 17 1.61 7.09 -11.70
CA ARG A 17 2.69 7.83 -11.05
C ARG A 17 3.99 7.05 -11.12
N PHE A 18 3.90 5.73 -11.01
CA PHE A 18 5.08 4.88 -11.05
C PHE A 18 5.04 3.96 -12.27
N GLY A 19 4.57 4.50 -13.40
CA GLY A 19 4.48 3.72 -14.62
C GLY A 19 5.84 3.49 -15.26
N SER A 20 6.77 4.42 -15.02
CA SER A 20 8.11 4.31 -15.59
C SER A 20 9.09 3.72 -14.58
N ASP A 21 8.56 3.12 -13.52
CA ASP A 21 9.39 2.51 -12.49
C ASP A 21 8.79 1.20 -12.01
N PRO A 22 8.95 0.12 -12.79
CA PRO A 22 8.41 -1.21 -12.44
C PRO A 22 8.84 -1.65 -11.05
N ALA A 23 9.95 -1.10 -10.57
CA ALA A 23 10.46 -1.44 -9.25
C ALA A 23 9.42 -1.16 -8.16
N THR A 24 8.94 0.07 -8.12
CA THR A 24 7.93 0.48 -7.14
C THR A 24 6.67 -0.37 -7.28
N TYR A 25 6.30 -0.66 -8.51
CA TYR A 25 5.10 -1.45 -8.79
C TYR A 25 5.28 -2.89 -8.31
N ASN A 26 6.33 -3.55 -8.78
CA ASN A 26 6.62 -4.92 -8.39
C ASN A 26 6.82 -5.03 -6.89
N GLY A 27 7.36 -3.97 -6.29
CA GLY A 27 7.59 -3.97 -4.86
C GLY A 27 6.32 -3.81 -4.06
N PHE A 28 5.51 -2.82 -4.43
CA PHE A 28 4.25 -2.56 -3.73
C PHE A 28 3.37 -3.80 -3.71
N LEU A 29 3.32 -4.51 -4.84
CA LEU A 29 2.52 -5.72 -4.95
C LEU A 29 3.10 -6.83 -4.08
N GLU A 30 4.43 -6.93 -4.06
CA GLU A 30 5.10 -7.95 -3.27
C GLU A 30 4.81 -7.77 -1.78
N ILE A 31 4.80 -6.52 -1.33
CA ILE A 31 4.53 -6.22 0.07
C ILE A 31 3.11 -6.63 0.45
N MET A 32 2.13 -6.18 -0.32
CA MET A 32 0.74 -6.50 -0.06
C MET A 32 0.50 -8.01 -0.14
N LYS A 33 1.11 -8.64 -1.13
CA LYS A 33 0.97 -10.08 -1.31
C LYS A 33 1.58 -10.84 -0.15
N GLU A 34 2.61 -10.26 0.46
CA GLU A 34 3.28 -10.89 1.60
C GLU A 34 2.38 -10.90 2.83
N PHE A 35 1.69 -9.78 3.06
CA PHE A 35 0.79 -9.67 4.21
C PHE A 35 -0.35 -10.67 4.10
N LYS A 36 -0.93 -10.78 2.91
CA LYS A 36 -2.04 -11.71 2.69
C LYS A 36 -1.62 -13.14 3.02
N SER A 37 -0.35 -13.44 2.80
CA SER A 37 0.18 -14.77 3.08
C SER A 37 0.16 -15.07 4.57
N GLN A 38 -0.05 -14.04 5.38
CA GLN A 38 -0.09 -14.20 6.84
C GLN A 38 1.25 -14.67 7.37
N SER A 39 2.33 -14.09 6.84
CA SER A 39 3.68 -14.44 7.27
C SER A 39 4.38 -13.26 7.91
N ILE A 40 4.16 -12.07 7.35
CA ILE A 40 4.77 -10.85 7.87
C ILE A 40 3.81 -10.11 8.81
N ASP A 41 4.37 -9.29 9.68
CA ASP A 41 3.57 -8.53 10.63
C ASP A 41 3.05 -7.24 10.00
N THR A 42 2.35 -6.44 10.79
CA THR A 42 1.80 -5.18 10.31
C THR A 42 2.89 -4.13 10.15
N PRO A 43 3.67 -3.89 11.22
CA PRO A 43 4.77 -2.91 11.20
C PRO A 43 5.65 -3.06 9.96
N GLY A 44 5.74 -4.29 9.45
CA GLY A 44 6.56 -4.54 8.29
C GLY A 44 5.94 -4.02 7.01
N VAL A 45 4.61 -4.13 6.91
CA VAL A 45 3.90 -3.66 5.73
C VAL A 45 3.94 -2.14 5.63
N ILE A 46 3.82 -1.46 6.77
CA ILE A 46 3.85 0.00 6.80
C ILE A 46 5.24 0.52 6.48
N ARG A 47 6.26 -0.13 7.04
CA ARG A 47 7.64 0.28 6.81
C ARG A 47 7.98 0.22 5.33
N ARG A 48 7.58 -0.85 4.66
CA ARG A 48 7.83 -1.02 3.24
C ARG A 48 7.21 0.12 2.44
N VAL A 49 5.94 0.39 2.69
CA VAL A 49 5.22 1.45 1.99
C VAL A 49 5.81 2.81 2.32
N SER A 50 6.14 3.03 3.59
CA SER A 50 6.72 4.28 4.03
C SER A 50 8.06 4.54 3.35
N GLN A 51 8.71 3.47 2.90
CA GLN A 51 10.00 3.58 2.24
C GLN A 51 9.83 3.66 0.73
N LEU A 52 8.90 2.87 0.20
CA LEU A 52 8.63 2.85 -1.23
C LEU A 52 8.19 4.22 -1.73
N PHE A 53 7.45 4.94 -0.88
CA PHE A 53 6.96 6.27 -1.23
C PHE A 53 7.69 7.34 -0.44
N HIS A 54 9.01 7.19 -0.32
CA HIS A 54 9.82 8.15 0.41
C HIS A 54 9.72 9.54 -0.21
N GLU A 55 9.49 9.59 -1.52
CA GLU A 55 9.38 10.86 -2.23
C GLU A 55 7.96 11.08 -2.75
N HIS A 56 6.99 10.49 -2.06
CA HIS A 56 5.59 10.62 -2.45
C HIS A 56 4.69 10.80 -1.23
N PRO A 57 4.35 12.05 -0.87
CA PRO A 57 3.50 12.34 0.27
C PRO A 57 2.05 11.88 0.07
N ASP A 58 1.49 12.22 -1.09
CA ASP A 58 0.12 11.82 -1.41
C ASP A 58 -0.05 10.31 -1.38
N LEU A 59 1.07 9.58 -1.46
CA LEU A 59 1.03 8.12 -1.44
C LEU A 59 1.06 7.62 0.00
N ILE A 60 2.08 8.02 0.74
CA ILE A 60 2.22 7.61 2.13
C ILE A 60 0.99 8.06 2.93
N VAL A 61 0.37 9.16 2.49
CA VAL A 61 -0.81 9.69 3.16
C VAL A 61 -2.04 8.87 2.77
N GLY A 62 -2.20 8.64 1.48
CA GLY A 62 -3.34 7.87 1.01
C GLY A 62 -3.35 6.47 1.57
N PHE A 63 -2.16 5.91 1.76
CA PHE A 63 -2.02 4.57 2.30
C PHE A 63 -2.35 4.54 3.79
N ASN A 64 -1.90 5.58 4.48
CA ASN A 64 -2.15 5.70 5.92
C ASN A 64 -3.64 5.92 6.20
N ALA A 65 -4.36 6.39 5.19
CA ALA A 65 -5.80 6.65 5.33
C ALA A 65 -6.60 5.34 5.44
N PHE A 66 -5.93 4.21 5.23
CA PHE A 66 -6.59 2.91 5.31
C PHE A 66 -6.34 2.25 6.66
N LEU A 67 -5.19 2.54 7.25
CA LEU A 67 -4.84 1.97 8.55
C LEU A 67 -5.57 2.70 9.69
N PRO A 68 -5.79 2.01 10.82
CA PRO A 68 -6.49 2.59 11.97
C PRO A 68 -5.68 3.72 12.61
N LEU A 69 -6.35 4.52 13.43
CA LEU A 69 -5.70 5.64 14.11
C LEU A 69 -4.55 5.16 14.97
N GLY A 70 -4.67 3.94 15.50
CA GLY A 70 -3.63 3.40 16.34
C GLY A 70 -2.34 3.14 15.58
N TYR A 71 -2.47 2.58 14.38
CA TYR A 71 -1.31 2.29 13.54
C TYR A 71 -1.04 3.43 12.57
N ARG A 72 -0.48 4.52 13.07
CA ARG A 72 -0.17 5.68 12.25
C ARG A 72 1.09 5.43 11.42
N ILE A 73 1.27 6.25 10.38
CA ILE A 73 2.42 6.12 9.51
C ILE A 73 3.53 7.10 9.90
N ASP A 74 4.77 6.62 9.89
CA ASP A 74 5.91 7.46 10.24
C ASP A 74 6.77 7.76 9.01
N ILE A 75 7.32 8.97 8.98
CA ILE A 75 8.16 9.38 7.86
C ILE A 75 9.07 10.55 8.26
N PRO A 76 10.40 10.38 8.14
CA PRO A 76 11.37 11.43 8.49
C PRO A 76 11.32 12.61 7.52
N LYS A 77 11.73 13.78 8.01
CA LYS A 77 11.75 14.98 7.17
C LYS A 77 12.33 16.17 7.94
N ALA B 1 -4.20 -6.00 9.81
CA ALA B 1 -5.38 -5.13 9.57
C ALA B 1 -6.20 -5.65 8.39
N PRO B 2 -7.53 -5.44 8.44
CA PRO B 2 -8.43 -5.89 7.37
C PRO B 2 -8.30 -5.06 6.10
N GLN B 3 -7.79 -3.84 6.24
CA GLN B 3 -7.61 -2.95 5.11
C GLN B 3 -6.39 -3.35 4.29
N LEU B 4 -5.44 -4.00 4.95
CA LEU B 4 -4.23 -4.45 4.29
C LEU B 4 -4.51 -5.70 3.47
N ILE B 5 -5.42 -6.52 3.96
CA ILE B 5 -5.79 -7.75 3.26
C ILE B 5 -6.64 -7.44 2.04
N MET B 6 -7.51 -6.44 2.17
CA MET B 6 -8.38 -6.03 1.07
C MET B 6 -7.58 -5.30 0.01
N LEU B 7 -6.52 -4.63 0.42
CA LEU B 7 -5.67 -3.89 -0.50
C LEU B 7 -4.88 -4.84 -1.38
N ALA B 8 -4.28 -5.85 -0.76
CA ALA B 8 -3.51 -6.84 -1.49
C ALA B 8 -4.40 -7.67 -2.42
N ASN B 9 -5.65 -7.86 -2.00
CA ASN B 9 -6.60 -8.63 -2.77
C ASN B 9 -6.87 -7.95 -4.12
N VAL B 10 -7.19 -6.66 -4.07
CA VAL B 10 -7.47 -5.90 -5.27
C VAL B 10 -6.24 -5.81 -6.16
N ALA B 11 -5.06 -5.82 -5.54
CA ALA B 11 -3.82 -5.75 -6.26
C ALA B 11 -3.48 -7.11 -6.87
N LEU B 12 -3.84 -8.16 -6.16
CA LEU B 12 -3.60 -9.52 -6.61
C LEU B 12 -4.70 -9.98 -7.57
N THR B 13 -5.77 -9.18 -7.66
CA THR B 13 -6.90 -9.51 -8.53
C THR B 13 -7.32 -10.97 -8.40
N GLY B 14 -7.37 -11.45 -7.15
CA GLY B 14 -7.75 -12.83 -6.90
C GLY B 14 -9.23 -13.07 -7.11
N GLU B 15 -10.03 -12.01 -6.90
CA GLU B 15 -11.47 -12.11 -7.06
C GLU B 15 -11.84 -12.56 -8.47
N PRO A 1 -15.66 5.79 2.38
CA PRO A 1 -14.60 5.25 3.29
C PRO A 1 -13.53 4.48 2.53
N VAL A 2 -12.40 4.26 3.16
CA VAL A 2 -11.30 3.54 2.55
C VAL A 2 -11.64 2.06 2.37
N HIS A 3 -12.37 1.75 1.30
CA HIS A 3 -12.76 0.38 1.01
C HIS A 3 -12.27 -0.06 -0.36
N VAL A 4 -12.84 -1.14 -0.89
CA VAL A 4 -12.44 -1.66 -2.20
C VAL A 4 -12.31 -0.55 -3.23
N GLU A 5 -13.29 0.34 -3.28
CA GLU A 5 -13.26 1.46 -4.22
C GLU A 5 -12.02 2.31 -4.03
N ASP A 6 -11.66 2.55 -2.77
CA ASP A 6 -10.48 3.35 -2.44
C ASP A 6 -9.21 2.66 -2.89
N ALA A 7 -9.19 1.34 -2.78
CA ALA A 7 -8.02 0.55 -3.18
C ALA A 7 -7.86 0.56 -4.69
N LEU A 8 -8.98 0.54 -5.41
CA LEU A 8 -8.95 0.53 -6.86
C LEU A 8 -8.29 1.80 -7.41
N THR A 9 -8.81 2.95 -6.99
CA THR A 9 -8.26 4.23 -7.43
C THR A 9 -6.81 4.39 -6.99
N TYR A 10 -6.54 4.06 -5.73
CA TYR A 10 -5.20 4.18 -5.17
C TYR A 10 -4.19 3.40 -6.02
N LEU A 11 -4.49 2.14 -6.28
CA LEU A 11 -3.62 1.28 -7.07
C LEU A 11 -3.52 1.79 -8.51
N ASP A 12 -4.60 2.38 -9.00
CA ASP A 12 -4.64 2.90 -10.36
C ASP A 12 -3.77 4.15 -10.49
N GLN A 13 -3.67 4.89 -9.40
CA GLN A 13 -2.86 6.11 -9.37
C GLN A 13 -1.39 5.78 -9.17
N VAL A 14 -1.13 4.67 -8.50
CA VAL A 14 0.23 4.24 -8.23
C VAL A 14 0.84 3.54 -9.45
N LYS A 15 -0.01 2.91 -10.24
CA LYS A 15 0.44 2.22 -11.44
C LYS A 15 0.71 3.19 -12.57
N ILE A 16 -0.23 4.10 -12.81
CA ILE A 16 -0.09 5.10 -13.87
C ILE A 16 1.06 6.05 -13.57
N ARG A 17 1.10 6.58 -12.35
CA ARG A 17 2.15 7.50 -11.94
C ARG A 17 3.52 6.84 -12.06
N PHE A 18 3.56 5.54 -11.86
CA PHE A 18 4.81 4.79 -11.95
C PHE A 18 4.78 3.80 -13.11
N GLY A 19 4.20 4.23 -14.23
CA GLY A 19 4.11 3.38 -15.39
C GLY A 19 5.48 2.98 -15.93
N SER A 20 6.42 3.91 -15.87
CA SER A 20 7.78 3.66 -16.36
C SER A 20 8.71 3.28 -15.21
N ASP A 21 8.14 2.74 -14.14
CA ASP A 21 8.91 2.33 -12.98
C ASP A 21 8.38 1.02 -12.41
N PRO A 22 8.87 -0.12 -12.94
CA PRO A 22 8.44 -1.46 -12.48
C PRO A 22 8.91 -1.75 -11.06
N ALA A 23 10.02 -1.13 -10.66
CA ALA A 23 10.56 -1.33 -9.33
C ALA A 23 9.57 -0.87 -8.26
N THR A 24 9.01 0.31 -8.45
CA THR A 24 8.04 0.86 -7.51
C THR A 24 6.76 0.03 -7.49
N TYR A 25 6.21 -0.20 -8.68
CA TYR A 25 4.98 -0.98 -8.80
C TYR A 25 5.17 -2.38 -8.24
N ASN A 26 6.22 -3.07 -8.70
CA ASN A 26 6.51 -4.42 -8.24
C ASN A 26 6.77 -4.43 -6.73
N GLY A 27 7.34 -3.35 -6.23
CA GLY A 27 7.62 -3.27 -4.80
C GLY A 27 6.37 -3.27 -3.95
N PHE A 28 5.44 -2.36 -4.26
CA PHE A 28 4.19 -2.25 -3.53
C PHE A 28 3.39 -3.56 -3.63
N LEU A 29 3.46 -4.18 -4.80
CA LEU A 29 2.75 -5.44 -5.03
C LEU A 29 3.32 -6.56 -4.16
N GLU A 30 4.65 -6.60 -4.04
CA GLU A 30 5.32 -7.61 -3.24
C GLU A 30 4.88 -7.53 -1.79
N ILE A 31 4.71 -6.30 -1.29
CA ILE A 31 4.28 -6.08 0.07
C ILE A 31 2.81 -6.44 0.26
N MET A 32 2.03 -6.25 -0.80
CA MET A 32 0.60 -6.56 -0.76
C MET A 32 0.37 -8.07 -0.69
N LYS A 33 1.12 -8.82 -1.49
CA LYS A 33 1.00 -10.27 -1.50
C LYS A 33 1.57 -10.88 -0.22
N GLU A 34 2.56 -10.22 0.36
CA GLU A 34 3.19 -10.68 1.59
C GLU A 34 2.17 -10.73 2.73
N PHE A 35 1.53 -9.60 2.98
CA PHE A 35 0.54 -9.51 4.04
C PHE A 35 -0.61 -10.48 3.80
N LYS A 36 -1.05 -10.57 2.55
CA LYS A 36 -2.14 -11.48 2.18
C LYS A 36 -1.79 -12.91 2.52
N SER A 37 -0.52 -13.26 2.35
CA SER A 37 -0.04 -14.61 2.64
C SER A 37 -0.16 -14.93 4.13
N GLN A 38 -0.36 -13.90 4.94
CA GLN A 38 -0.49 -14.07 6.39
C GLN A 38 0.85 -14.43 7.02
N SER A 39 1.87 -13.63 6.72
CA SER A 39 3.20 -13.86 7.25
C SER A 39 3.78 -12.59 7.86
N ILE A 40 3.80 -11.52 7.06
CA ILE A 40 4.32 -10.24 7.52
C ILE A 40 3.35 -9.56 8.49
N ASP A 41 3.90 -8.80 9.43
CA ASP A 41 3.08 -8.10 10.42
C ASP A 41 2.70 -6.72 9.92
N THR A 42 1.88 -6.01 10.70
CA THR A 42 1.44 -4.67 10.34
C THR A 42 2.61 -3.71 10.27
N PRO A 43 3.42 -3.63 11.35
CA PRO A 43 4.58 -2.74 11.41
C PRO A 43 5.48 -2.88 10.18
N GLY A 44 5.61 -4.10 9.68
CA GLY A 44 6.43 -4.34 8.51
C GLY A 44 5.85 -3.73 7.25
N VAL A 45 4.53 -3.71 7.16
CA VAL A 45 3.84 -3.15 6.00
C VAL A 45 4.07 -1.65 5.91
N ILE A 46 3.93 -0.96 7.03
CA ILE A 46 4.12 0.49 7.07
C ILE A 46 5.53 0.87 6.65
N ARG A 47 6.51 0.19 7.23
CA ARG A 47 7.91 0.46 6.91
C ARG A 47 8.19 0.23 5.43
N ARG A 48 7.60 -0.83 4.88
CA ARG A 48 7.78 -1.16 3.47
C ARG A 48 7.31 -0.02 2.58
N VAL A 49 6.11 0.47 2.83
CA VAL A 49 5.53 1.55 2.04
C VAL A 49 6.17 2.89 2.42
N SER A 50 6.48 3.06 3.70
CA SER A 50 7.10 4.28 4.18
C SER A 50 8.45 4.53 3.50
N GLN A 51 9.07 3.45 3.05
CA GLN A 51 10.36 3.55 2.37
C GLN A 51 10.19 3.54 0.85
N LEU A 52 9.19 2.81 0.38
CA LEU A 52 8.91 2.72 -1.04
C LEU A 52 8.54 4.08 -1.62
N PHE A 53 7.65 4.79 -0.93
CA PHE A 53 7.20 6.11 -1.38
C PHE A 53 7.84 7.21 -0.54
N HIS A 54 9.16 7.13 -0.38
CA HIS A 54 9.89 8.12 0.39
C HIS A 54 10.07 9.44 -0.38
N GLU A 55 9.64 9.45 -1.63
CA GLU A 55 9.76 10.64 -2.46
C GLU A 55 8.43 11.37 -2.58
N HIS A 56 7.34 10.60 -2.62
CA HIS A 56 6.01 11.18 -2.74
C HIS A 56 5.26 11.09 -1.41
N PRO A 57 4.86 12.25 -0.84
CA PRO A 57 4.13 12.30 0.43
C PRO A 57 2.67 11.89 0.28
N ASP A 58 2.03 12.38 -0.78
CA ASP A 58 0.63 12.08 -1.04
C ASP A 58 0.40 10.57 -1.16
N LEU A 59 1.47 9.82 -1.37
CA LEU A 59 1.38 8.37 -1.51
C LEU A 59 1.42 7.72 -0.13
N ILE A 60 2.47 8.02 0.62
CA ILE A 60 2.62 7.46 1.97
C ILE A 60 1.47 7.93 2.85
N VAL A 61 0.90 9.09 2.53
CA VAL A 61 -0.21 9.63 3.30
C VAL A 61 -1.50 8.89 2.95
N GLY A 62 -1.76 8.75 1.65
CA GLY A 62 -2.96 8.06 1.21
C GLY A 62 -3.05 6.66 1.77
N PHE A 63 -1.90 6.00 1.90
CA PHE A 63 -1.84 4.65 2.43
C PHE A 63 -2.06 4.65 3.94
N ASN A 64 -1.52 5.68 4.58
CA ASN A 64 -1.64 5.82 6.03
C ASN A 64 -3.12 5.97 6.44
N ALA A 65 -3.92 6.48 5.51
CA ALA A 65 -5.35 6.68 5.76
C ALA A 65 -6.12 5.36 5.76
N PHE A 66 -5.42 4.26 5.49
CA PHE A 66 -6.06 2.94 5.47
C PHE A 66 -5.83 2.19 6.78
N LEU A 67 -4.68 2.45 7.40
CA LEU A 67 -4.34 1.80 8.66
C LEU A 67 -5.02 2.50 9.83
N PRO A 68 -5.26 1.77 10.93
CA PRO A 68 -5.90 2.32 12.13
C PRO A 68 -5.01 3.34 12.85
N LEU A 69 -5.57 3.98 13.87
CA LEU A 69 -4.83 4.97 14.64
C LEU A 69 -3.80 4.31 15.55
N GLY A 70 -3.91 3.00 15.73
CA GLY A 70 -2.99 2.28 16.58
C GLY A 70 -1.54 2.51 16.19
N TYR A 71 -1.31 2.75 14.90
CA TYR A 71 0.04 3.00 14.40
C TYR A 71 0.09 4.24 13.52
N ARG A 72 1.13 5.05 13.70
CA ARG A 72 1.29 6.27 12.91
C ARG A 72 2.43 6.12 11.91
N ILE A 73 2.23 6.64 10.70
CA ILE A 73 3.24 6.57 9.67
C ILE A 73 4.30 7.64 9.85
N ASP A 74 5.55 7.28 9.59
CA ASP A 74 6.67 8.21 9.73
C ASP A 74 7.05 8.82 8.37
N ILE A 75 7.36 10.12 8.38
CA ILE A 75 7.74 10.80 7.16
C ILE A 75 8.87 11.80 7.42
N PRO A 76 10.10 11.45 7.02
CA PRO A 76 11.27 12.33 7.23
C PRO A 76 11.19 13.58 6.37
N LYS A 77 11.64 14.70 6.94
CA LYS A 77 11.62 15.98 6.23
C LYS A 77 12.57 16.98 6.90
N ALA B 1 -6.47 -6.94 10.23
CA ALA B 1 -6.53 -5.83 9.26
C ALA B 1 -7.25 -6.26 7.98
N PRO B 2 -8.59 -6.13 7.94
CA PRO B 2 -9.39 -6.51 6.78
C PRO B 2 -9.15 -5.59 5.58
N GLN B 3 -8.66 -4.39 5.86
CA GLN B 3 -8.39 -3.42 4.80
C GLN B 3 -7.07 -3.73 4.09
N LEU B 4 -6.20 -4.45 4.79
CA LEU B 4 -4.91 -4.82 4.23
C LEU B 4 -5.06 -6.04 3.32
N ILE B 5 -5.95 -6.95 3.70
CA ILE B 5 -6.20 -8.14 2.91
C ILE B 5 -7.02 -7.79 1.67
N MET B 6 -7.90 -6.81 1.80
CA MET B 6 -8.74 -6.38 0.69
C MET B 6 -7.94 -5.52 -0.28
N LEU B 7 -6.96 -4.80 0.25
CA LEU B 7 -6.11 -3.94 -0.57
C LEU B 7 -5.23 -4.78 -1.48
N ALA B 8 -4.57 -5.78 -0.91
CA ALA B 8 -3.70 -6.67 -1.67
C ALA B 8 -4.51 -7.51 -2.64
N ASN B 9 -5.73 -7.84 -2.26
CA ASN B 9 -6.61 -8.64 -3.11
C ASN B 9 -6.90 -7.91 -4.41
N VAL B 10 -7.14 -6.60 -4.31
CA VAL B 10 -7.42 -5.79 -5.49
C VAL B 10 -6.17 -5.60 -6.33
N ALA B 11 -5.02 -5.59 -5.66
CA ALA B 11 -3.74 -5.43 -6.34
C ALA B 11 -3.33 -6.75 -6.98
N LEU B 12 -3.67 -7.85 -6.31
CA LEU B 12 -3.34 -9.17 -6.80
C LEU B 12 -4.42 -9.68 -7.74
N THR B 13 -5.61 -9.08 -7.64
CA THR B 13 -6.73 -9.47 -8.49
C THR B 13 -7.86 -8.45 -8.39
N GLY B 14 -7.66 -7.29 -9.01
CA GLY B 14 -8.66 -6.24 -8.97
C GLY B 14 -9.48 -6.18 -10.25
N GLU B 15 -9.86 -7.35 -10.77
CA GLU B 15 -10.64 -7.43 -12.00
C GLU B 15 -9.89 -6.80 -13.17
N PRO A 1 -16.65 5.69 0.16
CA PRO A 1 -16.07 4.77 1.18
C PRO A 1 -14.64 4.35 0.82
N VAL A 2 -13.96 3.76 1.79
CA VAL A 2 -12.58 3.31 1.59
C VAL A 2 -12.52 1.88 1.07
N HIS A 3 -13.67 1.34 0.66
CA HIS A 3 -13.74 -0.02 0.14
C HIS A 3 -12.92 -0.17 -1.13
N VAL A 4 -13.16 -1.25 -1.87
CA VAL A 4 -12.44 -1.51 -3.12
C VAL A 4 -12.38 -0.27 -4.00
N GLU A 5 -13.39 0.59 -3.88
CA GLU A 5 -13.45 1.81 -4.67
C GLU A 5 -12.22 2.67 -4.42
N ASP A 6 -11.90 2.90 -3.15
CA ASP A 6 -10.75 3.70 -2.77
C ASP A 6 -9.46 2.95 -3.03
N ALA A 7 -9.51 1.63 -2.93
CA ALA A 7 -8.34 0.79 -3.16
C ALA A 7 -8.00 0.73 -4.64
N LEU A 8 -9.04 0.65 -5.48
CA LEU A 8 -8.86 0.58 -6.92
C LEU A 8 -8.21 1.86 -7.45
N THR A 9 -8.79 3.00 -7.10
CA THR A 9 -8.26 4.29 -7.53
C THR A 9 -6.82 4.47 -7.10
N TYR A 10 -6.53 4.09 -5.85
CA TYR A 10 -5.19 4.23 -5.30
C TYR A 10 -4.16 3.56 -6.21
N LEU A 11 -4.42 2.31 -6.58
CA LEU A 11 -3.52 1.56 -7.45
C LEU A 11 -3.36 2.25 -8.80
N ASP A 12 -4.44 2.87 -9.27
CA ASP A 12 -4.42 3.57 -10.56
C ASP A 12 -3.49 4.77 -10.50
N GLN A 13 -3.44 5.40 -9.33
CA GLN A 13 -2.59 6.58 -9.14
C GLN A 13 -1.14 6.17 -8.90
N VAL A 14 -0.97 4.97 -8.36
CA VAL A 14 0.36 4.45 -8.07
C VAL A 14 1.02 3.91 -9.34
N LYS A 15 0.20 3.45 -10.27
CA LYS A 15 0.70 2.91 -11.54
C LYS A 15 1.09 4.03 -12.49
N ILE A 16 0.21 5.02 -12.63
CA ILE A 16 0.46 6.15 -13.51
C ILE A 16 1.67 6.95 -13.04
N ARG A 17 1.70 7.27 -11.75
CA ARG A 17 2.79 8.04 -11.17
C ARG A 17 4.11 7.26 -11.27
N PHE A 18 4.00 5.94 -11.22
CA PHE A 18 5.18 5.08 -11.29
C PHE A 18 5.13 4.19 -12.53
N GLY A 19 4.68 4.76 -13.64
CA GLY A 19 4.58 4.00 -14.87
C GLY A 19 5.95 3.65 -15.45
N SER A 20 6.94 4.50 -15.17
CA SER A 20 8.29 4.27 -15.66
C SER A 20 9.20 3.77 -14.55
N ASP A 21 8.61 3.14 -13.55
CA ASP A 21 9.37 2.61 -12.42
C ASP A 21 8.83 1.25 -11.99
N PRO A 22 9.00 0.22 -12.83
CA PRO A 22 8.52 -1.14 -12.53
C PRO A 22 9.02 -1.64 -11.18
N ALA A 23 10.17 -1.12 -10.75
CA ALA A 23 10.75 -1.52 -9.47
C ALA A 23 9.81 -1.18 -8.31
N THR A 24 9.27 0.03 -8.33
CA THR A 24 8.36 0.48 -7.29
C THR A 24 7.06 -0.32 -7.32
N TYR A 25 6.52 -0.52 -8.52
CA TYR A 25 5.28 -1.27 -8.68
C TYR A 25 5.44 -2.70 -8.14
N ASN A 26 6.49 -3.38 -8.59
CA ASN A 26 6.74 -4.75 -8.16
C ASN A 26 6.97 -4.81 -6.65
N GLY A 27 7.56 -3.76 -6.11
CA GLY A 27 7.81 -3.71 -4.68
C GLY A 27 6.54 -3.62 -3.86
N PHE A 28 5.67 -2.68 -4.21
CA PHE A 28 4.41 -2.50 -3.51
C PHE A 28 3.58 -3.78 -3.56
N LEU A 29 3.49 -4.39 -4.74
CA LEU A 29 2.73 -5.61 -4.91
C LEU A 29 3.29 -6.72 -4.02
N GLU A 30 4.61 -6.84 -3.99
CA GLU A 30 5.27 -7.86 -3.18
C GLU A 30 4.82 -7.77 -1.72
N ILE A 31 4.69 -6.55 -1.23
CA ILE A 31 4.25 -6.33 0.15
C ILE A 31 2.79 -6.73 0.34
N MET A 32 2.00 -6.56 -0.72
CA MET A 32 0.58 -6.90 -0.67
C MET A 32 0.38 -8.41 -0.60
N LYS A 33 1.08 -9.14 -1.47
CA LYS A 33 0.98 -10.59 -1.50
C LYS A 33 1.52 -11.20 -0.21
N GLU A 34 2.60 -10.62 0.31
CA GLU A 34 3.22 -11.10 1.53
C GLU A 34 2.24 -11.04 2.70
N PHE A 35 1.53 -9.92 2.80
CA PHE A 35 0.55 -9.74 3.87
C PHE A 35 -0.52 -10.82 3.83
N LYS A 36 -1.17 -10.96 2.68
CA LYS A 36 -2.21 -11.96 2.50
C LYS A 36 -1.67 -13.36 2.75
N SER A 37 -0.41 -13.57 2.36
CA SER A 37 0.23 -14.88 2.54
C SER A 37 0.38 -15.22 4.02
N GLN A 38 0.25 -14.21 4.89
CA GLN A 38 0.36 -14.41 6.33
C GLN A 38 1.81 -14.71 6.72
N SER A 39 2.73 -13.93 6.15
CA SER A 39 4.15 -14.12 6.45
C SER A 39 4.75 -12.84 7.05
N ILE A 40 4.36 -11.70 6.50
CA ILE A 40 4.87 -10.42 6.99
C ILE A 40 3.90 -9.79 7.98
N ASP A 41 4.45 -9.06 8.95
CA ASP A 41 3.63 -8.40 9.96
C ASP A 41 3.17 -7.03 9.49
N THR A 42 2.29 -6.40 10.26
CA THR A 42 1.77 -5.09 9.92
C THR A 42 2.88 -4.05 9.86
N PRO A 43 3.70 -3.95 10.93
CA PRO A 43 4.82 -2.99 10.99
C PRO A 43 5.69 -3.04 9.74
N GLY A 44 6.07 -4.25 9.34
CA GLY A 44 6.92 -4.43 8.18
C GLY A 44 6.28 -3.87 6.91
N VAL A 45 4.95 -3.89 6.87
CA VAL A 45 4.21 -3.38 5.72
C VAL A 45 4.35 -1.87 5.61
N ILE A 46 4.13 -1.17 6.73
CA ILE A 46 4.22 0.28 6.76
C ILE A 46 5.64 0.74 6.46
N ARG A 47 6.62 -0.02 6.94
CA ARG A 47 8.03 0.32 6.72
C ARG A 47 8.36 0.32 5.24
N ARG A 48 7.99 -0.75 4.55
CA ARG A 48 8.27 -0.88 3.12
C ARG A 48 7.62 0.26 2.34
N VAL A 49 6.30 0.40 2.48
CA VAL A 49 5.56 1.45 1.79
C VAL A 49 6.11 2.83 2.15
N SER A 50 6.30 3.07 3.44
CA SER A 50 6.82 4.35 3.91
C SER A 50 8.19 4.64 3.31
N GLN A 51 8.88 3.59 2.89
CA GLN A 51 10.20 3.73 2.29
C GLN A 51 10.11 3.81 0.77
N LEU A 52 9.17 3.05 0.20
CA LEU A 52 8.97 3.02 -1.24
C LEU A 52 8.55 4.40 -1.75
N PHE A 53 7.77 5.11 -0.95
CA PHE A 53 7.29 6.44 -1.32
C PHE A 53 7.90 7.51 -0.42
N HIS A 54 9.23 7.55 -0.36
CA HIS A 54 9.92 8.51 0.47
C HIS A 54 9.77 9.94 -0.09
N GLU A 55 9.63 10.03 -1.40
CA GLU A 55 9.48 11.34 -2.05
C GLU A 55 8.05 11.52 -2.57
N HIS A 56 7.09 10.85 -1.95
CA HIS A 56 5.70 10.95 -2.34
C HIS A 56 4.78 10.98 -1.13
N PRO A 57 4.41 12.18 -0.65
CA PRO A 57 3.53 12.34 0.51
C PRO A 57 2.10 11.90 0.23
N ASP A 58 1.57 12.31 -0.92
CA ASP A 58 0.20 11.97 -1.31
C ASP A 58 0.01 10.44 -1.35
N LEU A 59 1.11 9.70 -1.43
CA LEU A 59 1.06 8.25 -1.47
C LEU A 59 0.98 7.69 -0.06
N ILE A 60 1.97 8.03 0.76
CA ILE A 60 2.00 7.57 2.13
C ILE A 60 0.73 8.00 2.87
N VAL A 61 0.13 9.09 2.40
CA VAL A 61 -1.10 9.60 3.01
C VAL A 61 -2.29 8.75 2.58
N GLY A 62 -2.43 8.55 1.27
CA GLY A 62 -3.53 7.74 0.75
C GLY A 62 -3.53 6.34 1.35
N PHE A 63 -2.34 5.78 1.51
CA PHE A 63 -2.21 4.44 2.07
C PHE A 63 -2.49 4.45 3.56
N ASN A 64 -2.16 5.57 4.20
CA ASN A 64 -2.38 5.72 5.63
C ASN A 64 -3.87 5.65 5.96
N ALA A 65 -4.69 6.13 5.03
CA ALA A 65 -6.14 6.12 5.21
C ALA A 65 -6.66 4.71 5.47
N PHE A 66 -5.88 3.71 5.06
CA PHE A 66 -6.27 2.31 5.25
C PHE A 66 -5.58 1.71 6.46
N LEU A 67 -5.29 2.56 7.45
CA LEU A 67 -4.62 2.10 8.67
C LEU A 67 -5.29 2.69 9.91
N PRO A 68 -5.41 1.89 10.99
CA PRO A 68 -6.04 2.35 12.23
C PRO A 68 -5.15 3.30 13.01
N LEU A 69 -5.75 4.00 13.96
CA LEU A 69 -5.01 4.96 14.79
C LEU A 69 -3.92 4.26 15.60
N GLY A 70 -4.14 2.97 15.88
CA GLY A 70 -3.17 2.21 16.65
C GLY A 70 -1.79 2.22 16.02
N TYR A 71 -1.76 2.18 14.70
CA TYR A 71 -0.49 2.19 13.96
C TYR A 71 -0.40 3.39 13.03
N ARG A 72 0.26 4.45 13.50
CA ARG A 72 0.42 5.66 12.69
C ARG A 72 1.72 5.63 11.92
N ILE A 73 1.65 5.97 10.64
CA ILE A 73 2.83 5.99 9.78
C ILE A 73 3.70 7.20 10.08
N ASP A 74 5.00 7.07 9.81
CA ASP A 74 5.95 8.16 10.05
C ASP A 74 6.06 9.05 8.82
N ILE A 75 6.75 10.17 8.97
CA ILE A 75 6.94 11.11 7.87
C ILE A 75 8.20 11.95 8.08
N PRO A 76 8.99 12.16 7.01
CA PRO A 76 10.23 12.96 7.08
C PRO A 76 9.98 14.35 7.67
N LYS A 77 10.96 14.84 8.42
CA LYS A 77 10.85 16.16 9.04
C LYS A 77 10.70 17.25 7.98
N ALA B 1 -5.59 -5.96 10.54
CA ALA B 1 -6.51 -4.99 9.90
C ALA B 1 -7.11 -5.56 8.61
N PRO B 2 -8.45 -5.48 8.46
CA PRO B 2 -9.14 -6.01 7.28
C PRO B 2 -8.93 -5.12 6.05
N GLN B 3 -8.40 -3.92 6.27
CA GLN B 3 -8.16 -3.00 5.16
C GLN B 3 -6.87 -3.37 4.42
N LEU B 4 -5.96 -4.00 5.13
CA LEU B 4 -4.69 -4.41 4.54
C LEU B 4 -4.88 -5.68 3.71
N ILE B 5 -5.73 -6.58 4.21
CA ILE B 5 -6.01 -7.83 3.52
C ILE B 5 -6.87 -7.58 2.29
N MET B 6 -7.76 -6.60 2.38
CA MET B 6 -8.63 -6.25 1.26
C MET B 6 -7.86 -5.49 0.20
N LEU B 7 -6.86 -4.73 0.63
CA LEU B 7 -6.03 -3.96 -0.29
C LEU B 7 -5.23 -4.88 -1.19
N ALA B 8 -4.55 -5.85 -0.58
CA ALA B 8 -3.74 -6.80 -1.33
C ALA B 8 -4.61 -7.67 -2.23
N ASN B 9 -5.82 -7.99 -1.74
CA ASN B 9 -6.74 -8.82 -2.50
C ASN B 9 -7.11 -8.14 -3.82
N VAL B 10 -7.31 -6.83 -3.77
CA VAL B 10 -7.66 -6.06 -4.96
C VAL B 10 -6.48 -5.97 -5.91
N ALA B 11 -5.27 -5.91 -5.35
CA ALA B 11 -4.07 -5.83 -6.15
C ALA B 11 -3.70 -7.20 -6.69
N LEU B 12 -4.01 -8.23 -5.91
CA LEU B 12 -3.73 -9.60 -6.30
C LEU B 12 -4.88 -10.20 -7.11
N THR B 13 -6.00 -9.49 -7.15
CA THR B 13 -7.18 -9.94 -7.89
C THR B 13 -7.49 -11.41 -7.58
N GLY B 14 -7.28 -11.80 -6.34
CA GLY B 14 -7.53 -13.17 -5.93
C GLY B 14 -9.00 -13.43 -5.66
N GLU B 15 -9.72 -12.38 -5.30
CA GLU B 15 -11.15 -12.49 -5.02
C GLU B 15 -11.91 -13.02 -6.23
N PRO A 1 -15.45 5.82 2.54
CA PRO A 1 -15.58 4.35 2.72
C PRO A 1 -14.42 3.58 2.10
N VAL A 2 -13.44 3.23 2.92
CA VAL A 2 -12.27 2.51 2.47
C VAL A 2 -12.64 1.11 1.98
N HIS A 3 -13.14 1.04 0.75
CA HIS A 3 -13.53 -0.23 0.15
C HIS A 3 -12.76 -0.50 -1.13
N VAL A 4 -13.14 -1.53 -1.86
CA VAL A 4 -12.48 -1.90 -3.11
C VAL A 4 -12.24 -0.67 -3.99
N GLU A 5 -13.18 0.26 -3.96
CA GLU A 5 -13.07 1.48 -4.75
C GLU A 5 -11.88 2.32 -4.30
N ASP A 6 -11.59 2.27 -3.00
CA ASP A 6 -10.48 3.03 -2.43
C ASP A 6 -9.15 2.40 -2.81
N ALA A 7 -9.08 1.07 -2.72
CA ALA A 7 -7.87 0.34 -3.06
C ALA A 7 -7.60 0.39 -4.56
N LEU A 8 -8.69 0.47 -5.34
CA LEU A 8 -8.57 0.52 -6.79
C LEU A 8 -7.89 1.80 -7.24
N THR A 9 -8.44 2.94 -6.83
CA THR A 9 -7.90 4.24 -7.19
C THR A 9 -6.45 4.37 -6.72
N TYR A 10 -6.21 3.96 -5.48
CA TYR A 10 -4.87 4.03 -4.90
C TYR A 10 -3.86 3.30 -5.77
N LEU A 11 -4.20 2.09 -6.18
CA LEU A 11 -3.32 1.29 -7.03
C LEU A 11 -3.14 1.93 -8.39
N ASP A 12 -4.23 2.49 -8.93
CA ASP A 12 -4.19 3.15 -10.23
C ASP A 12 -3.30 4.38 -10.18
N GLN A 13 -3.21 4.99 -9.01
CA GLN A 13 -2.40 6.18 -8.83
C GLN A 13 -0.93 5.82 -8.66
N VAL A 14 -0.68 4.61 -8.17
CA VAL A 14 0.68 4.13 -7.96
C VAL A 14 1.29 3.67 -9.27
N LYS A 15 0.44 3.26 -10.22
CA LYS A 15 0.91 2.78 -11.51
C LYS A 15 1.20 3.96 -12.44
N ILE A 16 0.28 4.92 -12.50
CA ILE A 16 0.44 6.08 -13.35
C ILE A 16 1.63 6.93 -12.90
N ARG A 17 1.65 7.28 -11.62
CA ARG A 17 2.74 8.10 -11.07
C ARG A 17 4.09 7.42 -11.28
N PHE A 18 4.09 6.09 -11.31
CA PHE A 18 5.32 5.34 -11.51
C PHE A 18 5.26 4.52 -12.79
N GLY A 19 4.68 5.12 -13.84
CA GLY A 19 4.57 4.45 -15.11
C GLY A 19 5.91 4.00 -15.66
N SER A 20 6.93 4.84 -15.51
CA SER A 20 8.26 4.53 -15.99
C SER A 20 9.14 3.99 -14.86
N ASP A 21 8.50 3.44 -13.84
CA ASP A 21 9.21 2.88 -12.70
C ASP A 21 8.56 1.57 -12.23
N PRO A 22 8.57 0.54 -13.09
CA PRO A 22 7.98 -0.76 -12.75
C PRO A 22 8.47 -1.30 -11.41
N ALA A 23 9.67 -0.87 -11.01
CA ALA A 23 10.26 -1.31 -9.75
C ALA A 23 9.36 -0.95 -8.57
N THR A 24 8.77 0.24 -8.62
CA THR A 24 7.88 0.69 -7.56
C THR A 24 6.60 -0.13 -7.52
N TYR A 25 5.98 -0.30 -8.69
CA TYR A 25 4.74 -1.06 -8.79
C TYR A 25 4.96 -2.50 -8.34
N ASN A 26 6.02 -3.13 -8.86
CA ASN A 26 6.33 -4.50 -8.51
C ASN A 26 6.59 -4.64 -7.02
N GLY A 27 7.28 -3.67 -6.45
CA GLY A 27 7.58 -3.70 -5.03
C GLY A 27 6.34 -3.64 -4.18
N PHE A 28 5.45 -2.70 -4.48
CA PHE A 28 4.21 -2.53 -3.73
C PHE A 28 3.39 -3.82 -3.77
N LEU A 29 3.30 -4.42 -4.95
CA LEU A 29 2.54 -5.66 -5.12
C LEU A 29 3.12 -6.78 -4.25
N GLU A 30 4.45 -6.84 -4.20
CA GLU A 30 5.14 -7.85 -3.41
C GLU A 30 4.74 -7.75 -1.93
N ILE A 31 4.58 -6.53 -1.44
CA ILE A 31 4.20 -6.30 -0.06
C ILE A 31 2.76 -6.73 0.19
N MET A 32 1.91 -6.56 -0.82
CA MET A 32 0.51 -6.93 -0.71
C MET A 32 0.34 -8.44 -0.65
N LYS A 33 1.20 -9.16 -1.39
CA LYS A 33 1.14 -10.61 -1.42
C LYS A 33 1.75 -11.20 -0.15
N GLU A 34 2.76 -10.52 0.39
CA GLU A 34 3.43 -10.97 1.60
C GLU A 34 2.49 -10.93 2.80
N PHE A 35 1.66 -9.88 2.84
CA PHE A 35 0.70 -9.72 3.94
C PHE A 35 -0.48 -10.66 3.78
N LYS A 36 -1.02 -10.72 2.56
CA LYS A 36 -2.16 -11.59 2.27
C LYS A 36 -1.83 -13.04 2.60
N SER A 37 -0.58 -13.43 2.38
CA SER A 37 -0.14 -14.78 2.65
C SER A 37 -0.15 -15.08 4.16
N GLN A 38 -0.28 -14.04 4.97
CA GLN A 38 -0.31 -14.19 6.42
C GLN A 38 1.09 -14.50 6.96
N SER A 39 2.08 -13.77 6.45
CA SER A 39 3.45 -13.96 6.88
C SER A 39 3.98 -12.72 7.59
N ILE A 40 4.09 -11.63 6.85
CA ILE A 40 4.58 -10.37 7.39
C ILE A 40 3.52 -9.71 8.27
N ASP A 41 3.96 -9.04 9.33
CA ASP A 41 3.05 -8.37 10.24
C ASP A 41 2.66 -6.99 9.71
N THR A 42 1.86 -6.27 10.49
CA THR A 42 1.42 -4.93 10.09
C THR A 42 2.60 -3.97 9.99
N PRO A 43 3.41 -3.87 11.07
CA PRO A 43 4.58 -2.98 11.11
C PRO A 43 5.45 -3.13 9.86
N GLY A 44 5.68 -4.36 9.44
CA GLY A 44 6.50 -4.61 8.26
C GLY A 44 5.87 -4.07 6.99
N VAL A 45 4.54 -4.03 6.96
CA VAL A 45 3.81 -3.54 5.81
C VAL A 45 3.89 -2.02 5.72
N ILE A 46 3.66 -1.36 6.86
CA ILE A 46 3.70 0.10 6.92
C ILE A 46 5.08 0.64 6.53
N ARG A 47 6.11 0.08 7.16
CA ARG A 47 7.48 0.50 6.89
C ARG A 47 7.83 0.32 5.42
N ARG A 48 7.48 -0.85 4.88
CA ARG A 48 7.77 -1.16 3.48
C ARG A 48 7.10 -0.14 2.56
N VAL A 49 5.95 0.39 2.97
CA VAL A 49 5.23 1.36 2.18
C VAL A 49 5.82 2.76 2.34
N SER A 50 6.07 3.15 3.59
CA SER A 50 6.64 4.47 3.88
C SER A 50 7.97 4.65 3.17
N GLN A 51 8.62 3.55 2.83
CA GLN A 51 9.91 3.59 2.15
C GLN A 51 9.72 3.54 0.64
N LEU A 52 8.75 2.77 0.19
CA LEU A 52 8.46 2.65 -1.24
C LEU A 52 8.03 3.98 -1.84
N PHE A 53 7.37 4.81 -1.02
CA PHE A 53 6.90 6.11 -1.47
C PHE A 53 7.52 7.23 -0.64
N HIS A 54 8.81 7.10 -0.32
CA HIS A 54 9.51 8.10 0.46
C HIS A 54 9.66 9.41 -0.31
N GLU A 55 9.41 9.37 -1.61
CA GLU A 55 9.54 10.55 -2.45
C GLU A 55 8.17 11.18 -2.71
N HIS A 56 7.13 10.35 -2.75
CA HIS A 56 5.77 10.83 -2.98
C HIS A 56 4.99 10.96 -1.68
N PRO A 57 4.62 12.19 -1.29
CA PRO A 57 3.87 12.44 -0.05
C PRO A 57 2.41 12.01 -0.17
N ASP A 58 1.79 12.35 -1.30
CA ASP A 58 0.39 12.02 -1.54
C ASP A 58 0.17 10.50 -1.51
N LEU A 59 1.25 9.74 -1.59
CA LEU A 59 1.16 8.28 -1.56
C LEU A 59 1.17 7.79 -0.12
N ILE A 60 2.19 8.21 0.63
CA ILE A 60 2.30 7.84 2.03
C ILE A 60 1.10 8.34 2.81
N VAL A 61 0.52 9.45 2.35
CA VAL A 61 -0.66 10.02 3.00
C VAL A 61 -1.90 9.20 2.69
N GLY A 62 -2.13 8.95 1.40
CA GLY A 62 -3.28 8.16 1.00
C GLY A 62 -3.34 6.83 1.70
N PHE A 63 -2.18 6.24 1.94
CA PHE A 63 -2.10 4.96 2.63
C PHE A 63 -2.35 5.12 4.12
N ASN A 64 -1.91 6.25 4.65
CA ASN A 64 -2.07 6.54 6.07
C ASN A 64 -3.55 6.64 6.43
N ALA A 65 -4.37 7.01 5.45
CA ALA A 65 -5.81 7.14 5.66
C ALA A 65 -6.50 5.78 5.75
N PHE A 66 -5.74 4.70 5.60
CA PHE A 66 -6.30 3.36 5.67
C PHE A 66 -6.06 2.73 7.04
N LEU A 67 -4.95 3.11 7.66
CA LEU A 67 -4.61 2.57 8.98
C LEU A 67 -5.03 3.53 10.09
N PRO A 68 -5.59 3.00 11.20
CA PRO A 68 -6.03 3.83 12.33
C PRO A 68 -4.92 4.72 12.86
N LEU A 69 -5.25 5.54 13.84
CA LEU A 69 -4.27 6.45 14.44
C LEU A 69 -3.19 5.67 15.18
N GLY A 70 -3.55 4.50 15.69
CA GLY A 70 -2.59 3.67 16.40
C GLY A 70 -1.38 3.33 15.56
N TYR A 71 -1.57 2.44 14.59
CA TYR A 71 -0.49 2.02 13.71
C TYR A 71 -0.40 2.93 12.48
N ARG A 72 -0.06 4.20 12.72
CA ARG A 72 0.06 5.17 11.63
C ARG A 72 1.37 5.00 10.90
N ILE A 73 1.42 5.47 9.65
CA ILE A 73 2.62 5.36 8.84
C ILE A 73 3.53 6.58 9.03
N ASP A 74 4.83 6.32 9.17
CA ASP A 74 5.80 7.39 9.36
C ASP A 74 5.80 8.34 8.17
N ILE A 75 6.70 9.34 8.22
CA ILE A 75 6.80 10.32 7.14
C ILE A 75 8.24 10.77 6.95
N PRO A 76 8.76 10.74 5.71
CA PRO A 76 10.13 11.15 5.41
C PRO A 76 10.29 12.67 5.43
N LYS A 77 11.55 13.11 5.54
CA LYS A 77 11.85 14.55 5.59
C LYS A 77 11.39 15.23 4.31
N ALA B 1 -4.62 -6.34 9.32
CA ALA B 1 -5.73 -5.35 9.22
C ALA B 1 -6.68 -5.71 8.09
N PRO B 2 -7.96 -5.32 8.21
CA PRO B 2 -8.97 -5.61 7.18
C PRO B 2 -8.72 -4.82 5.90
N GLN B 3 -8.13 -3.64 6.03
CA GLN B 3 -7.83 -2.81 4.88
C GLN B 3 -6.56 -3.28 4.18
N LEU B 4 -5.73 -4.02 4.90
CA LEU B 4 -4.50 -4.54 4.33
C LEU B 4 -4.78 -5.80 3.52
N ILE B 5 -5.68 -6.63 4.02
CA ILE B 5 -6.04 -7.86 3.33
C ILE B 5 -6.89 -7.54 2.10
N MET B 6 -7.71 -6.51 2.21
CA MET B 6 -8.56 -6.10 1.09
C MET B 6 -7.74 -5.39 0.03
N LEU B 7 -6.70 -4.69 0.47
CA LEU B 7 -5.82 -3.97 -0.45
C LEU B 7 -5.03 -4.96 -1.30
N ALA B 8 -4.49 -5.98 -0.64
CA ALA B 8 -3.70 -7.00 -1.34
C ALA B 8 -4.57 -7.80 -2.30
N ASN B 9 -5.83 -8.01 -1.91
CA ASN B 9 -6.77 -8.76 -2.75
C ASN B 9 -6.97 -8.06 -4.09
N VAL B 10 -7.18 -6.74 -4.03
CA VAL B 10 -7.39 -5.96 -5.25
C VAL B 10 -6.10 -5.88 -6.06
N ALA B 11 -4.96 -5.98 -5.37
CA ALA B 11 -3.67 -5.93 -6.02
C ALA B 11 -3.33 -7.27 -6.65
N LEU B 12 -3.73 -8.35 -5.97
CA LEU B 12 -3.49 -9.69 -6.46
C LEU B 12 -4.62 -10.15 -7.37
N THR B 13 -5.76 -9.46 -7.31
CA THR B 13 -6.92 -9.79 -8.13
C THR B 13 -7.98 -8.71 -8.03
N GLY B 14 -7.69 -7.55 -8.62
CA GLY B 14 -8.64 -6.45 -8.59
C GLY B 14 -9.12 -6.07 -9.98
N GLU B 15 -9.54 -7.07 -10.75
CA GLU B 15 -10.04 -6.83 -12.10
C GLU B 15 -10.53 -8.12 -12.74
N PRO A 1 -13.40 -5.75 2.85
CA PRO A 1 -13.08 -4.58 1.99
C PRO A 1 -13.74 -3.30 2.50
N VAL A 2 -12.94 -2.27 2.74
CA VAL A 2 -13.47 -0.99 3.22
C VAL A 2 -13.91 -0.11 2.06
N HIS A 3 -13.24 -0.26 0.94
CA HIS A 3 -13.56 0.53 -0.25
C HIS A 3 -12.83 -0.01 -1.48
N VAL A 4 -13.54 -0.79 -2.29
CA VAL A 4 -12.96 -1.36 -3.49
C VAL A 4 -12.59 -0.27 -4.50
N GLU A 5 -13.35 0.82 -4.47
CA GLU A 5 -13.10 1.93 -5.39
C GLU A 5 -11.87 2.73 -4.94
N ASP A 6 -11.84 3.09 -3.66
CA ASP A 6 -10.72 3.86 -3.11
C ASP A 6 -9.42 3.08 -3.25
N ALA A 7 -9.51 1.76 -3.10
CA ALA A 7 -8.33 0.90 -3.22
C ALA A 7 -7.90 0.76 -4.67
N LEU A 8 -8.88 0.64 -5.56
CA LEU A 8 -8.62 0.50 -6.99
C LEU A 8 -7.92 1.73 -7.54
N THR A 9 -8.48 2.90 -7.27
CA THR A 9 -7.91 4.16 -7.74
C THR A 9 -6.49 4.34 -7.21
N TYR A 10 -6.30 4.03 -5.94
CA TYR A 10 -4.99 4.16 -5.31
C TYR A 10 -3.91 3.44 -6.13
N LEU A 11 -4.17 2.18 -6.45
CA LEU A 11 -3.22 1.39 -7.23
C LEU A 11 -3.07 1.95 -8.63
N ASP A 12 -4.15 2.52 -9.17
CA ASP A 12 -4.13 3.10 -10.50
C ASP A 12 -3.25 4.34 -10.55
N GLN A 13 -3.19 5.04 -9.42
CA GLN A 13 -2.38 6.25 -9.32
C GLN A 13 -0.92 5.90 -9.08
N VAL A 14 -0.68 4.74 -8.49
CA VAL A 14 0.67 4.28 -8.21
C VAL A 14 1.33 3.72 -9.45
N LYS A 15 0.51 3.19 -10.37
CA LYS A 15 1.03 2.61 -11.61
C LYS A 15 1.33 3.71 -12.63
N ILE A 16 0.37 4.62 -12.82
CA ILE A 16 0.53 5.70 -13.78
C ILE A 16 1.66 6.63 -13.35
N ARG A 17 1.74 6.91 -12.06
CA ARG A 17 2.79 7.78 -11.52
C ARG A 17 4.17 7.22 -11.81
N PHE A 18 4.26 5.89 -11.93
CA PHE A 18 5.53 5.24 -12.21
C PHE A 18 5.39 4.22 -13.34
N GLY A 19 4.74 4.64 -14.42
CA GLY A 19 4.54 3.76 -15.55
C GLY A 19 5.85 3.24 -16.13
N SER A 20 6.89 4.08 -16.09
CA SER A 20 8.20 3.69 -16.60
C SER A 20 9.10 3.18 -15.49
N ASP A 21 8.49 2.78 -14.37
CA ASP A 21 9.24 2.26 -13.24
C ASP A 21 8.53 1.07 -12.61
N PRO A 22 8.79 -0.15 -13.12
CA PRO A 22 8.17 -1.37 -12.60
C PRO A 22 8.64 -1.71 -11.19
N ALA A 23 9.83 -1.23 -10.83
CA ALA A 23 10.40 -1.49 -9.52
C ALA A 23 9.47 -0.98 -8.42
N THR A 24 8.88 0.20 -8.64
CA THR A 24 7.98 0.79 -7.67
C THR A 24 6.70 -0.04 -7.53
N TYR A 25 6.00 -0.23 -8.64
CA TYR A 25 4.77 -0.99 -8.65
C TYR A 25 5.02 -2.43 -8.19
N ASN A 26 6.10 -3.02 -8.69
CA ASN A 26 6.45 -4.39 -8.33
C ASN A 26 6.70 -4.51 -6.83
N GLY A 27 7.32 -3.48 -6.26
CA GLY A 27 7.60 -3.48 -4.83
C GLY A 27 6.34 -3.46 -3.99
N PHE A 28 5.45 -2.53 -4.29
CA PHE A 28 4.20 -2.41 -3.56
C PHE A 28 3.40 -3.71 -3.63
N LEU A 29 3.26 -4.24 -4.85
CA LEU A 29 2.51 -5.48 -5.05
C LEU A 29 3.11 -6.62 -4.23
N GLU A 30 4.43 -6.78 -4.33
CA GLU A 30 5.13 -7.83 -3.58
C GLU A 30 4.78 -7.79 -2.11
N ILE A 31 4.72 -6.58 -1.55
CA ILE A 31 4.38 -6.39 -0.14
C ILE A 31 2.95 -6.84 0.13
N MET A 32 2.08 -6.66 -0.87
CA MET A 32 0.68 -7.05 -0.73
C MET A 32 0.52 -8.56 -0.67
N LYS A 33 1.23 -9.27 -1.54
CA LYS A 33 1.16 -10.73 -1.58
C LYS A 33 1.90 -11.34 -0.40
N GLU A 34 3.03 -10.74 -0.03
CA GLU A 34 3.83 -11.22 1.08
C GLU A 34 3.02 -11.27 2.36
N PHE A 35 2.28 -10.20 2.63
CA PHE A 35 1.45 -10.11 3.82
C PHE A 35 0.31 -11.12 3.77
N LYS A 36 -0.36 -11.20 2.62
CA LYS A 36 -1.47 -12.12 2.44
C LYS A 36 -1.05 -13.55 2.75
N SER A 37 0.24 -13.85 2.52
CA SER A 37 0.77 -15.18 2.77
C SER A 37 0.75 -15.51 4.26
N GLN A 38 0.57 -14.49 5.10
CA GLN A 38 0.53 -14.69 6.54
C GLN A 38 1.91 -15.06 7.08
N SER A 39 2.94 -14.39 6.57
CA SER A 39 4.31 -14.66 7.00
C SER A 39 4.92 -13.43 7.65
N ILE A 40 4.59 -12.25 7.13
CA ILE A 40 5.11 -11.00 7.67
C ILE A 40 4.16 -10.40 8.70
N ASP A 41 4.57 -9.28 9.30
CA ASP A 41 3.76 -8.61 10.31
C ASP A 41 3.29 -7.25 9.81
N THR A 42 2.37 -6.64 10.57
CA THR A 42 1.83 -5.33 10.20
C THR A 42 2.95 -4.29 10.08
N PRO A 43 3.69 -4.03 11.16
CA PRO A 43 4.79 -3.06 11.16
C PRO A 43 5.65 -3.15 9.91
N GLY A 44 5.75 -4.35 9.35
CA GLY A 44 6.55 -4.56 8.16
C GLY A 44 5.91 -3.93 6.93
N VAL A 45 4.59 -3.96 6.88
CA VAL A 45 3.84 -3.40 5.76
C VAL A 45 3.93 -1.88 5.77
N ILE A 46 3.66 -1.29 6.93
CA ILE A 46 3.70 0.16 7.07
C ILE A 46 5.10 0.70 6.76
N ARG A 47 6.12 -0.06 7.10
CA ARG A 47 7.50 0.34 6.85
C ARG A 47 7.85 0.17 5.37
N ARG A 48 7.37 -0.93 4.79
CA ARG A 48 7.64 -1.21 3.37
C ARG A 48 7.07 -0.11 2.48
N VAL A 49 5.79 0.20 2.68
CA VAL A 49 5.13 1.24 1.89
C VAL A 49 5.82 2.58 2.07
N SER A 50 6.04 2.96 3.33
CA SER A 50 6.70 4.23 3.64
C SER A 50 8.06 4.33 2.98
N GLN A 51 8.66 3.17 2.70
CA GLN A 51 9.97 3.12 2.07
C GLN A 51 9.84 3.36 0.57
N LEU A 52 8.84 2.73 -0.04
CA LEU A 52 8.59 2.87 -1.47
C LEU A 52 8.23 4.30 -1.82
N PHE A 53 7.57 4.98 -0.88
CA PHE A 53 7.17 6.37 -1.09
C PHE A 53 7.83 7.28 -0.06
N HIS A 54 9.16 7.33 -0.10
CA HIS A 54 9.93 8.16 0.81
C HIS A 54 9.81 9.64 0.48
N GLU A 55 9.66 9.94 -0.80
CA GLU A 55 9.55 11.33 -1.25
C GLU A 55 8.16 11.62 -1.83
N HIS A 56 7.17 10.84 -1.44
CA HIS A 56 5.81 11.02 -1.93
C HIS A 56 4.82 11.07 -0.77
N PRO A 57 4.53 12.29 -0.25
CA PRO A 57 3.61 12.46 0.87
C PRO A 57 2.18 12.06 0.51
N ASP A 58 1.65 12.66 -0.56
CA ASP A 58 0.29 12.36 -1.01
C ASP A 58 0.06 10.86 -1.16
N LEU A 59 1.15 10.11 -1.35
CA LEU A 59 1.06 8.66 -1.49
C LEU A 59 0.96 7.99 -0.13
N ILE A 60 1.96 8.25 0.72
CA ILE A 60 1.97 7.69 2.05
C ILE A 60 0.77 8.18 2.85
N VAL A 61 0.25 9.35 2.48
CA VAL A 61 -0.90 9.93 3.16
C VAL A 61 -2.17 9.16 2.80
N GLY A 62 -2.38 8.96 1.50
CA GLY A 62 -3.56 8.24 1.04
C GLY A 62 -3.63 6.84 1.64
N PHE A 63 -2.47 6.21 1.77
CA PHE A 63 -2.40 4.86 2.33
C PHE A 63 -2.65 4.89 3.84
N ASN A 64 -2.25 5.99 4.46
CA ASN A 64 -2.43 6.15 5.90
C ASN A 64 -3.90 6.30 6.25
N ALA A 65 -4.69 6.81 5.31
CA ALA A 65 -6.12 6.99 5.52
C ALA A 65 -6.83 5.66 5.73
N PHE A 66 -6.17 4.56 5.41
CA PHE A 66 -6.75 3.24 5.57
C PHE A 66 -6.27 2.58 6.86
N LEU A 67 -5.07 2.92 7.28
CA LEU A 67 -4.50 2.35 8.51
C LEU A 67 -5.10 3.02 9.74
N PRO A 68 -5.20 2.28 10.86
CA PRO A 68 -5.76 2.80 12.11
C PRO A 68 -4.87 3.86 12.75
N LEU A 69 -5.37 4.49 13.80
CA LEU A 69 -4.62 5.53 14.49
C LEU A 69 -3.42 4.93 15.23
N GLY A 70 -3.64 3.78 15.87
CA GLY A 70 -2.57 3.13 16.59
C GLY A 70 -1.39 2.78 15.71
N TYR A 71 -1.68 2.15 14.57
CA TYR A 71 -0.64 1.76 13.64
C TYR A 71 -0.45 2.83 12.55
N ARG A 72 -0.22 4.07 12.99
CA ARG A 72 -0.02 5.19 12.07
C ARG A 72 1.26 5.01 11.27
N ILE A 73 1.60 6.02 10.48
CA ILE A 73 2.81 5.98 9.66
C ILE A 73 3.77 7.09 10.06
N ASP A 74 5.05 6.90 9.76
CA ASP A 74 6.08 7.88 10.08
C ASP A 74 6.89 8.25 8.84
N ILE A 75 7.04 9.55 8.61
CA ILE A 75 7.79 10.04 7.47
C ILE A 75 8.57 11.30 7.82
N PRO A 76 9.82 11.15 8.29
CA PRO A 76 10.66 12.30 8.66
C PRO A 76 11.13 13.09 7.46
N LYS A 77 10.59 14.29 7.29
CA LYS A 77 10.95 15.15 6.16
C LYS A 77 12.41 15.57 6.25
N ALA B 1 -4.90 -6.41 10.00
CA ALA B 1 -6.05 -5.48 9.84
C ALA B 1 -6.89 -5.86 8.63
N PRO B 2 -8.21 -5.59 8.68
CA PRO B 2 -9.13 -5.90 7.57
C PRO B 2 -8.84 -5.07 6.33
N GLN B 3 -8.25 -3.90 6.52
CA GLN B 3 -7.91 -3.02 5.40
C GLN B 3 -6.64 -3.48 4.71
N LEU B 4 -5.80 -4.21 5.44
CA LEU B 4 -4.55 -4.72 4.89
C LEU B 4 -4.82 -5.94 4.03
N ILE B 5 -5.72 -6.80 4.49
CA ILE B 5 -6.08 -8.01 3.76
C ILE B 5 -6.86 -7.66 2.50
N MET B 6 -7.71 -6.64 2.61
CA MET B 6 -8.52 -6.20 1.47
C MET B 6 -7.66 -5.46 0.46
N LEU B 7 -6.60 -4.82 0.96
CA LEU B 7 -5.69 -4.07 0.10
C LEU B 7 -4.93 -5.02 -0.82
N ALA B 8 -4.45 -6.13 -0.25
CA ALA B 8 -3.71 -7.11 -1.01
C ALA B 8 -4.60 -7.80 -2.04
N ASN B 9 -5.83 -8.08 -1.66
CA ASN B 9 -6.79 -8.74 -2.55
C ASN B 9 -7.07 -7.86 -3.76
N VAL B 10 -7.30 -6.58 -3.52
CA VAL B 10 -7.57 -5.64 -4.60
C VAL B 10 -6.33 -5.41 -5.45
N ALA B 11 -5.16 -5.53 -4.83
CA ALA B 11 -3.91 -5.35 -5.52
C ALA B 11 -3.55 -6.60 -6.32
N LEU B 12 -3.94 -7.75 -5.77
CA LEU B 12 -3.67 -9.02 -6.40
C LEU B 12 -4.83 -9.44 -7.33
N THR B 13 -5.90 -8.65 -7.32
CA THR B 13 -7.07 -8.92 -8.16
C THR B 13 -7.47 -10.40 -8.09
N GLY B 14 -7.53 -10.93 -6.87
CA GLY B 14 -7.91 -12.31 -6.70
C GLY B 14 -9.39 -12.56 -6.95
N GLU B 15 -10.20 -11.53 -6.70
CA GLU B 15 -11.64 -11.63 -6.90
C GLU B 15 -11.96 -11.91 -8.37
N PRO A 1 -16.20 5.89 1.93
CA PRO A 1 -15.32 5.04 2.77
C PRO A 1 -14.31 4.27 1.92
N VAL A 2 -13.25 3.80 2.56
CA VAL A 2 -12.21 3.05 1.88
C VAL A 2 -12.75 1.74 1.33
N HIS A 3 -13.39 1.82 0.16
CA HIS A 3 -13.96 0.63 -0.48
C HIS A 3 -13.10 0.19 -1.66
N VAL A 4 -13.61 -0.76 -2.44
CA VAL A 4 -12.90 -1.26 -3.60
C VAL A 4 -12.51 -0.13 -4.55
N GLU A 5 -13.34 0.90 -4.60
CA GLU A 5 -13.09 2.04 -5.47
C GLU A 5 -11.89 2.84 -4.96
N ASP A 6 -11.73 2.88 -3.65
CA ASP A 6 -10.62 3.61 -3.03
C ASP A 6 -9.31 2.85 -3.22
N ALA A 7 -9.37 1.53 -3.05
CA ALA A 7 -8.19 0.68 -3.20
C ALA A 7 -7.81 0.52 -4.67
N LEU A 8 -8.82 0.51 -5.53
CA LEU A 8 -8.60 0.36 -6.97
C LEU A 8 -7.85 1.58 -7.53
N THR A 9 -8.37 2.77 -7.23
CA THR A 9 -7.74 4.00 -7.72
C THR A 9 -6.32 4.12 -7.20
N TYR A 10 -6.13 3.84 -5.91
CA TYR A 10 -4.81 3.93 -5.30
C TYR A 10 -3.79 3.12 -6.09
N LEU A 11 -4.11 1.86 -6.36
CA LEU A 11 -3.22 0.99 -7.11
C LEU A 11 -2.95 1.56 -8.50
N ASP A 12 -4.00 2.09 -9.12
CA ASP A 12 -3.88 2.67 -10.45
C ASP A 12 -3.09 3.97 -10.41
N GLN A 13 -3.10 4.63 -9.26
CA GLN A 13 -2.40 5.90 -9.09
C GLN A 13 -0.91 5.65 -8.85
N VAL A 14 -0.61 4.49 -8.26
CA VAL A 14 0.77 4.12 -7.96
C VAL A 14 1.48 3.59 -9.21
N LYS A 15 0.71 2.98 -10.11
CA LYS A 15 1.26 2.44 -11.34
C LYS A 15 1.53 3.55 -12.35
N ILE A 16 0.54 4.42 -12.54
CA ILE A 16 0.67 5.52 -13.48
C ILE A 16 1.77 6.48 -13.04
N ARG A 17 1.79 6.81 -11.75
CA ARG A 17 2.80 7.73 -11.21
C ARG A 17 4.21 7.21 -11.49
N PHE A 18 4.34 5.89 -11.58
CA PHE A 18 5.64 5.27 -11.84
C PHE A 18 5.57 4.40 -13.10
N GLY A 19 4.92 4.91 -14.14
CA GLY A 19 4.81 4.17 -15.38
C GLY A 19 6.15 3.76 -15.94
N SER A 20 7.11 4.68 -15.89
CA SER A 20 8.45 4.41 -16.41
C SER A 20 9.35 3.82 -15.32
N ASP A 21 8.76 3.48 -14.19
CA ASP A 21 9.51 2.90 -13.08
C ASP A 21 8.73 1.78 -12.40
N PRO A 22 8.72 0.57 -13.01
CA PRO A 22 8.01 -0.58 -12.47
C PRO A 22 8.60 -1.06 -11.14
N ALA A 23 9.81 -0.61 -10.83
CA ALA A 23 10.48 -1.00 -9.59
C ALA A 23 9.61 -0.68 -8.37
N THR A 24 9.12 0.55 -8.30
CA THR A 24 8.27 0.97 -7.20
C THR A 24 6.96 0.19 -7.17
N TYR A 25 6.32 0.08 -8.33
CA TYR A 25 5.07 -0.65 -8.44
C TYR A 25 5.23 -2.10 -8.01
N ASN A 26 6.29 -2.74 -8.50
CA ASN A 26 6.57 -4.14 -8.17
C ASN A 26 6.78 -4.30 -6.67
N GLY A 27 7.30 -3.26 -6.03
CA GLY A 27 7.55 -3.31 -4.60
C GLY A 27 6.27 -3.30 -3.78
N PHE A 28 5.35 -2.40 -4.12
CA PHE A 28 4.08 -2.30 -3.41
C PHE A 28 3.28 -3.59 -3.53
N LEU A 29 3.13 -4.08 -4.76
CA LEU A 29 2.39 -5.31 -5.02
C LEU A 29 2.96 -6.47 -4.21
N GLU A 30 4.29 -6.58 -4.20
CA GLU A 30 4.95 -7.64 -3.47
C GLU A 30 4.54 -7.66 -2.00
N ILE A 31 4.55 -6.48 -1.37
CA ILE A 31 4.17 -6.36 0.04
C ILE A 31 2.73 -6.81 0.26
N MET A 32 1.86 -6.46 -0.69
CA MET A 32 0.45 -6.82 -0.59
C MET A 32 0.26 -8.34 -0.69
N LYS A 33 0.90 -8.95 -1.68
CA LYS A 33 0.80 -10.39 -1.88
C LYS A 33 1.40 -11.14 -0.71
N GLU A 34 2.58 -10.70 -0.27
CA GLU A 34 3.27 -11.33 0.85
C GLU A 34 2.45 -11.20 2.13
N PHE A 35 1.75 -10.07 2.25
CA PHE A 35 0.92 -9.83 3.44
C PHE A 35 -0.15 -10.91 3.59
N LYS A 36 -0.94 -11.10 2.53
CA LYS A 36 -2.00 -12.10 2.55
C LYS A 36 -1.41 -13.50 2.74
N SER A 37 -0.19 -13.70 2.24
CA SER A 37 0.47 -14.99 2.35
C SER A 37 0.90 -15.26 3.80
N GLN A 38 0.78 -14.26 4.66
CA GLN A 38 1.15 -14.40 6.07
C GLN A 38 2.66 -14.59 6.20
N SER A 39 3.43 -13.81 5.44
CA SER A 39 4.89 -13.89 5.47
C SER A 39 5.50 -12.57 5.90
N ILE A 40 4.66 -11.58 6.21
CA ILE A 40 5.13 -10.27 6.63
C ILE A 40 4.21 -9.67 7.67
N ASP A 41 4.79 -9.06 8.70
CA ASP A 41 4.01 -8.44 9.76
C ASP A 41 3.51 -7.06 9.34
N THR A 42 2.65 -6.46 10.17
CA THR A 42 2.09 -5.15 9.89
C THR A 42 3.20 -4.10 9.73
N PRO A 43 4.04 -3.92 10.77
CA PRO A 43 5.14 -2.95 10.72
C PRO A 43 5.95 -3.04 9.44
N GLY A 44 6.23 -4.26 9.01
CA GLY A 44 6.99 -4.46 7.79
C GLY A 44 6.31 -3.86 6.59
N VAL A 45 4.98 -3.80 6.63
CA VAL A 45 4.20 -3.24 5.53
C VAL A 45 4.30 -1.72 5.50
N ILE A 46 4.20 -1.11 6.68
CA ILE A 46 4.29 0.35 6.80
C ILE A 46 5.69 0.84 6.50
N ARG A 47 6.69 0.12 7.00
CA ARG A 47 8.08 0.49 6.78
C ARG A 47 8.42 0.51 5.29
N ARG A 48 8.07 -0.58 4.61
CA ARG A 48 8.33 -0.70 3.18
C ARG A 48 7.60 0.38 2.40
N VAL A 49 6.28 0.45 2.59
CA VAL A 49 5.46 1.44 1.89
C VAL A 49 5.92 2.86 2.23
N SER A 50 6.17 3.10 3.51
CA SER A 50 6.62 4.41 3.97
C SER A 50 7.96 4.79 3.33
N GLN A 51 8.70 3.77 2.92
CA GLN A 51 10.00 3.99 2.29
C GLN A 51 9.88 4.02 0.77
N LEU A 52 8.92 3.26 0.25
CA LEU A 52 8.69 3.20 -1.19
C LEU A 52 8.33 4.58 -1.74
N PHE A 53 7.59 5.35 -0.97
CA PHE A 53 7.18 6.68 -1.37
C PHE A 53 7.82 7.74 -0.49
N HIS A 54 9.12 7.61 -0.27
CA HIS A 54 9.86 8.55 0.56
C HIS A 54 9.83 9.96 -0.04
N GLU A 55 9.60 10.04 -1.35
CA GLU A 55 9.55 11.33 -2.03
C GLU A 55 8.11 11.78 -2.24
N HIS A 56 7.21 10.82 -2.43
CA HIS A 56 5.80 11.12 -2.65
C HIS A 56 4.99 10.88 -1.38
N PRO A 57 4.75 11.93 -0.58
CA PRO A 57 3.98 11.81 0.66
C PRO A 57 2.50 11.55 0.41
N ASP A 58 2.00 12.06 -0.71
CA ASP A 58 0.60 11.88 -1.08
C ASP A 58 0.23 10.40 -1.17
N LEU A 59 1.25 9.56 -1.30
CA LEU A 59 1.04 8.12 -1.38
C LEU A 59 0.96 7.53 0.03
N ILE A 60 1.95 7.88 0.84
CA ILE A 60 1.98 7.41 2.22
C ILE A 60 0.74 7.90 2.97
N VAL A 61 0.22 9.05 2.53
CA VAL A 61 -0.96 9.63 3.14
C VAL A 61 -2.21 8.85 2.76
N GLY A 62 -2.39 8.64 1.45
CA GLY A 62 -3.54 7.89 0.97
C GLY A 62 -3.58 6.49 1.55
N PHE A 63 -2.41 5.89 1.72
CA PHE A 63 -2.33 4.54 2.28
C PHE A 63 -2.69 4.54 3.75
N ASN A 64 -2.31 5.61 4.44
CA ASN A 64 -2.60 5.75 5.87
C ASN A 64 -4.10 5.90 6.10
N ALA A 65 -4.80 6.41 5.10
CA ALA A 65 -6.24 6.60 5.19
C ALA A 65 -6.99 5.26 5.27
N PHE A 66 -6.28 4.16 5.01
CA PHE A 66 -6.88 2.83 5.06
C PHE A 66 -6.57 2.14 6.37
N LEU A 67 -5.35 2.35 6.88
CA LEU A 67 -4.92 1.73 8.12
C LEU A 67 -5.62 2.40 9.32
N PRO A 68 -6.44 1.64 10.07
CA PRO A 68 -7.16 2.17 11.23
C PRO A 68 -6.23 2.89 12.20
N LEU A 69 -6.81 3.46 13.25
CA LEU A 69 -6.05 4.19 14.26
C LEU A 69 -5.00 3.28 14.90
N GLY A 70 -5.27 1.98 14.92
CA GLY A 70 -4.34 1.03 15.50
C GLY A 70 -2.96 1.12 14.88
N TYR A 71 -2.90 1.48 13.60
CA TYR A 71 -1.63 1.59 12.89
C TYR A 71 -1.58 2.89 12.09
N ARG A 72 -0.68 3.79 12.51
CA ARG A 72 -0.53 5.06 11.83
C ARG A 72 0.82 5.15 11.11
N ILE A 73 0.80 5.63 9.88
CA ILE A 73 2.01 5.76 9.09
C ILE A 73 2.63 7.15 9.25
N ASP A 74 3.92 7.26 8.95
CA ASP A 74 4.62 8.53 9.06
C ASP A 74 4.21 9.49 7.95
N ILE A 75 3.84 10.70 8.34
CA ILE A 75 3.42 11.72 7.38
C ILE A 75 4.03 13.08 7.71
N PRO A 76 4.22 13.94 6.70
CA PRO A 76 4.79 15.27 6.89
C PRO A 76 3.87 16.20 7.69
N LYS A 77 4.46 17.03 8.54
CA LYS A 77 3.68 17.95 9.36
C LYS A 77 2.88 18.90 8.49
N ALA B 1 -5.67 -5.61 10.95
CA ALA B 1 -5.85 -4.64 9.84
C ALA B 1 -6.69 -5.23 8.72
N PRO B 2 -8.01 -5.08 8.79
CA PRO B 2 -8.93 -5.61 7.76
C PRO B 2 -8.81 -4.87 6.43
N GLN B 3 -8.29 -3.64 6.49
CA GLN B 3 -8.13 -2.84 5.29
C GLN B 3 -6.89 -3.28 4.52
N LEU B 4 -5.96 -3.91 5.21
CA LEU B 4 -4.73 -4.39 4.58
C LEU B 4 -5.00 -5.68 3.82
N ILE B 5 -5.86 -6.53 4.37
CA ILE B 5 -6.22 -7.78 3.74
C ILE B 5 -7.08 -7.54 2.51
N MET B 6 -7.99 -6.56 2.61
CA MET B 6 -8.87 -6.21 1.51
C MET B 6 -8.10 -5.51 0.40
N LEU B 7 -7.05 -4.79 0.79
CA LEU B 7 -6.22 -4.08 -0.15
C LEU B 7 -5.43 -5.05 -1.03
N ALA B 8 -4.89 -6.08 -0.40
CA ALA B 8 -4.12 -7.10 -1.11
C ALA B 8 -5.01 -7.89 -2.06
N ASN B 9 -6.24 -8.14 -1.63
CA ASN B 9 -7.19 -8.88 -2.46
C ASN B 9 -7.48 -8.14 -3.75
N VAL B 10 -7.66 -6.83 -3.65
CA VAL B 10 -7.93 -6.00 -4.82
C VAL B 10 -6.71 -5.91 -5.72
N ALA B 11 -5.53 -6.01 -5.12
CA ALA B 11 -4.29 -5.95 -5.87
C ALA B 11 -4.01 -7.30 -6.54
N LEU B 12 -4.36 -8.37 -5.84
CA LEU B 12 -4.15 -9.71 -6.36
C LEU B 12 -5.31 -10.12 -7.26
N THR B 13 -6.47 -9.51 -7.04
CA THR B 13 -7.66 -9.80 -7.85
C THR B 13 -8.75 -8.76 -7.57
N GLY B 14 -8.55 -7.55 -8.06
CA GLY B 14 -9.52 -6.50 -7.86
C GLY B 14 -10.55 -6.44 -8.97
N GLU B 15 -10.07 -6.46 -10.22
CA GLU B 15 -10.96 -6.41 -11.37
C GLU B 15 -11.92 -7.60 -11.38
N PRO A 1 -14.65 6.97 0.81
CA PRO A 1 -14.49 5.99 1.91
C PRO A 1 -13.49 4.89 1.55
N VAL A 2 -12.78 4.39 2.56
CA VAL A 2 -11.80 3.34 2.35
C VAL A 2 -12.47 2.05 1.89
N HIS A 3 -12.80 1.98 0.61
CA HIS A 3 -13.44 0.81 0.04
C HIS A 3 -12.74 0.37 -1.25
N VAL A 4 -13.30 -0.65 -1.90
CA VAL A 4 -12.73 -1.17 -3.14
C VAL A 4 -12.49 -0.05 -4.14
N GLU A 5 -13.29 0.99 -4.07
CA GLU A 5 -13.17 2.14 -4.97
C GLU A 5 -11.91 2.94 -4.66
N ASP A 6 -11.66 3.13 -3.37
CA ASP A 6 -10.48 3.88 -2.93
C ASP A 6 -9.21 3.08 -3.17
N ALA A 7 -9.30 1.77 -3.05
CA ALA A 7 -8.16 0.89 -3.26
C ALA A 7 -7.82 0.77 -4.74
N LEU A 8 -8.85 0.75 -5.57
CA LEU A 8 -8.67 0.63 -7.01
C LEU A 8 -7.92 1.85 -7.56
N THR A 9 -8.41 3.04 -7.24
CA THR A 9 -7.79 4.26 -7.70
C THR A 9 -6.34 4.36 -7.21
N TYR A 10 -6.14 4.02 -5.94
CA TYR A 10 -4.81 4.07 -5.34
C TYR A 10 -3.78 3.32 -6.19
N LEU A 11 -4.14 2.12 -6.60
CA LEU A 11 -3.26 1.29 -7.42
C LEU A 11 -3.03 1.94 -8.79
N ASP A 12 -4.10 2.50 -9.36
CA ASP A 12 -4.01 3.14 -10.66
C ASP A 12 -3.17 4.41 -10.58
N GLN A 13 -3.19 5.06 -9.43
CA GLN A 13 -2.43 6.28 -9.22
C GLN A 13 -0.95 5.97 -9.02
N VAL A 14 -0.67 4.80 -8.47
CA VAL A 14 0.70 4.37 -8.24
C VAL A 14 1.36 3.89 -9.52
N LYS A 15 0.54 3.33 -10.41
CA LYS A 15 1.02 2.82 -11.68
C LYS A 15 1.39 3.96 -12.62
N ILE A 16 0.51 4.96 -12.70
CA ILE A 16 0.74 6.11 -13.56
C ILE A 16 1.92 6.93 -13.06
N ARG A 17 2.03 7.08 -11.75
CA ARG A 17 3.11 7.85 -11.15
C ARG A 17 4.45 7.13 -11.32
N PHE A 18 4.41 5.80 -11.35
CA PHE A 18 5.61 5.00 -11.51
C PHE A 18 5.57 4.18 -12.79
N GLY A 19 5.07 4.79 -13.86
CA GLY A 19 4.98 4.10 -15.13
C GLY A 19 6.33 3.90 -15.78
N SER A 20 7.30 4.72 -15.39
CA SER A 20 8.66 4.63 -15.95
C SER A 20 9.55 3.71 -15.11
N ASP A 21 9.05 3.31 -13.95
CA ASP A 21 9.80 2.44 -13.06
C ASP A 21 8.90 1.38 -12.42
N PRO A 22 8.91 0.14 -12.95
CA PRO A 22 8.09 -0.95 -12.43
C PRO A 22 8.54 -1.42 -11.05
N ALA A 23 9.75 -1.03 -10.66
CA ALA A 23 10.31 -1.41 -9.37
C ALA A 23 9.37 -1.03 -8.23
N THR A 24 8.78 0.16 -8.34
CA THR A 24 7.86 0.64 -7.31
C THR A 24 6.58 -0.19 -7.30
N TYR A 25 5.98 -0.36 -8.47
CA TYR A 25 4.75 -1.14 -8.59
C TYR A 25 4.98 -2.58 -8.16
N ASN A 26 6.03 -3.20 -8.68
CA ASN A 26 6.36 -4.57 -8.34
C ASN A 26 6.62 -4.72 -6.84
N GLY A 27 7.20 -3.69 -6.25
CA GLY A 27 7.49 -3.72 -4.83
C GLY A 27 6.23 -3.69 -3.98
N PHE A 28 5.34 -2.76 -4.28
CA PHE A 28 4.09 -2.62 -3.54
C PHE A 28 3.30 -3.93 -3.56
N LEU A 29 3.19 -4.53 -4.74
CA LEU A 29 2.46 -5.79 -4.89
C LEU A 29 3.10 -6.89 -4.04
N GLU A 30 4.43 -6.90 -4.00
CA GLU A 30 5.16 -7.90 -3.23
C GLU A 30 4.83 -7.77 -1.74
N ILE A 31 4.68 -6.53 -1.27
CA ILE A 31 4.37 -6.29 0.13
C ILE A 31 2.95 -6.74 0.46
N MET A 32 2.00 -6.34 -0.37
CA MET A 32 0.60 -6.72 -0.17
C MET A 32 0.41 -8.22 -0.28
N LYS A 33 1.15 -8.84 -1.22
CA LYS A 33 1.06 -10.28 -1.43
C LYS A 33 1.70 -11.04 -0.28
N GLU A 34 2.90 -10.62 0.10
CA GLU A 34 3.61 -11.26 1.20
C GLU A 34 2.82 -11.16 2.50
N PHE A 35 2.04 -10.10 2.63
CA PHE A 35 1.24 -9.89 3.83
C PHE A 35 0.00 -10.80 3.83
N LYS A 36 -0.64 -10.92 2.67
CA LYS A 36 -1.82 -11.76 2.54
C LYS A 36 -1.54 -13.17 3.01
N SER A 37 -0.31 -13.63 2.81
CA SER A 37 0.09 -14.97 3.22
C SER A 37 0.04 -15.12 4.73
N GLN A 38 -0.02 -13.98 5.44
CA GLN A 38 -0.07 -13.99 6.89
C GLN A 38 1.21 -14.57 7.47
N SER A 39 2.34 -14.17 6.91
CA SER A 39 3.64 -14.66 7.36
C SER A 39 4.49 -13.52 7.92
N ILE A 40 4.37 -12.35 7.33
CA ILE A 40 5.13 -11.18 7.76
C ILE A 40 4.41 -10.44 8.88
N ASP A 41 5.04 -9.38 9.38
CA ASP A 41 4.47 -8.58 10.45
C ASP A 41 3.85 -7.30 9.90
N THR A 42 2.98 -6.68 10.70
CA THR A 42 2.32 -5.44 10.30
C THR A 42 3.34 -4.34 10.00
N PRO A 43 4.17 -3.98 11.00
CA PRO A 43 5.19 -2.94 10.82
C PRO A 43 5.97 -3.09 9.52
N GLY A 44 6.30 -4.33 9.18
CA GLY A 44 7.03 -4.59 7.95
C GLY A 44 6.32 -4.05 6.73
N VAL A 45 4.99 -4.01 6.80
CA VAL A 45 4.18 -3.51 5.70
C VAL A 45 4.17 -1.98 5.67
N ILE A 46 3.96 -1.38 6.84
CA ILE A 46 3.92 0.08 6.94
C ILE A 46 5.28 0.68 6.65
N ARG A 47 6.33 -0.01 7.07
CA ARG A 47 7.70 0.45 6.84
C ARG A 47 8.06 0.38 5.36
N ARG A 48 7.73 -0.75 4.73
CA ARG A 48 8.02 -0.94 3.31
C ARG A 48 7.35 0.15 2.47
N VAL A 49 6.07 0.39 2.73
CA VAL A 49 5.32 1.39 1.99
C VAL A 49 5.84 2.79 2.31
N SER A 50 6.14 3.03 3.58
CA SER A 50 6.64 4.33 4.00
C SER A 50 7.97 4.66 3.32
N GLN A 51 8.66 3.63 2.88
CA GLN A 51 9.95 3.81 2.20
C GLN A 51 9.76 3.85 0.69
N LEU A 52 8.83 3.04 0.19
CA LEU A 52 8.56 2.98 -1.23
C LEU A 52 8.07 4.34 -1.75
N PHE A 53 7.27 5.02 -0.95
CA PHE A 53 6.73 6.33 -1.33
C PHE A 53 7.46 7.44 -0.56
N HIS A 54 8.76 7.53 -0.75
CA HIS A 54 9.57 8.54 -0.08
C HIS A 54 9.75 9.77 -0.97
N GLU A 55 8.76 10.05 -1.81
CA GLU A 55 8.82 11.20 -2.70
C GLU A 55 7.46 11.91 -2.79
N HIS A 56 6.40 11.12 -2.96
CA HIS A 56 5.06 11.66 -3.05
C HIS A 56 4.27 11.42 -1.77
N PRO A 57 4.11 12.46 -0.92
CA PRO A 57 3.38 12.34 0.34
C PRO A 57 1.95 11.86 0.14
N ASP A 58 1.34 12.27 -0.98
CA ASP A 58 -0.04 11.87 -1.29
C ASP A 58 -0.19 10.35 -1.34
N LEU A 59 0.92 9.64 -1.46
CA LEU A 59 0.90 8.19 -1.52
C LEU A 59 0.85 7.62 -0.11
N ILE A 60 1.82 8.00 0.72
CA ILE A 60 1.86 7.53 2.10
C ILE A 60 0.61 7.97 2.84
N VAL A 61 0.01 9.08 2.38
CA VAL A 61 -1.20 9.59 3.00
C VAL A 61 -2.40 8.72 2.64
N GLY A 62 -2.54 8.43 1.35
CA GLY A 62 -3.65 7.60 0.89
C GLY A 62 -3.64 6.24 1.57
N PHE A 63 -2.45 5.67 1.75
CA PHE A 63 -2.31 4.37 2.38
C PHE A 63 -2.62 4.46 3.88
N ASN A 64 -2.30 5.61 4.46
CA ASN A 64 -2.54 5.83 5.88
C ASN A 64 -4.03 5.86 6.17
N ALA A 65 -4.82 6.29 5.19
CA ALA A 65 -6.27 6.38 5.34
C ALA A 65 -6.88 5.00 5.62
N PHE A 66 -6.13 3.94 5.32
CA PHE A 66 -6.61 2.58 5.54
C PHE A 66 -6.04 2.00 6.83
N LEU A 67 -5.79 2.88 7.80
CA LEU A 67 -5.24 2.45 9.09
C LEU A 67 -5.86 3.27 10.23
N PRO A 68 -6.11 2.62 11.38
CA PRO A 68 -6.69 3.29 12.55
C PRO A 68 -5.71 4.23 13.23
N LEU A 69 -6.21 5.04 14.16
CA LEU A 69 -5.38 5.99 14.89
C LEU A 69 -4.29 5.25 15.68
N GLY A 70 -4.62 4.06 16.15
CA GLY A 70 -3.68 3.27 16.91
C GLY A 70 -2.45 2.90 16.10
N TYR A 71 -2.64 2.66 14.81
CA TYR A 71 -1.55 2.30 13.93
C TYR A 71 -1.41 3.30 12.78
N ARG A 72 -0.56 4.30 12.97
CA ARG A 72 -0.34 5.32 11.96
C ARG A 72 0.99 5.10 11.24
N ILE A 73 1.04 5.48 9.96
CA ILE A 73 2.24 5.32 9.17
C ILE A 73 3.26 6.41 9.47
N ASP A 74 4.53 6.02 9.56
CA ASP A 74 5.59 6.96 9.85
C ASP A 74 5.88 7.86 8.65
N ILE A 75 5.89 9.18 8.88
CA ILE A 75 6.15 10.13 7.81
C ILE A 75 7.52 10.80 8.00
N PRO A 76 8.60 10.09 7.62
CA PRO A 76 9.96 10.62 7.74
C PRO A 76 10.24 11.74 6.73
N LYS A 77 10.96 12.76 7.18
CA LYS A 77 11.30 13.89 6.32
C LYS A 77 12.12 13.43 5.12
N ALA B 1 -4.57 -6.19 9.88
CA ALA B 1 -5.70 -5.25 9.66
C ALA B 1 -6.59 -5.73 8.51
N PRO B 2 -7.90 -5.44 8.58
CA PRO B 2 -8.85 -5.83 7.54
C PRO B 2 -8.67 -5.03 6.25
N GLN B 3 -8.13 -3.83 6.38
CA GLN B 3 -7.91 -2.97 5.22
C GLN B 3 -6.66 -3.39 4.46
N LEU B 4 -5.76 -4.09 5.16
CA LEU B 4 -4.53 -4.56 4.54
C LEU B 4 -4.79 -5.81 3.71
N ILE B 5 -5.68 -6.67 4.21
CA ILE B 5 -6.02 -7.89 3.51
C ILE B 5 -6.89 -7.57 2.29
N MET B 6 -7.76 -6.59 2.44
CA MET B 6 -8.64 -6.18 1.35
C MET B 6 -7.87 -5.41 0.29
N LEU B 7 -6.81 -4.73 0.71
CA LEU B 7 -5.98 -3.97 -0.20
C LEU B 7 -5.20 -4.90 -1.13
N ALA B 8 -4.60 -5.94 -0.55
CA ALA B 8 -3.83 -6.91 -1.32
C ALA B 8 -4.74 -7.68 -2.26
N ASN B 9 -5.96 -7.94 -1.82
CA ASN B 9 -6.93 -8.66 -2.63
C ASN B 9 -7.24 -7.90 -3.91
N VAL B 10 -7.42 -6.58 -3.79
CA VAL B 10 -7.70 -5.74 -4.93
C VAL B 10 -6.51 -5.68 -5.89
N ALA B 11 -5.31 -5.76 -5.32
CA ALA B 11 -4.10 -5.72 -6.11
C ALA B 11 -3.85 -7.08 -6.76
N LEU B 12 -4.23 -8.12 -6.05
CA LEU B 12 -4.05 -9.48 -6.53
C LEU B 12 -5.29 -9.96 -7.30
N THR B 13 -6.33 -9.13 -7.33
CA THR B 13 -7.57 -9.48 -8.02
C THR B 13 -8.02 -10.90 -7.70
N GLY B 14 -7.90 -11.28 -6.43
CA GLY B 14 -8.30 -12.61 -6.02
C GLY B 14 -9.35 -12.60 -4.93
N GLU B 15 -10.15 -11.54 -4.91
CA GLU B 15 -11.21 -11.41 -3.91
C GLU B 15 -12.24 -12.53 -4.04
#